data_8Y4Z
#
_entry.id   8Y4Z
#
_cell.length_a   1.000
_cell.length_b   1.000
_cell.length_c   1.000
_cell.angle_alpha   90.00
_cell.angle_beta   90.00
_cell.angle_gamma   90.00
#
_symmetry.space_group_name_H-M   'P 1'
#
_entity_poly.entity_id   1
_entity_poly.type   'polypeptide(L)'
_entity_poly.pdbx_seq_one_letter_code
;GNTDYDWKTFEKNARYEPGYNSSHPTIVMFWKAFHKLTLEEKKKFLVFLTGTDRLQMKDLNNMKITFCCPESWNERDPIR
ALTCFSVLFLPKYSTMETVEEALQEAINNNRGFG
;
_entity_poly.pdbx_strand_id   A
#
# COMPACT_ATOMS: atom_id res chain seq x y z
N GLY A 1 -11.45 -2.85 -12.98
CA GLY A 1 -11.63 -1.52 -13.54
C GLY A 1 -10.35 -0.85 -14.04
N ASN A 2 -9.21 -1.54 -14.19
CA ASN A 2 -7.99 -0.86 -14.68
C ASN A 2 -8.20 -0.28 -16.07
N THR A 3 -7.58 0.87 -16.36
CA THR A 3 -7.72 1.54 -17.64
C THR A 3 -6.46 2.33 -17.96
N ASP A 4 -5.55 1.72 -18.73
CA ASP A 4 -4.30 2.32 -19.16
C ASP A 4 -3.46 2.89 -18.02
N TYR A 5 -3.00 2.02 -17.12
CA TYR A 5 -2.15 2.34 -15.99
C TYR A 5 -1.27 1.12 -15.76
N ASP A 6 0.05 1.33 -15.85
CA ASP A 6 1.09 0.33 -15.67
C ASP A 6 1.28 0.08 -14.17
N TRP A 7 0.58 -0.91 -13.62
CA TRP A 7 0.68 -1.25 -12.19
C TRP A 7 1.84 -2.21 -11.90
N LYS A 8 2.32 -2.93 -12.91
CA LYS A 8 3.43 -3.87 -12.74
C LYS A 8 4.66 -3.10 -12.29
N THR A 9 4.95 -2.02 -13.00
CA THR A 9 6.08 -1.18 -12.73
C THR A 9 6.02 -0.66 -11.29
N PHE A 10 4.83 -0.35 -10.78
CA PHE A 10 4.68 0.17 -9.43
C PHE A 10 5.09 -0.88 -8.39
N GLU A 11 4.56 -2.10 -8.48
CA GLU A 11 4.90 -3.12 -7.49
C GLU A 11 6.37 -3.56 -7.62
N LYS A 12 6.90 -3.50 -8.84
CA LYS A 12 8.28 -3.85 -9.16
C LYS A 12 9.27 -2.82 -8.65
N ASN A 13 9.00 -1.51 -8.80
CA ASN A 13 9.88 -0.43 -8.39
C ASN A 13 9.75 0.05 -6.94
N ALA A 14 8.81 -0.48 -6.16
CA ALA A 14 8.60 -0.10 -4.76
C ALA A 14 9.85 -0.36 -3.90
N ARG A 15 9.95 0.29 -2.74
CA ARG A 15 11.04 0.17 -1.78
C ARG A 15 10.56 -0.64 -0.57
N TYR A 16 11.52 -1.23 0.14
CA TYR A 16 11.29 -2.03 1.33
C TYR A 16 12.35 -1.59 2.33
N GLU A 17 12.15 -1.81 3.63
CA GLU A 17 13.15 -1.43 4.62
C GLU A 17 14.31 -2.45 4.57
N PRO A 18 15.50 -2.14 5.11
CA PRO A 18 16.62 -3.07 5.08
C PRO A 18 16.26 -4.40 5.78
N GLY A 19 16.39 -5.49 5.03
CA GLY A 19 16.09 -6.85 5.48
C GLY A 19 14.72 -7.34 5.06
N TYR A 20 13.93 -6.53 4.34
CA TYR A 20 12.61 -6.87 3.84
C TYR A 20 12.72 -6.98 2.31
N ASN A 21 11.87 -7.80 1.69
CA ASN A 21 11.85 -8.04 0.23
C ASN A 21 10.43 -8.38 -0.18
N SER A 22 10.11 -8.33 -1.48
CA SER A 22 8.77 -8.66 -1.96
C SER A 22 8.42 -10.14 -1.75
N SER A 23 9.46 -10.96 -1.56
CA SER A 23 9.40 -12.39 -1.33
C SER A 23 8.95 -12.70 0.11
N HIS A 24 8.94 -11.71 1.02
CA HIS A 24 8.51 -11.91 2.40
C HIS A 24 7.00 -12.21 2.35
N PRO A 25 6.50 -13.24 3.07
CA PRO A 25 5.10 -13.63 3.10
C PRO A 25 4.11 -12.47 3.20
N THR A 26 4.28 -11.59 4.20
CA THR A 26 3.38 -10.47 4.40
C THR A 26 3.34 -9.54 3.17
N ILE A 27 4.49 -9.24 2.56
CA ILE A 27 4.53 -8.35 1.40
C ILE A 27 3.93 -9.04 0.18
N VAL A 28 4.20 -10.33 -0.11
CA VAL A 28 3.56 -10.94 -1.29
C VAL A 28 2.03 -10.95 -1.07
N MET A 29 1.53 -11.31 0.11
CA MET A 29 0.09 -11.31 0.36
C MET A 29 -0.47 -9.88 0.27
N PHE A 30 0.33 -8.85 0.54
CA PHE A 30 -0.11 -7.47 0.44
C PHE A 30 -0.31 -7.16 -1.05
N TRP A 31 0.67 -7.50 -1.89
CA TRP A 31 0.58 -7.26 -3.32
C TRP A 31 -0.61 -7.99 -3.91
N LYS A 32 -0.93 -9.19 -3.42
CA LYS A 32 -2.07 -9.96 -3.89
C LYS A 32 -3.34 -9.12 -3.76
N ALA A 33 -3.55 -8.47 -2.61
CA ALA A 33 -4.72 -7.63 -2.40
C ALA A 33 -4.69 -6.44 -3.38
N PHE A 34 -3.52 -5.81 -3.55
CA PHE A 34 -3.35 -4.67 -4.46
C PHE A 34 -3.66 -5.05 -5.91
N HIS A 35 -3.51 -6.31 -6.31
CA HIS A 35 -3.81 -6.76 -7.67
C HIS A 35 -5.28 -7.10 -7.91
N LYS A 36 -6.04 -7.54 -6.90
CA LYS A 36 -7.45 -7.91 -7.08
C LYS A 36 -8.39 -6.70 -7.08
N LEU A 37 -8.05 -5.61 -6.38
CA LEU A 37 -8.91 -4.44 -6.32
C LEU A 37 -9.04 -3.70 -7.67
N THR A 38 -9.97 -2.76 -7.75
CA THR A 38 -10.22 -1.97 -8.96
C THR A 38 -9.41 -0.66 -8.96
N LEU A 39 -9.49 0.07 -10.07
CA LEU A 39 -8.81 1.34 -10.30
C LEU A 39 -9.23 2.39 -9.28
N GLU A 40 -10.52 2.50 -8.99
CA GLU A 40 -11.01 3.48 -8.00
C GLU A 40 -10.38 3.19 -6.64
N GLU A 41 -10.44 1.93 -6.20
CA GLU A 41 -9.91 1.50 -4.92
C GLU A 41 -8.40 1.78 -4.83
N LYS A 42 -7.60 1.42 -5.84
CA LYS A 42 -6.15 1.72 -5.75
C LYS A 42 -5.87 3.21 -5.82
N LYS A 43 -6.75 4.04 -6.40
CA LYS A 43 -6.50 5.47 -6.44
C LYS A 43 -6.60 5.95 -4.99
N LYS A 44 -7.63 5.55 -4.23
CA LYS A 44 -7.80 5.94 -2.82
C LYS A 44 -6.56 5.62 -2.00
N PHE A 45 -5.96 4.45 -2.24
CA PHE A 45 -4.76 4.00 -1.55
C PHE A 45 -3.65 5.04 -1.78
N LEU A 46 -3.35 5.33 -3.04
CA LEU A 46 -2.33 6.28 -3.42
C LEU A 46 -2.61 7.67 -2.86
N VAL A 47 -3.85 8.12 -2.91
CA VAL A 47 -4.27 9.43 -2.42
C VAL A 47 -3.99 9.60 -0.93
N PHE A 48 -4.04 8.54 -0.10
CA PHE A 48 -3.74 8.70 1.34
C PHE A 48 -2.24 8.49 1.62
N LEU A 49 -1.55 7.75 0.74
CA LEU A 49 -0.13 7.45 0.82
C LEU A 49 0.73 8.61 0.31
N THR A 50 0.24 9.32 -0.71
CA THR A 50 0.88 10.44 -1.38
C THR A 50 0.11 11.72 -1.03
N GLY A 51 0.66 12.87 -1.39
CA GLY A 51 0.08 14.17 -1.13
C GLY A 51 -0.59 14.77 -2.36
N THR A 52 -0.80 13.98 -3.42
CA THR A 52 -1.43 14.44 -4.64
C THR A 52 -2.62 13.53 -4.94
N ASP A 53 -3.77 14.11 -5.26
CA ASP A 53 -4.97 13.35 -5.61
C ASP A 53 -4.92 13.02 -7.11
N ARG A 54 -5.74 12.07 -7.60
CA ARG A 54 -5.88 11.62 -9.00
C ARG A 54 -4.58 11.74 -9.81
N LEU A 55 -3.50 11.18 -9.26
CA LEU A 55 -2.18 11.24 -9.84
C LEU A 55 -2.11 10.74 -11.28
N GLN A 56 -1.39 11.50 -12.11
CA GLN A 56 -1.17 11.24 -13.52
C GLN A 56 -0.28 10.00 -13.72
N MET A 57 -0.24 9.47 -14.95
CA MET A 57 0.58 8.31 -15.30
C MET A 57 2.06 8.67 -15.10
N LYS A 58 2.47 9.89 -15.46
CA LYS A 58 3.85 10.37 -15.31
C LYS A 58 4.31 10.25 -13.84
N ASP A 59 3.36 10.37 -12.90
CA ASP A 59 3.59 10.28 -11.46
C ASP A 59 3.70 8.81 -11.10
N LEU A 60 2.65 8.04 -11.42
CA LEU A 60 2.53 6.62 -11.13
C LEU A 60 3.69 5.77 -11.61
N ASN A 61 4.12 5.91 -12.87
CA ASN A 61 5.21 5.10 -13.40
C ASN A 61 6.56 5.28 -12.70
N ASN A 62 6.72 6.28 -11.83
CA ASN A 62 7.95 6.50 -11.07
C ASN A 62 7.64 6.53 -9.57
N MET A 63 6.37 6.42 -9.19
CA MET A 63 5.91 6.41 -7.82
C MET A 63 6.41 5.13 -7.17
N LYS A 64 6.76 5.23 -5.89
CA LYS A 64 7.23 4.13 -5.08
C LYS A 64 6.48 4.16 -3.76
N ILE A 65 6.52 3.07 -3.04
CA ILE A 65 5.93 2.92 -1.73
C ILE A 65 7.03 2.26 -0.90
N THR A 66 7.19 2.65 0.37
CA THR A 66 8.18 2.10 1.27
C THR A 66 7.43 1.29 2.32
N PHE A 67 7.59 -0.03 2.32
CA PHE A 67 6.92 -0.90 3.30
C PHE A 67 7.64 -0.75 4.64
N CYS A 68 6.89 -0.67 5.74
CA CYS A 68 7.46 -0.51 7.07
C CYS A 68 6.56 -1.16 8.13
N CYS A 69 7.16 -1.88 9.09
CA CYS A 69 6.52 -2.56 10.22
C CYS A 69 7.31 -2.13 11.47
N PRO A 70 6.89 -1.07 12.19
CA PRO A 70 7.56 -0.55 13.39
C PRO A 70 8.09 -1.65 14.30
N GLU A 71 9.12 -1.33 15.07
CA GLU A 71 9.76 -2.25 16.00
C GLU A 71 8.74 -2.95 16.91
N SER A 72 7.62 -2.27 17.19
CA SER A 72 6.54 -2.76 18.02
C SER A 72 5.21 -2.89 17.26
N TRP A 73 5.23 -3.26 15.97
CA TRP A 73 4.01 -3.45 15.17
C TRP A 73 3.07 -4.45 15.88
N ASN A 74 1.78 -4.44 15.58
CA ASN A 74 0.79 -5.35 16.18
C ASN A 74 -0.08 -5.92 15.07
N GLU A 75 -0.56 -7.15 15.19
CA GLU A 75 -1.41 -7.81 14.20
C GLU A 75 -2.68 -7.00 13.88
N ARG A 76 -3.18 -6.22 14.83
CA ARG A 76 -4.39 -5.40 14.67
C ARG A 76 -4.07 -3.92 14.46
N ASP A 77 -2.81 -3.53 14.22
CA ASP A 77 -2.47 -2.12 14.01
C ASP A 77 -3.09 -1.67 12.68
N PRO A 78 -3.78 -0.52 12.59
CA PRO A 78 -4.38 -0.08 11.33
C PRO A 78 -3.31 0.33 10.32
N ILE A 79 -3.59 0.18 9.02
CA ILE A 79 -2.65 0.53 7.97
C ILE A 79 -2.67 2.05 7.81
N ARG A 80 -1.56 2.70 8.18
CA ARG A 80 -1.44 4.16 8.02
C ARG A 80 -0.41 4.44 6.93
N ALA A 81 -0.08 5.69 6.66
CA ALA A 81 0.89 6.06 5.64
C ALA A 81 1.28 7.53 5.79
N LEU A 82 2.48 7.89 5.34
CA LEU A 82 3.02 9.24 5.41
C LEU A 82 3.49 9.67 4.02
N THR A 83 3.08 10.88 3.66
CA THR A 83 3.34 11.57 2.40
C THR A 83 4.78 12.10 2.26
N CYS A 84 5.67 11.85 3.23
CA CYS A 84 7.06 12.28 3.23
C CYS A 84 7.81 11.58 2.08
N PHE A 85 7.89 10.25 2.10
CA PHE A 85 8.55 9.46 1.05
C PHE A 85 7.67 8.25 0.68
N SER A 86 6.35 8.41 0.82
CA SER A 86 5.35 7.40 0.51
C SER A 86 5.57 6.12 1.33
N VAL A 87 5.59 6.22 2.67
CA VAL A 87 5.78 5.02 3.49
C VAL A 87 4.39 4.50 3.86
N LEU A 88 4.19 3.19 3.78
CA LEU A 88 2.94 2.50 4.08
C LEU A 88 3.24 1.62 5.29
N PHE A 89 2.59 1.93 6.40
CA PHE A 89 2.74 1.21 7.65
C PHE A 89 1.91 -0.07 7.52
N LEU A 90 2.60 -1.20 7.42
CA LEU A 90 2.00 -2.51 7.26
C LEU A 90 2.48 -3.45 8.37
N PRO A 91 1.66 -3.79 9.37
CA PRO A 91 2.09 -4.70 10.42
C PRO A 91 2.24 -6.12 9.83
N LYS A 92 2.90 -7.03 10.54
CA LYS A 92 3.11 -8.39 10.07
C LYS A 92 1.84 -9.22 10.30
N TYR A 93 0.78 -8.98 9.52
CA TYR A 93 -0.49 -9.70 9.61
C TYR A 93 -0.26 -11.20 9.53
N SER A 94 -0.87 -11.99 10.43
CA SER A 94 -0.71 -13.43 10.41
C SER A 94 -1.43 -14.10 9.25
N THR A 95 -2.52 -13.51 8.74
CA THR A 95 -3.30 -14.08 7.66
C THR A 95 -3.38 -13.20 6.43
N MET A 96 -3.71 -13.85 5.31
CA MET A 96 -3.85 -13.20 4.03
C MET A 96 -5.16 -12.41 3.96
N GLU A 97 -6.14 -12.79 4.79
CA GLU A 97 -7.43 -12.12 4.83
C GLU A 97 -7.29 -10.81 5.60
N THR A 98 -6.60 -10.82 6.75
CA THR A 98 -6.44 -9.60 7.55
C THR A 98 -5.78 -8.52 6.71
N VAL A 99 -4.77 -8.86 5.86
CA VAL A 99 -4.16 -7.83 5.04
C VAL A 99 -5.14 -7.35 3.94
N GLU A 100 -5.94 -8.25 3.35
CA GLU A 100 -6.89 -7.87 2.30
C GLU A 100 -7.93 -6.90 2.87
N GLU A 101 -8.41 -7.16 4.09
CA GLU A 101 -9.40 -6.34 4.77
C GLU A 101 -8.78 -5.01 5.19
N ALA A 102 -7.54 -5.02 5.68
CA ALA A 102 -6.84 -3.81 6.12
C ALA A 102 -6.59 -2.86 4.94
N LEU A 103 -6.39 -3.44 3.75
CA LEU A 103 -6.17 -2.68 2.53
C LEU A 103 -7.46 -1.89 2.28
N GLN A 104 -8.63 -2.55 2.42
CA GLN A 104 -9.94 -1.94 2.23
C GLN A 104 -10.22 -0.87 3.31
N GLU A 105 -9.88 -1.15 4.57
CA GLU A 105 -10.09 -0.28 5.72
C GLU A 105 -9.52 1.12 5.48
N ALA A 106 -8.25 1.19 5.12
CA ALA A 106 -7.58 2.45 4.88
C ALA A 106 -8.11 3.17 3.64
N ILE A 107 -8.36 2.50 2.51
CA ILE A 107 -8.89 3.19 1.33
C ILE A 107 -10.31 3.69 1.61
N ASN A 108 -11.06 2.96 2.45
CA ASN A 108 -12.42 3.30 2.85
C ASN A 108 -12.42 4.40 3.92
N ASN A 109 -11.26 5.03 4.15
CA ASN A 109 -10.98 6.10 5.11
C ASN A 109 -11.14 5.53 6.52
N ASN A 110 -10.05 5.05 7.13
CA ASN A 110 -10.05 4.45 8.47
C ASN A 110 -10.44 5.37 9.64
N ARG A 111 -10.96 6.56 9.31
CA ARG A 111 -11.40 7.63 10.19
C ARG A 111 -10.27 8.09 11.10
N GLY A 112 -10.51 9.10 11.95
CA GLY A 112 -9.51 9.63 12.88
C GLY A 112 -8.19 10.11 12.24
N PHE A 113 -8.11 10.26 10.90
CA PHE A 113 -6.90 10.69 10.20
C PHE A 113 -6.66 12.21 10.26
N GLY A 114 -7.57 12.93 10.90
CA GLY A 114 -7.53 14.37 11.05
C GLY A 114 -6.15 14.84 11.55
N GLY A 1 -12.40 -2.52 -13.86
CA GLY A 1 -12.01 -1.11 -13.79
C GLY A 1 -10.63 -0.86 -14.38
N ASN A 2 -9.57 -1.41 -13.77
CA ASN A 2 -8.13 -1.33 -14.10
C ASN A 2 -7.83 -0.62 -15.43
N THR A 3 -7.67 0.71 -15.39
CA THR A 3 -7.35 1.44 -16.61
C THR A 3 -5.87 1.24 -16.92
N ASP A 4 -5.45 1.72 -18.09
CA ASP A 4 -4.09 1.61 -18.59
C ASP A 4 -3.23 2.69 -17.96
N TYR A 5 -2.55 2.26 -16.91
CA TYR A 5 -1.61 2.93 -16.04
C TYR A 5 -0.53 1.84 -15.83
N ASP A 6 0.70 2.22 -15.53
CA ASP A 6 1.76 1.25 -15.36
C ASP A 6 1.72 0.70 -13.93
N TRP A 7 0.77 -0.18 -13.61
CA TRP A 7 0.66 -0.77 -12.27
C TRP A 7 1.81 -1.74 -12.03
N LYS A 8 2.32 -2.35 -13.11
CA LYS A 8 3.42 -3.28 -13.09
C LYS A 8 4.68 -2.57 -12.65
N THR A 9 5.00 -1.46 -13.30
CA THR A 9 6.18 -0.68 -12.96
C THR A 9 6.10 -0.18 -11.53
N PHE A 10 4.90 0.17 -11.04
CA PHE A 10 4.72 0.68 -9.71
C PHE A 10 5.12 -0.36 -8.68
N GLU A 11 4.55 -1.56 -8.75
CA GLU A 11 4.86 -2.60 -7.77
C GLU A 11 6.30 -3.09 -7.92
N LYS A 12 6.81 -3.15 -9.16
CA LYS A 12 8.17 -3.61 -9.41
C LYS A 12 9.20 -2.62 -8.87
N ASN A 13 9.04 -1.31 -9.10
CA ASN A 13 10.00 -0.29 -8.65
C ASN A 13 9.85 0.13 -7.18
N ALA A 14 8.88 -0.42 -6.46
CA ALA A 14 8.64 -0.14 -5.05
C ALA A 14 9.85 -0.54 -4.17
N ARG A 15 9.94 0.04 -2.96
CA ARG A 15 10.99 -0.17 -1.96
C ARG A 15 10.59 -1.14 -0.86
N TYR A 16 11.62 -1.72 -0.24
CA TYR A 16 11.54 -2.69 0.86
C TYR A 16 12.68 -2.42 1.83
N GLU A 17 12.41 -2.23 3.12
CA GLU A 17 13.43 -2.00 4.15
C GLU A 17 14.02 -3.39 4.52
N PRO A 18 15.17 -3.49 5.21
CA PRO A 18 15.72 -4.79 5.56
C PRO A 18 14.83 -5.52 6.56
N GLY A 19 15.03 -6.83 6.65
CA GLY A 19 14.29 -7.73 7.52
C GLY A 19 13.09 -8.34 6.81
N TYR A 20 12.74 -7.82 5.63
CA TYR A 20 11.63 -8.26 4.79
C TYR A 20 12.17 -8.54 3.39
N ASN A 21 11.40 -9.29 2.60
CA ASN A 21 11.74 -9.68 1.23
C ASN A 21 10.45 -9.79 0.44
N SER A 22 10.51 -9.70 -0.89
CA SER A 22 9.30 -9.82 -1.70
C SER A 22 8.64 -11.20 -1.55
N SER A 23 9.45 -12.22 -1.32
CA SER A 23 9.06 -13.61 -1.14
C SER A 23 8.49 -13.84 0.26
N HIS A 24 8.63 -12.89 1.20
CA HIS A 24 8.10 -13.04 2.54
C HIS A 24 6.57 -13.02 2.40
N PRO A 25 5.83 -13.93 3.06
CA PRO A 25 4.38 -14.01 2.99
C PRO A 25 3.66 -12.67 2.97
N THR A 26 4.07 -11.74 3.83
CA THR A 26 3.47 -10.42 3.93
C THR A 26 3.44 -9.65 2.62
N ILE A 27 4.59 -9.53 1.95
CA ILE A 27 4.67 -8.77 0.72
C ILE A 27 3.82 -9.41 -0.37
N VAL A 28 4.04 -10.70 -0.65
CA VAL A 28 3.27 -11.39 -1.68
C VAL A 28 1.76 -11.23 -1.43
N MET A 29 1.28 -11.41 -0.19
CA MET A 29 -0.15 -11.28 0.16
C MET A 29 -0.66 -9.85 -0.05
N PHE A 30 0.11 -8.85 0.38
CA PHE A 30 -0.27 -7.46 0.20
C PHE A 30 -0.44 -7.13 -1.29
N TRP A 31 0.52 -7.53 -2.13
CA TRP A 31 0.41 -7.27 -3.55
C TRP A 31 -0.80 -7.99 -4.14
N LYS A 32 -1.29 -9.10 -3.56
CA LYS A 32 -2.49 -9.77 -4.07
C LYS A 32 -3.66 -8.79 -4.01
N ALA A 33 -3.83 -8.13 -2.86
CA ALA A 33 -4.92 -7.17 -2.70
C ALA A 33 -4.79 -6.07 -3.74
N PHE A 34 -3.59 -5.51 -3.90
CA PHE A 34 -3.36 -4.42 -4.84
C PHE A 34 -3.67 -4.86 -6.30
N HIS A 35 -3.44 -6.12 -6.65
CA HIS A 35 -3.70 -6.62 -8.00
C HIS A 35 -5.16 -7.04 -8.23
N LYS A 36 -6.01 -7.17 -7.19
CA LYS A 36 -7.41 -7.56 -7.35
C LYS A 36 -8.36 -6.36 -7.26
N LEU A 37 -8.05 -5.34 -6.43
CA LEU A 37 -8.92 -4.17 -6.31
C LEU A 37 -9.04 -3.43 -7.65
N THR A 38 -10.03 -2.55 -7.80
CA THR A 38 -10.24 -1.80 -9.04
C THR A 38 -9.41 -0.51 -9.08
N LEU A 39 -9.48 0.17 -10.23
CA LEU A 39 -8.79 1.42 -10.49
C LEU A 39 -9.16 2.50 -9.47
N GLU A 40 -10.44 2.59 -9.13
CA GLU A 40 -10.98 3.55 -8.19
C GLU A 40 -10.34 3.34 -6.81
N GLU A 41 -10.35 2.08 -6.38
CA GLU A 41 -9.82 1.60 -5.12
C GLU A 41 -8.30 1.90 -5.08
N LYS A 42 -7.53 1.55 -6.12
CA LYS A 42 -6.09 1.87 -6.08
C LYS A 42 -5.86 3.38 -6.08
N LYS A 43 -6.73 4.19 -6.69
CA LYS A 43 -6.53 5.65 -6.64
C LYS A 43 -6.67 6.06 -5.18
N LYS A 44 -7.66 5.55 -4.44
CA LYS A 44 -7.81 5.90 -3.02
C LYS A 44 -6.59 5.42 -2.23
N PHE A 45 -6.00 4.27 -2.59
CA PHE A 45 -4.81 3.76 -1.91
C PHE A 45 -3.67 4.78 -2.07
N LEU A 46 -3.51 5.32 -3.27
CA LEU A 46 -2.49 6.31 -3.57
C LEU A 46 -2.75 7.58 -2.75
N VAL A 47 -4.02 8.00 -2.62
CA VAL A 47 -4.44 9.20 -1.86
C VAL A 47 -4.17 9.04 -0.37
N PHE A 48 -4.17 7.81 0.15
CA PHE A 48 -3.91 7.58 1.56
C PHE A 48 -2.42 7.77 1.82
N LEU A 49 -1.58 7.10 1.01
CA LEU A 49 -0.13 7.13 1.14
C LEU A 49 0.52 8.43 0.70
N THR A 50 0.13 8.99 -0.44
CA THR A 50 0.68 10.21 -1.00
C THR A 50 -0.43 11.28 -0.88
N GLY A 51 -0.07 12.49 -0.48
CA GLY A 51 -1.03 13.59 -0.31
C GLY A 51 -1.58 14.18 -1.61
N THR A 52 -1.35 13.56 -2.77
CA THR A 52 -1.82 14.09 -4.04
C THR A 52 -2.91 13.18 -4.63
N ASP A 53 -4.01 13.80 -5.04
CA ASP A 53 -5.16 13.12 -5.62
C ASP A 53 -4.99 12.96 -7.12
N ARG A 54 -5.82 12.09 -7.71
CA ARG A 54 -5.88 11.77 -9.15
C ARG A 54 -4.54 11.88 -9.85
N LEU A 55 -3.55 11.13 -9.36
CA LEU A 55 -2.21 11.13 -9.92
C LEU A 55 -2.24 10.74 -11.39
N GLN A 56 -1.51 11.51 -12.19
CA GLN A 56 -1.35 11.36 -13.62
C GLN A 56 -0.56 10.08 -13.93
N MET A 57 -0.76 9.51 -15.12
CA MET A 57 -0.05 8.31 -15.57
C MET A 57 1.46 8.58 -15.58
N LYS A 58 1.85 9.78 -16.03
CA LYS A 58 3.24 10.21 -16.09
C LYS A 58 3.86 10.35 -14.70
N ASP A 59 3.07 10.35 -13.61
CA ASP A 59 3.62 10.42 -12.26
C ASP A 59 3.66 9.00 -11.70
N LEU A 60 2.62 8.19 -11.96
CA LEU A 60 2.52 6.82 -11.46
C LEU A 60 3.73 5.96 -11.88
N ASN A 61 4.26 6.13 -13.08
CA ASN A 61 5.42 5.36 -13.55
C ASN A 61 6.71 5.66 -12.74
N ASN A 62 6.72 6.70 -11.90
CA ASN A 62 7.85 7.08 -11.06
C ASN A 62 7.45 7.09 -9.58
N MET A 63 6.20 6.73 -9.26
CA MET A 63 5.71 6.66 -7.90
C MET A 63 6.15 5.32 -7.32
N LYS A 64 6.65 5.33 -6.09
CA LYS A 64 7.13 4.17 -5.35
C LYS A 64 6.56 4.17 -3.93
N ILE A 65 6.57 3.03 -3.25
CA ILE A 65 6.10 2.90 -1.87
C ILE A 65 7.23 2.22 -1.07
N THR A 66 7.37 2.59 0.20
CA THR A 66 8.37 2.04 1.10
C THR A 66 7.63 1.31 2.22
N PHE A 67 7.61 -0.03 2.24
CA PHE A 67 6.96 -0.82 3.28
C PHE A 67 7.87 -0.84 4.51
N CYS A 68 7.32 -0.59 5.69
CA CYS A 68 8.05 -0.60 6.95
C CYS A 68 7.09 -1.00 8.07
N CYS A 69 7.60 -1.52 9.18
CA CYS A 69 6.84 -1.92 10.35
C CYS A 69 7.61 -1.33 11.54
N PRO A 70 7.19 -0.19 12.10
CA PRO A 70 7.85 0.48 13.23
C PRO A 70 8.23 -0.46 14.35
N GLU A 71 9.15 -0.02 15.20
CA GLU A 71 9.67 -0.75 16.35
C GLU A 71 8.55 -1.34 17.21
N SER A 72 7.38 -0.68 17.21
CA SER A 72 6.21 -1.09 17.95
C SER A 72 5.01 -1.45 17.07
N TRP A 73 5.21 -2.00 15.86
CA TRP A 73 4.09 -2.42 15.01
C TRP A 73 3.20 -3.41 15.80
N ASN A 74 1.96 -3.63 15.37
CA ASN A 74 1.03 -4.53 16.05
C ASN A 74 0.23 -5.31 15.01
N GLU A 75 -0.03 -6.60 15.23
CA GLU A 75 -0.78 -7.46 14.30
C GLU A 75 -2.18 -6.92 13.97
N ARG A 76 -2.80 -6.12 14.85
CA ARG A 76 -4.14 -5.58 14.64
C ARG A 76 -4.18 -4.07 14.45
N ASP A 77 -3.04 -3.40 14.37
CA ASP A 77 -3.03 -1.95 14.19
C ASP A 77 -3.22 -1.64 12.71
N PRO A 78 -4.22 -0.84 12.29
CA PRO A 78 -4.41 -0.52 10.88
C PRO A 78 -3.11 -0.02 10.23
N ILE A 79 -3.12 0.04 8.90
CA ILE A 79 -1.96 0.45 8.13
C ILE A 79 -1.86 1.98 8.25
N ARG A 80 -0.73 2.43 8.79
CA ARG A 80 -0.41 3.85 8.97
C ARG A 80 0.36 4.30 7.71
N ALA A 81 0.85 5.53 7.65
CA ALA A 81 1.59 6.07 6.51
C ALA A 81 2.10 7.46 6.81
N LEU A 82 3.07 7.94 6.02
CA LEU A 82 3.66 9.27 6.12
C LEU A 82 3.85 9.73 4.67
N THR A 83 3.18 10.83 4.31
CA THR A 83 3.21 11.43 2.98
C THR A 83 4.62 11.69 2.45
N CYS A 84 5.52 12.17 3.32
CA CYS A 84 6.91 12.54 3.11
C CYS A 84 7.57 11.95 1.85
N PHE A 85 7.65 10.62 1.76
CA PHE A 85 8.23 9.92 0.62
C PHE A 85 7.46 8.62 0.34
N SER A 86 6.16 8.62 0.66
CA SER A 86 5.26 7.49 0.47
C SER A 86 5.74 6.24 1.24
N VAL A 87 5.95 6.38 2.56
CA VAL A 87 6.36 5.29 3.44
C VAL A 87 5.06 4.81 4.10
N LEU A 88 4.69 3.57 3.78
CA LEU A 88 3.49 2.87 4.21
C LEU A 88 3.88 1.97 5.38
N PHE A 89 3.37 2.28 6.57
CA PHE A 89 3.67 1.50 7.76
C PHE A 89 2.67 0.34 7.80
N LEU A 90 3.14 -0.82 7.35
CA LEU A 90 2.42 -2.08 7.24
C LEU A 90 2.90 -3.10 8.29
N PRO A 91 2.08 -3.44 9.31
CA PRO A 91 2.44 -4.42 10.33
C PRO A 91 2.60 -5.82 9.73
N LYS A 92 3.20 -6.76 10.46
CA LYS A 92 3.37 -8.13 9.96
C LYS A 92 2.09 -8.90 10.29
N TYR A 93 1.10 -8.81 9.42
CA TYR A 93 -0.18 -9.50 9.58
C TYR A 93 0.06 -11.01 9.45
N SER A 94 -0.40 -11.80 10.43
CA SER A 94 -0.25 -13.25 10.40
C SER A 94 -1.21 -13.96 9.46
N THR A 95 -2.23 -13.27 8.96
CA THR A 95 -3.24 -13.84 8.08
C THR A 95 -3.35 -13.02 6.81
N MET A 96 -3.61 -13.69 5.69
CA MET A 96 -3.74 -13.02 4.41
C MET A 96 -5.03 -12.21 4.33
N GLU A 97 -6.08 -12.63 5.04
CA GLU A 97 -7.35 -11.91 5.02
C GLU A 97 -7.25 -10.59 5.79
N THR A 98 -6.53 -10.55 6.92
CA THR A 98 -6.42 -9.31 7.68
C THR A 98 -5.67 -8.25 6.88
N VAL A 99 -4.63 -8.63 6.13
CA VAL A 99 -3.90 -7.66 5.31
C VAL A 99 -4.80 -7.19 4.16
N GLU A 100 -5.70 -8.04 3.65
CA GLU A 100 -6.63 -7.70 2.57
C GLU A 100 -7.69 -6.73 3.11
N GLU A 101 -8.25 -7.00 4.28
CA GLU A 101 -9.26 -6.15 4.93
C GLU A 101 -8.62 -4.79 5.29
N ALA A 102 -7.34 -4.79 5.65
CA ALA A 102 -6.63 -3.57 5.98
C ALA A 102 -6.46 -2.73 4.71
N LEU A 103 -6.34 -3.37 3.53
CA LEU A 103 -6.22 -2.66 2.25
C LEU A 103 -7.55 -1.90 2.10
N GLN A 104 -8.68 -2.60 2.28
CA GLN A 104 -10.02 -2.04 2.19
C GLN A 104 -10.18 -0.87 3.16
N GLU A 105 -9.86 -1.04 4.43
CA GLU A 105 -9.98 0.02 5.43
C GLU A 105 -9.16 1.26 5.01
N ALA A 106 -7.92 1.06 4.56
CA ALA A 106 -7.06 2.14 4.11
C ALA A 106 -7.72 2.92 2.95
N ILE A 107 -8.32 2.24 1.97
CA ILE A 107 -8.96 2.89 0.82
C ILE A 107 -10.36 3.44 1.13
N ASN A 108 -11.09 2.88 2.10
CA ASN A 108 -12.43 3.36 2.46
C ASN A 108 -12.36 4.46 3.53
N ASN A 109 -11.15 4.75 3.99
CA ASN A 109 -10.70 5.73 4.96
C ASN A 109 -10.62 5.15 6.35
N ASN A 110 -9.40 4.92 6.82
CA ASN A 110 -9.21 4.41 8.16
C ASN A 110 -9.55 5.60 9.06
N ARG A 111 -10.75 5.60 9.63
CA ARG A 111 -11.23 6.69 10.49
C ARG A 111 -10.26 6.91 11.66
N GLY A 112 -10.22 8.13 12.16
CA GLY A 112 -9.36 8.53 13.27
C GLY A 112 -8.35 9.60 12.87
N PHE A 113 -8.11 9.86 11.57
CA PHE A 113 -7.15 10.87 11.12
C PHE A 113 -7.78 12.23 10.85
N GLY A 114 -9.11 12.32 11.00
CA GLY A 114 -9.97 13.48 10.80
C GLY A 114 -9.29 14.82 11.08
N GLY A 1 -12.84 -2.81 -13.36
CA GLY A 1 -11.86 -1.82 -12.90
C GLY A 1 -10.79 -1.55 -13.95
N ASN A 2 -9.52 -1.71 -13.56
CA ASN A 2 -8.26 -1.55 -14.29
C ASN A 2 -8.34 -0.84 -15.65
N THR A 3 -8.10 0.47 -15.67
CA THR A 3 -8.09 1.30 -16.86
C THR A 3 -6.75 2.01 -16.81
N ASP A 4 -5.91 1.86 -17.83
CA ASP A 4 -4.59 2.48 -17.92
C ASP A 4 -3.71 2.07 -16.73
N TYR A 5 -2.66 2.87 -16.49
CA TYR A 5 -1.60 2.82 -15.49
C TYR A 5 -0.73 1.56 -15.60
N ASP A 6 0.52 1.63 -15.12
CA ASP A 6 1.45 0.51 -15.14
C ASP A 6 1.61 0.05 -13.71
N TRP A 7 0.61 -0.72 -13.27
CA TRP A 7 0.54 -1.26 -11.92
C TRP A 7 1.66 -2.27 -11.65
N LYS A 8 2.15 -2.95 -12.68
CA LYS A 8 3.23 -3.92 -12.54
C LYS A 8 4.55 -3.19 -12.29
N THR A 9 4.88 -2.12 -13.03
CA THR A 9 6.12 -1.41 -12.79
C THR A 9 6.07 -0.73 -11.43
N PHE A 10 4.87 -0.38 -10.95
CA PHE A 10 4.67 0.26 -9.67
C PHE A 10 5.06 -0.70 -8.55
N GLU A 11 4.46 -1.90 -8.50
CA GLU A 11 4.81 -2.86 -7.44
C GLU A 11 6.30 -3.21 -7.54
N LYS A 12 6.84 -3.33 -8.76
CA LYS A 12 8.25 -3.63 -9.00
C LYS A 12 9.13 -2.51 -8.42
N ASN A 13 8.75 -1.24 -8.55
CA ASN A 13 9.53 -0.09 -8.05
C ASN A 13 9.45 0.13 -6.55
N ALA A 14 8.58 -0.56 -5.81
CA ALA A 14 8.48 -0.38 -4.37
C ALA A 14 9.80 -0.65 -3.64
N ARG A 15 9.95 -0.02 -2.49
CA ARG A 15 11.09 -0.06 -1.58
C ARG A 15 10.70 -0.87 -0.34
N TYR A 16 11.70 -1.55 0.22
CA TYR A 16 11.62 -2.39 1.40
C TYR A 16 12.85 -2.07 2.23
N GLU A 17 12.71 -1.88 3.54
CA GLU A 17 13.87 -1.59 4.38
C GLU A 17 14.76 -2.83 4.50
N PRO A 18 16.07 -2.70 4.78
CA PRO A 18 16.98 -3.83 4.89
C PRO A 18 16.40 -4.93 5.79
N GLY A 19 16.28 -6.14 5.25
CA GLY A 19 15.74 -7.31 5.92
C GLY A 19 14.37 -7.70 5.37
N TYR A 20 13.70 -6.79 4.65
CA TYR A 20 12.39 -6.98 4.04
C TYR A 20 12.58 -7.02 2.53
N ASN A 21 11.71 -7.72 1.81
CA ASN A 21 11.76 -7.89 0.36
C ASN A 21 10.36 -8.22 -0.17
N SER A 22 10.17 -8.14 -1.49
CA SER A 22 8.90 -8.47 -2.12
C SER A 22 8.57 -9.96 -1.98
N SER A 23 9.61 -10.80 -1.88
CA SER A 23 9.49 -12.24 -1.71
C SER A 23 9.02 -12.60 -0.29
N HIS A 24 9.08 -11.68 0.67
CA HIS A 24 8.65 -11.94 2.04
C HIS A 24 7.12 -12.07 2.02
N PRO A 25 6.52 -13.07 2.68
CA PRO A 25 5.07 -13.27 2.70
C PRO A 25 4.27 -12.00 3.03
N THR A 26 4.73 -11.16 3.96
CA THR A 26 4.02 -9.94 4.34
C THR A 26 3.70 -9.07 3.11
N ILE A 27 4.71 -8.83 2.27
CA ILE A 27 4.56 -8.01 1.07
C ILE A 27 3.92 -8.84 -0.04
N VAL A 28 4.29 -10.11 -0.23
CA VAL A 28 3.67 -10.92 -1.29
C VAL A 28 2.15 -10.96 -1.12
N MET A 29 1.64 -11.11 0.11
CA MET A 29 0.21 -11.13 0.37
C MET A 29 -0.40 -9.75 0.16
N PHE A 30 0.32 -8.67 0.51
CA PHE A 30 -0.16 -7.31 0.32
C PHE A 30 -0.41 -7.09 -1.18
N TRP A 31 0.50 -7.56 -2.04
CA TRP A 31 0.34 -7.40 -3.47
C TRP A 31 -0.91 -8.16 -3.97
N LYS A 32 -1.36 -9.22 -3.28
CA LYS A 32 -2.57 -9.93 -3.71
C LYS A 32 -3.73 -8.97 -3.59
N ALA A 33 -3.85 -8.28 -2.45
CA ALA A 33 -4.89 -7.31 -2.19
C ALA A 33 -4.85 -6.23 -3.27
N PHE A 34 -3.66 -5.68 -3.51
CA PHE A 34 -3.43 -4.63 -4.50
C PHE A 34 -3.83 -5.06 -5.93
N HIS A 35 -3.63 -6.32 -6.30
CA HIS A 35 -3.98 -6.77 -7.64
C HIS A 35 -5.46 -7.15 -7.79
N LYS A 36 -6.21 -7.43 -6.72
CA LYS A 36 -7.64 -7.78 -6.86
C LYS A 36 -8.55 -6.56 -6.74
N LEU A 37 -8.15 -5.52 -6.01
CA LEU A 37 -8.96 -4.31 -5.84
C LEU A 37 -9.23 -3.61 -7.18
N THR A 38 -10.15 -2.63 -7.20
CA THR A 38 -10.47 -1.91 -8.42
C THR A 38 -9.63 -0.64 -8.59
N LEU A 39 -9.74 -0.04 -9.77
CA LEU A 39 -9.03 1.17 -10.18
C LEU A 39 -9.34 2.34 -9.25
N GLU A 40 -10.59 2.48 -8.84
CA GLU A 40 -11.03 3.54 -7.92
C GLU A 40 -10.43 3.29 -6.54
N GLU A 41 -10.47 2.04 -6.06
CA GLU A 41 -9.95 1.64 -4.75
C GLU A 41 -8.45 1.99 -4.67
N LYS A 42 -7.63 1.59 -5.65
CA LYS A 42 -6.21 1.94 -5.57
C LYS A 42 -5.99 3.45 -5.67
N LYS A 43 -6.87 4.21 -6.34
CA LYS A 43 -6.68 5.66 -6.40
C LYS A 43 -6.83 6.18 -4.97
N LYS A 44 -7.79 5.67 -4.19
CA LYS A 44 -7.98 6.09 -2.80
C LYS A 44 -6.74 5.69 -1.98
N PHE A 45 -6.12 4.53 -2.26
CA PHE A 45 -4.93 4.06 -1.57
C PHE A 45 -3.81 5.08 -1.81
N LEU A 46 -3.60 5.47 -3.07
CA LEU A 46 -2.57 6.44 -3.46
C LEU A 46 -2.81 7.76 -2.72
N VAL A 47 -4.06 8.24 -2.70
CA VAL A 47 -4.48 9.48 -2.05
C VAL A 47 -4.28 9.43 -0.52
N PHE A 48 -4.19 8.25 0.09
CA PHE A 48 -3.98 8.08 1.51
C PHE A 48 -2.48 8.07 1.81
N LEU A 49 -1.69 7.42 0.95
CA LEU A 49 -0.24 7.31 1.09
C LEU A 49 0.55 8.50 0.57
N THR A 50 0.04 9.23 -0.42
CA THR A 50 0.67 10.39 -1.02
C THR A 50 -0.33 11.52 -0.91
N GLY A 51 0.14 12.71 -0.57
CA GLY A 51 -0.65 13.91 -0.39
C GLY A 51 -1.13 14.59 -1.67
N THR A 52 -1.01 13.96 -2.85
CA THR A 52 -1.45 14.52 -4.13
C THR A 52 -2.55 13.60 -4.66
N ASP A 53 -3.67 14.18 -5.11
CA ASP A 53 -4.79 13.41 -5.63
C ASP A 53 -4.72 13.28 -7.15
N ARG A 54 -5.54 12.40 -7.72
CA ARG A 54 -5.68 12.08 -9.15
C ARG A 54 -4.36 12.06 -9.92
N LEU A 55 -3.30 11.55 -9.29
CA LEU A 55 -1.96 11.45 -9.85
C LEU A 55 -1.99 10.88 -11.26
N GLN A 56 -1.23 11.52 -12.14
CA GLN A 56 -1.03 11.24 -13.56
C GLN A 56 -0.30 9.91 -13.84
N MET A 57 -0.21 9.56 -15.13
CA MET A 57 0.46 8.36 -15.63
C MET A 57 1.97 8.49 -15.43
N LYS A 58 2.56 9.64 -15.79
CA LYS A 58 3.99 9.84 -15.61
C LYS A 58 4.36 9.66 -14.14
N ASP A 59 3.49 10.14 -13.24
CA ASP A 59 3.72 10.03 -11.81
C ASP A 59 3.69 8.57 -11.38
N LEU A 60 2.69 7.81 -11.83
CA LEU A 60 2.59 6.40 -11.45
C LEU A 60 3.77 5.59 -12.02
N ASN A 61 4.44 6.06 -13.08
CA ASN A 61 5.58 5.39 -13.69
C ASN A 61 6.85 5.49 -12.84
N ASN A 62 6.89 6.39 -11.86
CA ASN A 62 8.03 6.60 -10.96
C ASN A 62 7.63 6.49 -9.50
N MET A 63 6.34 6.44 -9.18
CA MET A 63 5.82 6.34 -7.82
C MET A 63 6.25 5.02 -7.19
N LYS A 64 6.79 5.08 -5.99
CA LYS A 64 7.23 3.96 -5.17
C LYS A 64 6.70 4.12 -3.76
N ILE A 65 6.68 3.03 -2.98
CA ILE A 65 6.21 3.00 -1.60
C ILE A 65 7.32 2.37 -0.75
N THR A 66 7.47 2.81 0.51
CA THR A 66 8.46 2.30 1.44
C THR A 66 7.74 1.46 2.50
N PHE A 67 7.83 0.13 2.44
CA PHE A 67 7.17 -0.75 3.42
C PHE A 67 8.01 -0.85 4.69
N CYS A 68 7.38 -0.71 5.86
CA CYS A 68 8.03 -0.80 7.17
C CYS A 68 7.10 -1.53 8.14
N CYS A 69 7.65 -2.22 9.14
CA CYS A 69 6.94 -2.97 10.19
C CYS A 69 7.74 -2.75 11.49
N PRO A 70 7.47 -1.66 12.23
CA PRO A 70 8.12 -1.26 13.47
C PRO A 70 8.58 -2.38 14.39
N GLU A 71 9.59 -2.05 15.20
CA GLU A 71 10.23 -2.91 16.17
C GLU A 71 9.23 -3.52 17.17
N SER A 72 8.03 -2.97 17.25
CA SER A 72 6.94 -3.41 18.09
C SER A 72 5.60 -3.27 17.36
N TRP A 73 5.55 -3.65 16.08
CA TRP A 73 4.33 -3.65 15.25
C TRP A 73 3.24 -4.46 15.99
N ASN A 74 1.98 -4.32 15.61
CA ASN A 74 0.86 -5.02 16.22
C ASN A 74 -0.01 -5.49 15.07
N GLU A 75 -0.44 -6.76 15.06
CA GLU A 75 -1.26 -7.30 13.99
C GLU A 75 -2.55 -6.50 13.81
N ARG A 76 -3.10 -6.10 14.96
CA ARG A 76 -4.35 -5.36 15.11
C ARG A 76 -4.21 -3.84 15.01
N ASP A 77 -3.05 -3.28 14.69
CA ASP A 77 -2.88 -1.83 14.61
C ASP A 77 -3.16 -1.30 13.20
N PRO A 78 -4.12 -0.39 12.99
CA PRO A 78 -4.44 0.17 11.68
C PRO A 78 -3.22 0.62 10.88
N ILE A 79 -3.38 0.59 9.57
CA ILE A 79 -2.36 0.95 8.59
C ILE A 79 -2.29 2.47 8.54
N ARG A 80 -1.24 3.02 9.16
CA ARG A 80 -0.96 4.45 9.26
C ARG A 80 -0.06 4.87 8.11
N ALA A 81 -0.63 5.24 6.96
CA ALA A 81 0.18 5.67 5.84
C ALA A 81 0.68 7.08 6.13
N LEU A 82 1.85 7.45 5.61
CA LEU A 82 2.44 8.77 5.82
C LEU A 82 2.85 9.42 4.51
N THR A 83 2.17 10.51 4.18
CA THR A 83 2.35 11.33 2.99
C THR A 83 3.74 11.94 2.84
N CYS A 84 4.54 11.98 3.90
CA CYS A 84 5.89 12.55 3.93
C CYS A 84 6.75 12.05 2.76
N PHE A 85 6.82 10.73 2.54
CA PHE A 85 7.62 10.12 1.47
C PHE A 85 7.02 8.77 1.04
N SER A 86 5.69 8.65 1.13
CA SER A 86 4.96 7.44 0.78
C SER A 86 5.45 6.22 1.58
N VAL A 87 5.52 6.35 2.91
CA VAL A 87 5.95 5.27 3.79
C VAL A 87 4.65 4.60 4.26
N LEU A 88 4.53 3.31 4.03
CA LEU A 88 3.37 2.51 4.38
C LEU A 88 3.77 1.54 5.48
N PHE A 89 3.28 1.82 6.68
CA PHE A 89 3.47 1.06 7.89
C PHE A 89 2.54 -0.13 7.77
N LEU A 90 3.10 -1.29 7.42
CA LEU A 90 2.35 -2.52 7.24
C LEU A 90 2.75 -3.53 8.33
N PRO A 91 1.91 -3.77 9.34
CA PRO A 91 2.20 -4.73 10.40
C PRO A 91 2.25 -6.14 9.77
N LYS A 92 2.88 -7.11 10.45
CA LYS A 92 2.99 -8.46 9.93
C LYS A 92 1.69 -9.24 10.08
N TYR A 93 0.81 -9.13 9.08
CA TYR A 93 -0.45 -9.84 9.10
C TYR A 93 -0.14 -11.33 9.02
N SER A 94 -0.87 -12.13 9.79
CA SER A 94 -0.71 -13.57 9.82
C SER A 94 -1.28 -14.23 8.55
N THR A 95 -2.27 -13.63 7.89
CA THR A 95 -2.88 -14.21 6.69
C THR A 95 -3.17 -13.15 5.62
N MET A 96 -3.58 -13.61 4.43
CA MET A 96 -3.92 -12.73 3.33
C MET A 96 -5.27 -12.07 3.58
N GLU A 97 -6.22 -12.80 4.16
CA GLU A 97 -7.55 -12.27 4.43
C GLU A 97 -7.53 -11.01 5.30
N THR A 98 -6.70 -11.02 6.35
CA THR A 98 -6.60 -9.91 7.27
C THR A 98 -5.93 -8.70 6.61
N VAL A 99 -4.87 -8.90 5.80
CA VAL A 99 -4.23 -7.75 5.14
C VAL A 99 -5.20 -7.17 4.09
N GLU A 100 -6.01 -8.03 3.46
CA GLU A 100 -6.97 -7.63 2.46
C GLU A 100 -8.08 -6.78 3.11
N GLU A 101 -8.46 -7.10 4.34
CA GLU A 101 -9.47 -6.32 5.05
C GLU A 101 -8.89 -4.93 5.31
N ALA A 102 -7.65 -4.85 5.80
CA ALA A 102 -6.96 -3.60 6.07
C ALA A 102 -6.75 -2.80 4.79
N LEU A 103 -6.81 -3.46 3.61
CA LEU A 103 -6.66 -2.79 2.32
C LEU A 103 -7.86 -1.85 2.20
N GLN A 104 -9.07 -2.44 2.30
CA GLN A 104 -10.33 -1.71 2.23
C GLN A 104 -10.46 -0.68 3.37
N GLU A 105 -9.91 -0.95 4.55
CA GLU A 105 -9.98 -0.02 5.68
C GLU A 105 -9.17 1.24 5.35
N ALA A 106 -7.89 1.07 4.98
CA ALA A 106 -6.99 2.17 4.68
C ALA A 106 -7.48 3.07 3.55
N ILE A 107 -8.11 2.52 2.49
CA ILE A 107 -8.60 3.39 1.42
C ILE A 107 -9.66 4.35 2.00
N ASN A 108 -10.40 3.90 3.02
CA ASN A 108 -11.41 4.68 3.73
C ASN A 108 -10.76 5.49 4.86
N ASN A 109 -9.43 5.62 4.84
CA ASN A 109 -8.55 6.33 5.77
C ASN A 109 -8.73 5.85 7.19
N ASN A 110 -9.17 4.60 7.40
CA ASN A 110 -9.43 4.05 8.73
C ASN A 110 -10.38 5.01 9.47
N ARG A 111 -11.18 5.78 8.72
CA ARG A 111 -12.14 6.80 9.09
C ARG A 111 -11.48 7.88 9.95
N GLY A 112 -11.16 9.02 9.34
CA GLY A 112 -10.55 10.13 10.04
C GLY A 112 -9.77 11.02 9.07
N PHE A 113 -8.51 11.25 9.44
CA PHE A 113 -7.51 12.07 8.76
C PHE A 113 -7.31 11.71 7.29
N GLY A 114 -6.68 12.62 6.54
CA GLY A 114 -6.39 12.43 5.11
C GLY A 114 -7.55 11.79 4.34
N GLY A 1 -12.83 -3.54 -13.47
CA GLY A 1 -12.14 -2.28 -13.81
C GLY A 1 -10.79 -2.53 -14.49
N ASN A 2 -9.86 -1.59 -14.27
CA ASN A 2 -8.48 -1.53 -14.78
C ASN A 2 -8.52 -0.96 -16.20
N THR A 3 -7.52 -0.17 -16.52
CA THR A 3 -7.39 0.50 -17.81
C THR A 3 -5.90 0.81 -18.03
N ASP A 4 -5.63 1.66 -19.01
CA ASP A 4 -4.32 2.15 -19.43
C ASP A 4 -3.63 2.79 -18.21
N TYR A 5 -2.71 2.04 -17.62
CA TYR A 5 -1.86 2.31 -16.46
C TYR A 5 -0.94 1.09 -16.37
N ASP A 6 0.29 1.29 -15.89
CA ASP A 6 1.35 0.31 -15.71
C ASP A 6 1.55 0.03 -14.21
N TRP A 7 0.64 -0.74 -13.61
CA TRP A 7 0.66 -1.10 -12.20
C TRP A 7 1.79 -2.06 -11.85
N LYS A 8 2.23 -2.91 -12.79
CA LYS A 8 3.32 -3.84 -12.55
C LYS A 8 4.60 -3.05 -12.25
N THR A 9 4.86 -1.95 -12.95
CA THR A 9 6.08 -1.19 -12.67
C THR A 9 5.99 -0.52 -11.29
N PHE A 10 4.81 -0.36 -10.70
CA PHE A 10 4.65 0.28 -9.41
C PHE A 10 5.07 -0.71 -8.33
N GLU A 11 4.57 -1.95 -8.38
CA GLU A 11 4.95 -2.93 -7.38
C GLU A 11 6.45 -3.22 -7.50
N LYS A 12 6.99 -3.16 -8.74
CA LYS A 12 8.40 -3.39 -9.01
C LYS A 12 9.27 -2.25 -8.48
N ASN A 13 8.86 -1.00 -8.70
CA ASN A 13 9.63 0.18 -8.27
C ASN A 13 9.46 0.52 -6.79
N ALA A 14 8.65 -0.24 -6.05
CA ALA A 14 8.44 0.02 -4.64
C ALA A 14 9.79 -0.09 -3.90
N ARG A 15 9.84 0.53 -2.72
CA ARG A 15 10.99 0.56 -1.86
C ARG A 15 10.70 -0.28 -0.63
N TYR A 16 11.77 -0.79 -0.03
CA TYR A 16 11.64 -1.64 1.14
C TYR A 16 12.76 -1.39 2.13
N GLU A 17 12.47 -1.56 3.42
CA GLU A 17 13.46 -1.39 4.46
C GLU A 17 14.30 -2.68 4.55
N PRO A 18 15.51 -2.64 5.15
CA PRO A 18 16.32 -3.84 5.27
C PRO A 18 15.56 -4.85 6.15
N GLY A 19 15.69 -6.14 5.85
CA GLY A 19 15.05 -7.21 6.57
C GLY A 19 13.90 -7.82 5.76
N TYR A 20 13.23 -7.03 4.93
CA TYR A 20 12.11 -7.48 4.11
C TYR A 20 12.49 -7.37 2.62
N ASN A 21 11.75 -8.06 1.76
CA ASN A 21 11.86 -8.14 0.31
C ASN A 21 10.48 -8.58 -0.19
N SER A 22 10.15 -8.41 -1.48
CA SER A 22 8.84 -8.80 -2.03
C SER A 22 8.50 -10.27 -1.80
N SER A 23 9.52 -11.12 -1.69
CA SER A 23 9.40 -12.55 -1.46
C SER A 23 8.88 -12.89 -0.07
N HIS A 24 8.93 -11.96 0.90
CA HIS A 24 8.41 -12.23 2.24
C HIS A 24 6.88 -12.29 2.07
N PRO A 25 6.18 -13.27 2.66
CA PRO A 25 4.74 -13.43 2.52
C PRO A 25 3.94 -12.16 2.72
N THR A 26 4.16 -11.40 3.79
CA THR A 26 3.43 -10.17 4.08
C THR A 26 3.36 -9.21 2.88
N ILE A 27 4.47 -9.02 2.17
CA ILE A 27 4.53 -8.12 1.03
C ILE A 27 3.79 -8.75 -0.16
N VAL A 28 4.03 -10.01 -0.52
CA VAL A 28 3.29 -10.59 -1.64
C VAL A 28 1.79 -10.56 -1.32
N MET A 29 1.38 -10.86 -0.09
CA MET A 29 -0.03 -10.86 0.34
C MET A 29 -0.60 -9.45 0.14
N PHE A 30 0.14 -8.41 0.52
CA PHE A 30 -0.29 -7.03 0.34
C PHE A 30 -0.44 -6.76 -1.15
N TRP A 31 0.50 -7.23 -1.98
CA TRP A 31 0.41 -7.05 -3.42
C TRP A 31 -0.84 -7.76 -3.95
N LYS A 32 -1.23 -8.94 -3.41
CA LYS A 32 -2.43 -9.63 -3.86
C LYS A 32 -3.62 -8.70 -3.59
N ALA A 33 -3.68 -8.08 -2.41
CA ALA A 33 -4.74 -7.16 -2.04
C ALA A 33 -4.80 -6.01 -3.05
N PHE A 34 -3.65 -5.43 -3.40
CA PHE A 34 -3.52 -4.33 -4.36
C PHE A 34 -3.90 -4.76 -5.79
N HIS A 35 -3.67 -6.02 -6.18
CA HIS A 35 -3.97 -6.52 -7.50
C HIS A 35 -5.45 -6.95 -7.63
N LYS A 36 -6.08 -7.51 -6.59
CA LYS A 36 -7.49 -7.94 -6.67
C LYS A 36 -8.47 -6.77 -6.73
N LEU A 37 -8.16 -5.66 -6.05
CA LEU A 37 -9.04 -4.50 -6.04
C LEU A 37 -9.08 -3.83 -7.41
N THR A 38 -10.04 -2.94 -7.62
CA THR A 38 -10.22 -2.25 -8.90
C THR A 38 -9.38 -0.97 -8.98
N LEU A 39 -9.37 -0.38 -10.18
CA LEU A 39 -8.66 0.85 -10.51
C LEU A 39 -9.10 1.98 -9.57
N GLU A 40 -10.41 2.09 -9.40
CA GLU A 40 -11.06 3.09 -8.56
C GLU A 40 -10.57 3.00 -7.10
N GLU A 41 -10.31 1.78 -6.61
CA GLU A 41 -9.82 1.51 -5.25
C GLU A 41 -8.32 1.84 -5.16
N LYS A 42 -7.48 1.46 -6.14
CA LYS A 42 -6.06 1.82 -6.01
C LYS A 42 -5.88 3.33 -6.09
N LYS A 43 -6.81 4.07 -6.70
CA LYS A 43 -6.72 5.52 -6.76
C LYS A 43 -6.86 6.01 -5.32
N LYS A 44 -7.78 5.43 -4.54
CA LYS A 44 -7.97 5.79 -3.15
C LYS A 44 -6.69 5.46 -2.36
N PHE A 45 -6.04 4.32 -2.64
CA PHE A 45 -4.81 3.93 -1.94
C PHE A 45 -3.77 5.02 -2.19
N LEU A 46 -3.65 5.46 -3.45
CA LEU A 46 -2.71 6.50 -3.83
C LEU A 46 -3.04 7.79 -3.08
N VAL A 47 -4.30 8.20 -3.01
CA VAL A 47 -4.74 9.42 -2.33
C VAL A 47 -4.48 9.35 -0.81
N PHE A 48 -4.56 8.18 -0.20
CA PHE A 48 -4.33 7.99 1.23
C PHE A 48 -2.84 8.10 1.55
N LEU A 49 -2.01 7.43 0.75
CA LEU A 49 -0.56 7.36 0.89
C LEU A 49 0.21 8.55 0.30
N THR A 50 -0.34 9.23 -0.69
CA THR A 50 0.28 10.35 -1.38
C THR A 50 -0.61 11.59 -1.28
N GLY A 51 0.01 12.77 -1.31
CA GLY A 51 -0.69 14.04 -1.20
C GLY A 51 -1.17 14.58 -2.55
N THR A 52 -1.44 13.70 -3.53
CA THR A 52 -1.87 14.08 -4.86
C THR A 52 -2.91 13.09 -5.38
N ASP A 53 -4.02 13.56 -5.95
CA ASP A 53 -5.07 12.70 -6.51
C ASP A 53 -4.79 12.50 -8.00
N ARG A 54 -5.56 11.61 -8.64
CA ARG A 54 -5.55 11.26 -10.07
C ARG A 54 -4.18 11.31 -10.78
N LEU A 55 -3.14 10.88 -10.08
CA LEU A 55 -1.77 10.87 -10.55
C LEU A 55 -1.64 10.24 -11.94
N GLN A 56 -1.07 11.03 -12.85
CA GLN A 56 -0.81 10.73 -14.24
C GLN A 56 0.13 9.53 -14.39
N MET A 57 0.12 8.90 -15.57
CA MET A 57 1.01 7.77 -15.86
C MET A 57 2.48 8.22 -15.84
N LYS A 58 2.75 9.50 -16.14
CA LYS A 58 4.11 10.07 -16.10
C LYS A 58 4.63 10.12 -14.66
N ASP A 59 3.73 10.02 -13.68
CA ASP A 59 4.04 10.05 -12.26
C ASP A 59 4.09 8.61 -11.78
N LEU A 60 3.03 7.83 -12.05
CA LEU A 60 2.89 6.44 -11.64
C LEU A 60 4.09 5.57 -12.03
N ASN A 61 4.63 5.73 -13.25
CA ASN A 61 5.78 4.91 -13.69
C ASN A 61 7.05 5.12 -12.86
N ASN A 62 7.12 6.20 -12.07
CA ASN A 62 8.26 6.56 -11.21
C ASN A 62 7.89 6.56 -9.72
N MET A 63 6.61 6.35 -9.42
CA MET A 63 6.09 6.31 -8.06
C MET A 63 6.51 5.02 -7.38
N LYS A 64 6.92 5.16 -6.13
CA LYS A 64 7.35 4.12 -5.21
C LYS A 64 6.63 4.36 -3.88
N ILE A 65 6.59 3.34 -3.05
CA ILE A 65 6.02 3.31 -1.71
C ILE A 65 7.14 2.72 -0.86
N THR A 66 7.36 3.18 0.38
CA THR A 66 8.40 2.62 1.23
C THR A 66 7.71 1.89 2.39
N PHE A 67 7.74 0.56 2.41
CA PHE A 67 7.08 -0.22 3.47
C PHE A 67 7.87 -0.15 4.78
N CYS A 68 7.18 -0.22 5.91
CA CYS A 68 7.72 -0.17 7.27
C CYS A 68 6.81 -0.98 8.20
N CYS A 69 7.34 -1.45 9.33
CA CYS A 69 6.67 -2.21 10.38
C CYS A 69 7.34 -1.70 11.67
N PRO A 70 6.76 -0.72 12.39
CA PRO A 70 7.34 -0.13 13.59
C PRO A 70 7.94 -1.13 14.59
N GLU A 71 8.76 -0.62 15.49
CA GLU A 71 9.38 -1.42 16.57
C GLU A 71 8.29 -2.08 17.42
N SER A 72 7.08 -1.53 17.34
CA SER A 72 5.87 -1.96 18.01
C SER A 72 4.75 -2.22 16.97
N TRP A 73 5.08 -2.79 15.79
CA TRP A 73 4.03 -3.09 14.81
C TRP A 73 2.98 -3.98 15.52
N ASN A 74 1.71 -3.83 15.14
CA ASN A 74 0.63 -4.58 15.77
C ASN A 74 -0.29 -5.15 14.71
N GLU A 75 -0.53 -6.45 14.78
CA GLU A 75 -1.36 -7.20 13.86
C GLU A 75 -2.80 -6.66 13.73
N ARG A 76 -3.32 -5.92 14.73
CA ARG A 76 -4.67 -5.36 14.73
C ARG A 76 -4.69 -3.83 14.64
N ASP A 77 -3.53 -3.17 14.52
CA ASP A 77 -3.45 -1.71 14.43
C ASP A 77 -3.47 -1.42 12.92
N PRO A 78 -4.50 -0.73 12.39
CA PRO A 78 -4.63 -0.44 10.95
C PRO A 78 -3.36 0.02 10.23
N ILE A 79 -3.43 -0.06 8.90
CA ILE A 79 -2.33 0.29 8.02
C ILE A 79 -2.30 1.81 7.99
N ARG A 80 -1.33 2.39 8.70
CA ARG A 80 -1.13 3.82 8.76
C ARG A 80 -0.30 4.25 7.55
N ALA A 81 0.04 5.53 7.49
CA ALA A 81 0.84 6.11 6.41
C ALA A 81 1.22 7.54 6.77
N LEU A 82 2.22 8.08 6.05
CA LEU A 82 2.74 9.44 6.17
C LEU A 82 3.01 9.87 4.72
N THR A 83 2.65 11.12 4.39
CA THR A 83 2.78 11.69 3.06
C THR A 83 4.22 12.07 2.68
N CYS A 84 5.04 12.45 3.65
CA CYS A 84 6.44 12.90 3.50
C CYS A 84 7.17 12.26 2.30
N PHE A 85 7.28 10.94 2.28
CA PHE A 85 7.92 10.17 1.23
C PHE A 85 7.08 8.96 0.82
N SER A 86 5.78 8.99 1.14
CA SER A 86 4.82 7.93 0.83
C SER A 86 5.22 6.63 1.52
N VAL A 87 5.21 6.66 2.86
CA VAL A 87 5.55 5.50 3.70
C VAL A 87 4.26 4.76 4.03
N LEU A 88 4.30 3.43 4.03
CA LEU A 88 3.14 2.59 4.32
C LEU A 88 3.51 1.67 5.48
N PHE A 89 2.86 1.88 6.63
CA PHE A 89 3.09 1.08 7.82
C PHE A 89 2.26 -0.19 7.69
N LEU A 90 2.89 -1.29 7.30
CA LEU A 90 2.26 -2.59 7.10
C LEU A 90 2.64 -3.53 8.24
N PRO A 91 1.75 -3.82 9.20
CA PRO A 91 2.06 -4.76 10.27
C PRO A 91 2.14 -6.16 9.66
N LYS A 92 2.73 -7.12 10.38
CA LYS A 92 2.87 -8.47 9.88
C LYS A 92 1.58 -9.26 10.07
N TYR A 93 0.64 -9.09 9.14
CA TYR A 93 -0.65 -9.79 9.16
C TYR A 93 -0.42 -11.29 8.96
N SER A 94 -0.95 -12.11 9.85
CA SER A 94 -0.81 -13.56 9.76
C SER A 94 -1.60 -14.18 8.59
N THR A 95 -2.69 -13.57 8.13
CA THR A 95 -3.53 -14.11 7.07
C THR A 95 -3.78 -13.12 5.95
N MET A 96 -4.27 -13.63 4.81
CA MET A 96 -4.56 -12.79 3.66
C MET A 96 -5.84 -12.02 3.87
N GLU A 97 -6.84 -12.62 4.54
CA GLU A 97 -8.09 -11.93 4.79
C GLU A 97 -7.86 -10.68 5.63
N THR A 98 -7.02 -10.76 6.66
CA THR A 98 -6.74 -9.64 7.54
C THR A 98 -6.06 -8.50 6.78
N VAL A 99 -5.08 -8.78 5.91
CA VAL A 99 -4.43 -7.71 5.15
C VAL A 99 -5.40 -7.16 4.09
N GLU A 100 -6.25 -8.00 3.49
CA GLU A 100 -7.20 -7.59 2.48
C GLU A 100 -8.27 -6.69 3.13
N GLU A 101 -8.69 -7.00 4.36
CA GLU A 101 -9.67 -6.24 5.14
C GLU A 101 -9.05 -4.90 5.55
N ALA A 102 -7.76 -4.90 5.86
CA ALA A 102 -7.02 -3.70 6.24
C ALA A 102 -6.79 -2.82 5.02
N LEU A 103 -6.68 -3.42 3.83
CA LEU A 103 -6.49 -2.69 2.59
C LEU A 103 -7.72 -1.81 2.38
N GLN A 104 -8.92 -2.37 2.62
CA GLN A 104 -10.19 -1.65 2.48
C GLN A 104 -10.17 -0.44 3.43
N GLU A 105 -9.67 -0.61 4.66
CA GLU A 105 -9.60 0.49 5.62
C GLU A 105 -8.63 1.56 5.09
N ALA A 106 -7.47 1.15 4.59
CA ALA A 106 -6.46 2.06 4.06
C ALA A 106 -7.04 2.91 2.93
N ILE A 107 -7.72 2.30 1.96
CA ILE A 107 -8.31 3.05 0.84
C ILE A 107 -9.42 3.97 1.34
N ASN A 108 -10.27 3.49 2.24
CA ASN A 108 -11.36 4.31 2.79
C ASN A 108 -10.84 5.40 3.73
N ASN A 109 -9.57 5.27 4.14
CA ASN A 109 -8.70 6.08 5.01
C ASN A 109 -8.82 5.51 6.41
N ASN A 110 -7.70 5.05 7.00
CA ASN A 110 -7.76 4.51 8.35
C ASN A 110 -8.17 5.60 9.34
N ARG A 111 -9.43 5.59 9.76
CA ARG A 111 -9.94 6.56 10.73
C ARG A 111 -9.17 6.34 12.04
N GLY A 112 -8.85 7.42 12.76
CA GLY A 112 -8.12 7.32 14.02
C GLY A 112 -6.96 8.30 14.15
N PHE A 113 -6.70 9.16 13.14
CA PHE A 113 -5.61 10.14 13.20
C PHE A 113 -5.90 11.32 14.14
N GLY A 114 -7.06 11.31 14.79
CA GLY A 114 -7.54 12.32 15.73
C GLY A 114 -7.39 13.74 15.21
N GLY A 1 -8.98 -3.90 -12.09
CA GLY A 1 -9.45 -2.61 -12.63
C GLY A 1 -8.29 -1.75 -13.09
N ASN A 2 -8.14 -1.59 -14.41
CA ASN A 2 -7.09 -0.78 -15.02
C ASN A 2 -7.72 0.08 -16.10
N THR A 3 -7.07 1.17 -16.48
CA THR A 3 -7.53 2.09 -17.51
C THR A 3 -6.26 2.81 -18.01
N ASP A 4 -5.57 2.24 -18.99
CA ASP A 4 -4.32 2.76 -19.57
C ASP A 4 -3.37 3.26 -18.48
N TYR A 5 -2.99 2.36 -17.59
CA TYR A 5 -2.10 2.60 -16.47
C TYR A 5 -1.29 1.33 -16.27
N ASP A 6 0.03 1.47 -16.24
CA ASP A 6 0.96 0.37 -16.04
C ASP A 6 1.17 0.21 -14.54
N TRP A 7 0.27 -0.56 -13.90
CA TRP A 7 0.32 -0.83 -12.47
C TRP A 7 1.37 -1.91 -12.16
N LYS A 8 1.81 -2.66 -13.16
CA LYS A 8 2.81 -3.71 -13.02
C LYS A 8 4.14 -3.07 -12.64
N THR A 9 4.51 -1.93 -13.24
CA THR A 9 5.77 -1.31 -12.89
C THR A 9 5.69 -0.64 -11.50
N PHE A 10 4.50 -0.27 -11.04
CA PHE A 10 4.33 0.37 -9.75
C PHE A 10 4.73 -0.62 -8.65
N GLU A 11 4.15 -1.82 -8.63
CA GLU A 11 4.50 -2.80 -7.59
C GLU A 11 5.99 -3.16 -7.70
N LYS A 12 6.52 -3.22 -8.92
CA LYS A 12 7.91 -3.52 -9.18
C LYS A 12 8.83 -2.42 -8.62
N ASN A 13 8.44 -1.14 -8.72
CA ASN A 13 9.21 0.02 -8.25
C ASN A 13 9.13 0.23 -6.73
N ALA A 14 8.29 -0.51 -6.01
CA ALA A 14 8.15 -0.37 -4.56
C ALA A 14 9.49 -0.56 -3.83
N ARG A 15 9.59 -0.06 -2.61
CA ARG A 15 10.76 -0.10 -1.73
C ARG A 15 10.40 -0.88 -0.47
N TYR A 16 11.38 -1.62 0.02
CA TYR A 16 11.27 -2.46 1.21
C TYR A 16 12.51 -2.24 2.06
N GLU A 17 12.33 -2.14 3.38
CA GLU A 17 13.45 -1.95 4.30
C GLU A 17 14.23 -3.26 4.47
N PRO A 18 15.43 -3.22 5.09
CA PRO A 18 16.23 -4.40 5.32
C PRO A 18 15.40 -5.45 6.06
N GLY A 19 15.65 -6.73 5.75
CA GLY A 19 14.93 -7.84 6.36
C GLY A 19 13.60 -8.14 5.66
N TYR A 20 13.22 -7.40 4.61
CA TYR A 20 11.98 -7.60 3.86
C TYR A 20 12.28 -7.67 2.37
N ASN A 21 11.34 -8.19 1.58
CA ASN A 21 11.45 -8.38 0.13
C ASN A 21 10.05 -8.67 -0.42
N SER A 22 9.86 -8.56 -1.73
CA SER A 22 8.57 -8.82 -2.36
C SER A 22 8.14 -10.27 -2.18
N SER A 23 9.08 -11.22 -2.13
CA SER A 23 8.80 -12.64 -1.94
C SER A 23 8.49 -12.97 -0.49
N HIS A 24 8.68 -12.03 0.44
CA HIS A 24 8.39 -12.23 1.85
C HIS A 24 6.86 -12.40 2.01
N PRO A 25 6.38 -13.39 2.80
CA PRO A 25 4.96 -13.66 3.00
C PRO A 25 4.06 -12.44 3.15
N THR A 26 4.41 -11.51 4.04
CA THR A 26 3.63 -10.31 4.29
C THR A 26 3.42 -9.48 3.03
N ILE A 27 4.49 -9.21 2.28
CA ILE A 27 4.47 -8.40 1.08
C ILE A 27 3.77 -9.14 -0.07
N VAL A 28 4.13 -10.39 -0.38
CA VAL A 28 3.48 -11.11 -1.49
C VAL A 28 1.96 -11.16 -1.27
N MET A 29 1.52 -11.33 -0.02
CA MET A 29 0.12 -11.37 0.33
C MET A 29 -0.48 -9.96 0.16
N PHE A 30 0.21 -8.91 0.63
CA PHE A 30 -0.26 -7.52 0.51
C PHE A 30 -0.47 -7.18 -0.98
N TRP A 31 0.41 -7.65 -1.87
CA TRP A 31 0.28 -7.40 -3.29
C TRP A 31 -1.03 -8.01 -3.81
N LYS A 32 -1.53 -9.11 -3.22
CA LYS A 32 -2.80 -9.69 -3.64
C LYS A 32 -3.89 -8.65 -3.35
N ALA A 33 -3.83 -7.99 -2.19
CA ALA A 33 -4.80 -6.97 -1.81
C ALA A 33 -4.84 -5.86 -2.86
N PHE A 34 -3.67 -5.39 -3.32
CA PHE A 34 -3.51 -4.34 -4.34
C PHE A 34 -4.00 -4.78 -5.72
N HIS A 35 -3.82 -6.05 -6.09
CA HIS A 35 -4.25 -6.54 -7.40
C HIS A 35 -5.73 -6.95 -7.44
N LYS A 36 -6.31 -7.45 -6.34
CA LYS A 36 -7.72 -7.87 -6.31
C LYS A 36 -8.68 -6.69 -6.42
N LEU A 37 -8.32 -5.54 -5.84
CA LEU A 37 -9.17 -4.35 -5.88
C LEU A 37 -9.27 -3.79 -7.31
N THR A 38 -10.18 -2.84 -7.53
CA THR A 38 -10.38 -2.20 -8.84
C THR A 38 -9.59 -0.89 -8.95
N LEU A 39 -9.71 -0.22 -10.11
CA LEU A 39 -9.05 1.04 -10.43
C LEU A 39 -9.44 2.12 -9.44
N GLU A 40 -10.76 2.23 -9.22
CA GLU A 40 -11.35 3.21 -8.32
C GLU A 40 -10.73 3.11 -6.93
N GLU A 41 -10.65 1.86 -6.45
CA GLU A 41 -10.12 1.49 -5.17
C GLU A 41 -8.62 1.85 -5.09
N LYS A 42 -7.80 1.52 -6.11
CA LYS A 42 -6.37 1.90 -6.02
C LYS A 42 -6.14 3.39 -6.10
N LYS A 43 -7.02 4.19 -6.72
CA LYS A 43 -6.79 5.63 -6.76
C LYS A 43 -6.84 6.11 -5.30
N LYS A 44 -7.85 5.71 -4.53
CA LYS A 44 -7.99 6.08 -3.12
C LYS A 44 -6.76 5.64 -2.31
N PHE A 45 -6.22 4.46 -2.62
CA PHE A 45 -5.06 3.91 -1.94
C PHE A 45 -3.87 4.84 -2.11
N LEU A 46 -3.63 5.36 -3.32
CA LEU A 46 -2.52 6.27 -3.57
C LEU A 46 -2.76 7.58 -2.82
N VAL A 47 -3.97 8.13 -2.92
CA VAL A 47 -4.38 9.39 -2.29
C VAL A 47 -4.19 9.37 -0.76
N PHE A 48 -4.21 8.18 -0.15
CA PHE A 48 -4.03 8.05 1.29
C PHE A 48 -2.54 8.16 1.65
N LEU A 49 -1.68 7.54 0.85
CA LEU A 49 -0.24 7.52 1.05
C LEU A 49 0.51 8.74 0.53
N THR A 50 0.04 9.37 -0.55
CA THR A 50 0.66 10.54 -1.16
C THR A 50 -0.39 11.65 -1.22
N GLY A 51 0.03 12.90 -1.02
CA GLY A 51 -0.86 14.05 -1.03
C GLY A 51 -1.35 14.54 -2.39
N THR A 52 -1.11 13.78 -3.46
CA THR A 52 -1.53 14.15 -4.80
C THR A 52 -2.49 13.10 -5.35
N ASP A 53 -3.62 13.54 -5.89
CA ASP A 53 -4.64 12.66 -6.47
C ASP A 53 -4.44 12.56 -7.98
N ARG A 54 -5.05 11.53 -8.57
CA ARG A 54 -5.02 11.18 -10.00
C ARG A 54 -3.67 11.50 -10.64
N LEU A 55 -2.62 10.96 -10.05
CA LEU A 55 -1.26 11.13 -10.53
C LEU A 55 -1.18 10.55 -11.94
N GLN A 56 -0.58 11.30 -12.85
CA GLN A 56 -0.40 10.97 -14.26
C GLN A 56 0.55 9.78 -14.48
N MET A 57 0.65 9.28 -15.72
CA MET A 57 1.54 8.17 -16.07
C MET A 57 3.00 8.60 -15.85
N LYS A 58 3.33 9.87 -16.14
CA LYS A 58 4.67 10.42 -15.94
C LYS A 58 5.10 10.31 -14.47
N ASP A 59 4.14 10.18 -13.57
CA ASP A 59 4.33 10.07 -12.13
C ASP A 59 4.28 8.61 -11.69
N LEU A 60 3.22 7.89 -12.07
CA LEU A 60 3.02 6.48 -11.71
C LEU A 60 4.19 5.59 -12.14
N ASN A 61 4.87 5.86 -13.27
CA ASN A 61 6.01 5.04 -13.71
C ASN A 61 7.22 5.12 -12.76
N ASN A 62 7.28 6.11 -11.87
CA ASN A 62 8.37 6.27 -10.91
C ASN A 62 7.84 6.32 -9.48
N MET A 63 6.54 6.17 -9.31
CA MET A 63 5.85 6.18 -8.02
C MET A 63 6.29 4.96 -7.23
N LYS A 64 6.87 5.20 -6.05
CA LYS A 64 7.35 4.17 -5.15
C LYS A 64 6.62 4.29 -3.83
N ILE A 65 6.66 3.23 -3.03
CA ILE A 65 6.07 3.15 -1.70
C ILE A 65 7.16 2.54 -0.84
N THR A 66 7.39 3.11 0.34
CA THR A 66 8.39 2.62 1.26
C THR A 66 7.65 1.76 2.30
N PHE A 67 7.76 0.43 2.25
CA PHE A 67 7.11 -0.44 3.23
C PHE A 67 7.97 -0.45 4.49
N CYS A 68 7.38 -0.42 5.69
CA CYS A 68 8.11 -0.43 6.96
C CYS A 68 7.27 -1.16 8.02
N CYS A 69 7.92 -1.73 9.03
CA CYS A 69 7.31 -2.44 10.16
C CYS A 69 8.18 -2.18 11.39
N PRO A 70 7.82 -1.22 12.27
CA PRO A 70 8.59 -0.86 13.45
C PRO A 70 9.15 -2.00 14.29
N GLU A 71 10.11 -1.64 15.15
CA GLU A 71 10.79 -2.53 16.09
C GLU A 71 9.80 -3.09 17.13
N SER A 72 8.56 -2.58 17.10
CA SER A 72 7.45 -2.91 17.94
C SER A 72 6.14 -3.12 17.14
N TRP A 73 6.17 -3.39 15.81
CA TRP A 73 4.95 -3.60 15.03
C TRP A 73 4.00 -4.60 15.71
N ASN A 74 2.70 -4.42 15.49
CA ASN A 74 1.67 -5.27 16.06
C ASN A 74 0.61 -5.49 15.00
N GLU A 75 0.06 -6.70 14.89
CA GLU A 75 -0.99 -7.01 13.92
C GLU A 75 -2.25 -6.18 14.23
N ARG A 76 -2.49 -6.00 15.53
CA ARG A 76 -3.62 -5.28 16.08
C ARG A 76 -3.41 -3.76 16.04
N ASP A 77 -2.49 -3.25 15.22
CA ASP A 77 -2.22 -1.82 15.10
C ASP A 77 -2.55 -1.36 13.68
N PRO A 78 -3.48 -0.40 13.50
CA PRO A 78 -3.88 0.12 12.20
C PRO A 78 -2.71 0.57 11.30
N ILE A 79 -3.01 0.81 10.02
CA ILE A 79 -2.03 1.22 9.02
C ILE A 79 -1.76 2.71 9.27
N ARG A 80 -0.52 3.01 9.69
CA ARG A 80 -0.05 4.34 10.03
C ARG A 80 0.79 4.97 8.90
N ALA A 81 0.14 5.64 7.96
CA ALA A 81 0.86 6.23 6.83
C ALA A 81 1.41 7.63 7.14
N LEU A 82 2.36 8.07 6.30
CA LEU A 82 2.99 9.37 6.37
C LEU A 82 3.01 9.92 4.95
N THR A 83 2.17 10.91 4.70
CA THR A 83 2.03 11.59 3.42
C THR A 83 3.36 12.24 3.01
N CYS A 84 4.20 12.54 3.99
CA CYS A 84 5.52 13.15 3.92
C CYS A 84 6.32 12.70 2.70
N PHE A 85 6.63 11.40 2.58
CA PHE A 85 7.42 10.86 1.46
C PHE A 85 6.88 9.54 0.90
N SER A 86 5.65 9.16 1.26
CA SER A 86 4.98 7.94 0.82
C SER A 86 5.60 6.67 1.46
N VAL A 87 5.48 6.57 2.77
CA VAL A 87 5.95 5.45 3.58
C VAL A 87 4.71 4.84 4.23
N LEU A 88 4.48 3.55 3.98
CA LEU A 88 3.34 2.80 4.45
C LEU A 88 3.82 1.83 5.54
N PHE A 89 3.50 2.14 6.79
CA PHE A 89 3.84 1.30 7.92
C PHE A 89 2.79 0.19 7.84
N LEU A 90 3.23 -1.04 7.65
CA LEU A 90 2.38 -2.22 7.53
C LEU A 90 2.86 -3.29 8.50
N PRO A 91 2.05 -3.74 9.47
CA PRO A 91 2.46 -4.78 10.39
C PRO A 91 2.48 -6.14 9.65
N LYS A 92 3.12 -7.14 10.26
CA LYS A 92 3.21 -8.47 9.68
C LYS A 92 1.91 -9.20 9.98
N TYR A 93 0.93 -9.06 9.09
CA TYR A 93 -0.37 -9.70 9.23
C TYR A 93 -0.20 -11.22 9.08
N SER A 94 -0.88 -11.96 9.94
CA SER A 94 -0.91 -13.41 9.99
C SER A 94 -1.62 -13.99 8.76
N THR A 95 -2.73 -13.40 8.34
CA THR A 95 -3.53 -13.87 7.22
C THR A 95 -3.84 -12.79 6.19
N MET A 96 -4.29 -13.23 5.01
CA MET A 96 -4.64 -12.37 3.88
C MET A 96 -5.85 -11.51 4.22
N GLU A 97 -6.82 -12.05 4.96
CA GLU A 97 -8.03 -11.32 5.33
C GLU A 97 -7.68 -10.09 6.17
N THR A 98 -6.81 -10.24 7.17
CA THR A 98 -6.42 -9.15 8.04
C THR A 98 -5.73 -8.03 7.24
N VAL A 99 -4.87 -8.36 6.26
CA VAL A 99 -4.18 -7.34 5.47
C VAL A 99 -5.10 -6.74 4.40
N GLU A 100 -6.01 -7.53 3.83
CA GLU A 100 -6.95 -7.10 2.80
C GLU A 100 -7.98 -6.17 3.42
N GLU A 101 -8.48 -6.48 4.60
CA GLU A 101 -9.44 -5.62 5.28
C GLU A 101 -8.75 -4.31 5.64
N ALA A 102 -7.45 -4.34 5.95
CA ALA A 102 -6.68 -3.14 6.27
C ALA A 102 -6.47 -2.31 4.99
N LEU A 103 -6.44 -2.96 3.83
CA LEU A 103 -6.29 -2.31 2.53
C LEU A 103 -7.60 -1.58 2.29
N GLN A 104 -8.71 -2.29 2.47
CA GLN A 104 -10.06 -1.77 2.30
C GLN A 104 -10.28 -0.58 3.23
N GLU A 105 -9.88 -0.67 4.49
CA GLU A 105 -10.05 0.44 5.43
C GLU A 105 -9.25 1.66 4.95
N ALA A 106 -8.01 1.44 4.48
CA ALA A 106 -7.19 2.53 3.99
C ALA A 106 -7.86 3.28 2.83
N ILE A 107 -8.58 2.59 1.93
CA ILE A 107 -9.27 3.23 0.81
C ILE A 107 -10.63 3.81 1.23
N ASN A 108 -11.35 3.12 2.13
CA ASN A 108 -12.67 3.51 2.67
C ASN A 108 -12.53 4.57 3.77
N ASN A 109 -11.33 5.15 3.88
CA ASN A 109 -10.85 6.16 4.79
C ASN A 109 -10.69 5.56 6.18
N ASN A 110 -9.45 5.54 6.67
CA ASN A 110 -9.16 5.01 8.01
C ASN A 110 -9.94 5.88 8.95
N ARG A 111 -11.06 5.36 9.47
CA ARG A 111 -11.98 6.02 10.38
C ARG A 111 -11.30 6.90 11.43
N GLY A 112 -10.35 6.36 12.19
CA GLY A 112 -9.59 7.02 13.25
C GLY A 112 -8.59 8.09 12.77
N PHE A 113 -8.54 8.38 11.47
CA PHE A 113 -7.68 9.36 10.83
C PHE A 113 -8.48 10.36 10.00
N GLY A 114 -9.80 10.27 10.04
CA GLY A 114 -10.81 11.08 9.37
C GLY A 114 -10.31 12.40 8.78
N GLY A 1 -11.75 -3.19 -12.74
CA GLY A 1 -12.03 -1.87 -13.31
C GLY A 1 -10.82 -1.18 -13.92
N ASN A 2 -9.74 -1.91 -14.26
CA ASN A 2 -8.52 -1.36 -14.86
C ASN A 2 -8.89 -0.60 -16.13
N THR A 3 -8.04 0.33 -16.54
CA THR A 3 -8.27 1.14 -17.73
C THR A 3 -6.95 1.40 -18.47
N ASP A 4 -6.15 0.34 -18.59
CA ASP A 4 -4.85 0.31 -19.27
C ASP A 4 -3.83 1.28 -18.66
N TYR A 5 -3.29 0.89 -17.50
CA TYR A 5 -2.29 1.61 -16.73
C TYR A 5 -1.24 0.56 -16.33
N ASP A 6 0.00 0.97 -16.09
CA ASP A 6 1.10 0.07 -15.74
C ASP A 6 1.25 -0.13 -14.23
N TRP A 7 0.51 -1.11 -13.69
CA TRP A 7 0.53 -1.47 -12.28
C TRP A 7 1.62 -2.51 -11.98
N LYS A 8 2.17 -3.14 -13.02
CA LYS A 8 3.19 -4.18 -12.95
C LYS A 8 4.55 -3.58 -12.60
N THR A 9 4.95 -2.54 -13.30
CA THR A 9 6.21 -1.89 -13.02
C THR A 9 6.17 -1.26 -11.62
N PHE A 10 4.99 -0.86 -11.15
CA PHE A 10 4.80 -0.23 -9.86
C PHE A 10 5.13 -1.19 -8.71
N GLU A 11 4.60 -2.42 -8.72
CA GLU A 11 4.88 -3.38 -7.66
C GLU A 11 6.37 -3.76 -7.65
N LYS A 12 7.00 -3.78 -8.83
CA LYS A 12 8.41 -4.09 -8.99
C LYS A 12 9.29 -2.94 -8.47
N ASN A 13 8.92 -1.69 -8.79
CA ASN A 13 9.66 -0.49 -8.40
C ASN A 13 9.40 0.03 -6.98
N ALA A 14 8.56 -0.64 -6.18
CA ALA A 14 8.31 -0.20 -4.81
C ALA A 14 9.60 -0.26 -4.00
N ARG A 15 9.64 0.51 -2.91
CA ARG A 15 10.77 0.62 -2.01
C ARG A 15 10.54 -0.29 -0.80
N TYR A 16 11.61 -0.88 -0.30
CA TYR A 16 11.61 -1.78 0.84
C TYR A 16 12.74 -1.39 1.79
N GLU A 17 12.53 -1.59 3.09
CA GLU A 17 13.53 -1.29 4.11
C GLU A 17 14.54 -2.46 4.16
N PRO A 18 15.71 -2.32 4.80
CA PRO A 18 16.67 -3.41 4.88
C PRO A 18 16.07 -4.58 5.65
N GLY A 19 16.41 -5.78 5.22
CA GLY A 19 15.95 -7.02 5.83
C GLY A 19 14.63 -7.56 5.31
N TYR A 20 13.90 -6.85 4.44
CA TYR A 20 12.64 -7.33 3.87
C TYR A 20 12.89 -7.64 2.39
N ASN A 21 12.00 -8.41 1.75
CA ASN A 21 12.09 -8.80 0.35
C ASN A 21 10.69 -8.75 -0.25
N SER A 22 10.56 -8.63 -1.56
CA SER A 22 9.23 -8.59 -2.17
C SER A 22 8.47 -9.91 -1.97
N SER A 23 9.22 -11.01 -1.88
CA SER A 23 8.77 -12.38 -1.69
C SER A 23 8.40 -12.67 -0.23
N HIS A 24 8.65 -11.74 0.70
CA HIS A 24 8.36 -11.89 2.11
C HIS A 24 6.83 -11.96 2.27
N PRO A 25 6.28 -12.91 3.06
CA PRO A 25 4.86 -13.10 3.29
C PRO A 25 4.01 -11.83 3.35
N THR A 26 4.39 -10.86 4.19
CA THR A 26 3.64 -9.62 4.34
C THR A 26 3.45 -8.91 3.00
N ILE A 27 4.54 -8.70 2.25
CA ILE A 27 4.54 -8.02 0.96
C ILE A 27 3.77 -8.84 -0.08
N VAL A 28 4.06 -10.14 -0.29
CA VAL A 28 3.31 -10.91 -1.29
C VAL A 28 1.80 -10.89 -1.04
N MET A 29 1.34 -11.07 0.20
CA MET A 29 -0.09 -11.06 0.52
C MET A 29 -0.69 -9.68 0.21
N PHE A 30 0.04 -8.62 0.51
CA PHE A 30 -0.38 -7.25 0.27
C PHE A 30 -0.54 -7.01 -1.23
N TRP A 31 0.43 -7.42 -2.05
CA TRP A 31 0.33 -7.23 -3.49
C TRP A 31 -0.92 -7.92 -4.04
N LYS A 32 -1.35 -9.06 -3.48
CA LYS A 32 -2.58 -9.70 -3.99
C LYS A 32 -3.75 -8.75 -3.79
N ALA A 33 -3.85 -8.13 -2.62
CA ALA A 33 -4.89 -7.18 -2.30
C ALA A 33 -4.88 -6.07 -3.35
N PHE A 34 -3.70 -5.48 -3.57
CA PHE A 34 -3.50 -4.39 -4.52
C PHE A 34 -3.87 -4.82 -5.95
N HIS A 35 -3.73 -6.09 -6.32
CA HIS A 35 -4.09 -6.55 -7.65
C HIS A 35 -5.58 -6.89 -7.78
N LYS A 36 -6.26 -7.38 -6.74
CA LYS A 36 -7.69 -7.72 -6.85
C LYS A 36 -8.61 -6.51 -6.72
N LEU A 37 -8.22 -5.45 -6.00
CA LEU A 37 -9.08 -4.26 -5.89
C LEU A 37 -9.28 -3.61 -7.27
N THR A 38 -10.19 -2.65 -7.39
CA THR A 38 -10.45 -1.99 -8.67
C THR A 38 -9.59 -0.73 -8.83
N LEU A 39 -9.66 -0.11 -10.01
CA LEU A 39 -8.93 1.11 -10.36
C LEU A 39 -9.29 2.24 -9.40
N GLU A 40 -10.58 2.38 -9.08
CA GLU A 40 -11.08 3.42 -8.17
C GLU A 40 -10.37 3.31 -6.82
N GLU A 41 -10.40 2.10 -6.28
CA GLU A 41 -9.81 1.72 -5.00
C GLU A 41 -8.29 1.96 -5.05
N LYS A 42 -7.60 1.60 -6.14
CA LYS A 42 -6.14 1.83 -6.18
C LYS A 42 -5.80 3.31 -6.34
N LYS A 43 -6.67 4.15 -6.91
CA LYS A 43 -6.38 5.58 -6.99
C LYS A 43 -6.42 6.07 -5.55
N LYS A 44 -7.43 5.66 -4.77
CA LYS A 44 -7.59 6.02 -3.36
C LYS A 44 -6.38 5.58 -2.54
N PHE A 45 -5.80 4.42 -2.85
CA PHE A 45 -4.63 3.92 -2.14
C PHE A 45 -3.49 4.95 -2.27
N LEU A 46 -3.27 5.49 -3.47
CA LEU A 46 -2.23 6.49 -3.72
C LEU A 46 -2.48 7.72 -2.86
N VAL A 47 -3.71 8.24 -2.89
CA VAL A 47 -4.17 9.42 -2.17
C VAL A 47 -3.94 9.31 -0.65
N PHE A 48 -3.98 8.10 -0.09
CA PHE A 48 -3.77 7.93 1.35
C PHE A 48 -2.30 8.14 1.69
N LEU A 49 -1.42 7.51 0.91
CA LEU A 49 0.02 7.53 1.07
C LEU A 49 0.67 8.85 0.67
N THR A 50 0.44 9.29 -0.57
CA THR A 50 0.98 10.50 -1.16
C THR A 50 -0.12 11.57 -1.13
N GLY A 51 0.27 12.83 -0.91
CA GLY A 51 -0.62 13.96 -0.81
C GLY A 51 -1.08 14.54 -2.15
N THR A 52 -1.00 13.77 -3.24
CA THR A 52 -1.40 14.23 -4.55
C THR A 52 -2.47 13.28 -5.08
N ASP A 53 -3.56 13.86 -5.58
CA ASP A 53 -4.68 13.10 -6.12
C ASP A 53 -4.47 12.80 -7.59
N ARG A 54 -5.31 11.88 -8.10
CA ARG A 54 -5.41 11.42 -9.49
C ARG A 54 -4.12 11.61 -10.29
N LEU A 55 -3.04 11.05 -9.75
CA LEU A 55 -1.71 11.14 -10.35
C LEU A 55 -1.73 10.55 -11.75
N GLN A 56 -1.11 11.25 -12.70
CA GLN A 56 -1.01 10.85 -14.12
C GLN A 56 0.00 9.70 -14.32
N MET A 57 0.18 9.21 -15.55
CA MET A 57 1.12 8.12 -15.86
C MET A 57 2.58 8.58 -15.70
N LYS A 58 2.89 9.84 -16.02
CA LYS A 58 4.24 10.39 -15.87
C LYS A 58 4.66 10.34 -14.39
N ASP A 59 3.70 10.28 -13.49
CA ASP A 59 3.88 10.21 -12.06
C ASP A 59 3.96 8.73 -11.66
N LEU A 60 3.01 7.90 -12.11
CA LEU A 60 2.94 6.48 -11.78
C LEU A 60 4.22 5.70 -12.16
N ASN A 61 4.83 5.97 -13.32
CA ASN A 61 6.05 5.24 -13.71
C ASN A 61 7.23 5.50 -12.76
N ASN A 62 7.18 6.52 -11.90
CA ASN A 62 8.24 6.83 -10.94
C ASN A 62 7.73 6.71 -9.50
N MET A 63 6.41 6.60 -9.31
CA MET A 63 5.72 6.46 -8.04
C MET A 63 6.13 5.16 -7.36
N LYS A 64 6.59 5.26 -6.12
CA LYS A 64 7.00 4.12 -5.29
C LYS A 64 6.37 4.30 -3.91
N ILE A 65 6.30 3.23 -3.14
CA ILE A 65 5.78 3.19 -1.78
C ILE A 65 6.91 2.58 -0.96
N THR A 66 7.13 3.09 0.26
CA THR A 66 8.16 2.60 1.16
C THR A 66 7.47 1.68 2.18
N PHE A 67 7.65 0.36 2.09
CA PHE A 67 7.04 -0.59 3.04
C PHE A 67 7.87 -0.62 4.32
N CYS A 68 7.21 -0.67 5.48
CA CYS A 68 7.82 -0.73 6.80
C CYS A 68 6.81 -1.28 7.81
N CYS A 69 7.28 -1.76 8.95
CA CYS A 69 6.51 -2.30 10.08
C CYS A 69 7.26 -1.84 11.34
N PRO A 70 6.78 -0.84 12.08
CA PRO A 70 7.43 -0.30 13.28
C PRO A 70 8.02 -1.38 14.20
N GLU A 71 9.02 -1.01 15.00
CA GLU A 71 9.71 -1.90 15.94
C GLU A 71 8.76 -2.68 16.86
N SER A 72 7.54 -2.15 17.03
CA SER A 72 6.51 -2.75 17.84
C SER A 72 5.18 -2.75 17.09
N TRP A 73 5.20 -3.06 15.78
CA TRP A 73 3.99 -3.16 14.97
C TRP A 73 3.00 -4.11 15.68
N ASN A 74 1.69 -3.88 15.53
CA ASN A 74 0.65 -4.72 16.12
C ASN A 74 -0.25 -5.14 14.98
N GLU A 75 -0.60 -6.42 14.93
CA GLU A 75 -1.42 -7.00 13.89
C GLU A 75 -2.75 -6.26 13.65
N ARG A 76 -3.43 -5.85 14.72
CA ARG A 76 -4.72 -5.19 14.59
C ARG A 76 -4.64 -3.67 14.53
N ASP A 77 -3.46 -3.05 14.57
CA ASP A 77 -3.39 -1.63 14.51
C ASP A 77 -3.67 -1.10 13.10
N PRO A 78 -4.17 0.16 12.97
CA PRO A 78 -4.49 0.75 11.68
C PRO A 78 -3.27 0.86 10.78
N ILE A 79 -3.46 0.77 9.46
CA ILE A 79 -2.33 0.90 8.54
C ILE A 79 -2.06 2.39 8.50
N ARG A 80 -0.99 2.83 9.16
CA ARG A 80 -0.65 4.25 9.15
C ARG A 80 0.24 4.53 7.94
N ALA A 81 0.71 5.75 7.82
CA ALA A 81 1.56 6.19 6.73
C ALA A 81 2.12 7.58 7.04
N LEU A 82 3.11 8.02 6.25
CA LEU A 82 3.75 9.33 6.34
C LEU A 82 3.96 9.79 4.91
N THR A 83 3.27 10.86 4.54
CA THR A 83 3.28 11.50 3.23
C THR A 83 4.56 12.26 2.91
N CYS A 84 5.47 12.48 3.88
CA CYS A 84 6.73 13.19 3.65
C CYS A 84 7.47 12.57 2.44
N PHE A 85 7.71 11.26 2.45
CA PHE A 85 8.38 10.55 1.36
C PHE A 85 7.57 9.34 0.85
N SER A 86 6.33 9.14 1.31
CA SER A 86 5.43 8.05 0.90
C SER A 86 5.78 6.68 1.51
N VAL A 87 5.67 6.55 2.84
CA VAL A 87 5.92 5.30 3.58
C VAL A 87 4.57 4.82 4.12
N LEU A 88 4.37 3.50 4.15
CA LEU A 88 3.18 2.81 4.58
C LEU A 88 3.56 1.87 5.71
N PHE A 89 3.02 2.08 6.92
CA PHE A 89 3.31 1.21 8.05
C PHE A 89 2.32 0.06 7.96
N LEU A 90 2.81 -1.07 7.43
CA LEU A 90 2.06 -2.29 7.23
C LEU A 90 2.47 -3.31 8.30
N PRO A 91 1.64 -3.58 9.33
CA PRO A 91 1.99 -4.56 10.35
C PRO A 91 2.04 -5.95 9.73
N LYS A 92 2.74 -6.90 10.37
CA LYS A 92 2.86 -8.26 9.86
C LYS A 92 1.55 -9.02 10.16
N TYR A 93 0.57 -8.94 9.27
CA TYR A 93 -0.70 -9.63 9.44
C TYR A 93 -0.48 -11.14 9.58
N SER A 94 -1.22 -11.78 10.48
CA SER A 94 -1.12 -13.21 10.69
C SER A 94 -1.77 -13.96 9.53
N THR A 95 -2.81 -13.40 8.92
CA THR A 95 -3.55 -14.01 7.83
C THR A 95 -3.63 -13.06 6.63
N MET A 96 -3.83 -13.63 5.44
CA MET A 96 -3.91 -12.88 4.19
C MET A 96 -5.23 -12.12 4.08
N GLU A 97 -6.34 -12.69 4.56
CA GLU A 97 -7.63 -12.04 4.52
C GLU A 97 -7.57 -10.74 5.32
N THR A 98 -6.89 -10.77 6.46
CA THR A 98 -6.71 -9.67 7.39
C THR A 98 -6.00 -8.50 6.70
N VAL A 99 -4.95 -8.74 5.89
CA VAL A 99 -4.28 -7.64 5.20
C VAL A 99 -5.21 -7.10 4.10
N GLU A 100 -6.02 -7.94 3.47
CA GLU A 100 -6.96 -7.52 2.44
C GLU A 100 -8.04 -6.66 3.10
N GLU A 101 -8.48 -7.01 4.31
CA GLU A 101 -9.49 -6.28 5.07
C GLU A 101 -8.95 -4.89 5.40
N ALA A 102 -7.68 -4.81 5.81
CA ALA A 102 -7.01 -3.56 6.14
C ALA A 102 -6.74 -2.75 4.85
N LEU A 103 -6.75 -3.39 3.66
CA LEU A 103 -6.55 -2.70 2.37
C LEU A 103 -7.74 -1.74 2.24
N GLN A 104 -8.94 -2.26 2.51
CA GLN A 104 -10.18 -1.47 2.47
C GLN A 104 -10.08 -0.30 3.42
N GLU A 105 -9.68 -0.52 4.66
CA GLU A 105 -9.56 0.57 5.62
C GLU A 105 -8.54 1.62 5.16
N ALA A 106 -7.41 1.21 4.60
CA ALA A 106 -6.39 2.14 4.14
C ALA A 106 -6.91 3.01 3.00
N ILE A 107 -7.57 2.43 1.98
CA ILE A 107 -8.09 3.25 0.88
C ILE A 107 -9.13 4.24 1.36
N ASN A 108 -9.97 3.88 2.34
CA ASN A 108 -11.00 4.79 2.88
C ASN A 108 -10.40 5.81 3.86
N ASN A 109 -9.07 5.94 3.89
CA ASN A 109 -8.27 6.84 4.71
C ASN A 109 -8.35 6.52 6.20
N ASN A 110 -8.66 5.28 6.59
CA ASN A 110 -8.80 4.83 7.98
C ASN A 110 -9.70 5.84 8.70
N ARG A 111 -10.95 5.95 8.23
CA ARG A 111 -11.93 6.88 8.78
C ARG A 111 -12.13 6.52 10.25
N GLY A 112 -11.67 7.34 11.18
CA GLY A 112 -11.79 7.10 12.62
C GLY A 112 -10.46 7.25 13.36
N PHE A 113 -9.40 7.74 12.70
CA PHE A 113 -8.06 7.91 13.29
C PHE A 113 -7.95 8.79 14.53
N GLY A 114 -9.00 9.56 14.79
CA GLY A 114 -9.14 10.50 15.90
C GLY A 114 -7.83 11.21 16.23
N GLY A 1 -12.03 -3.61 -13.23
CA GLY A 1 -11.61 -2.31 -13.74
C GLY A 1 -10.11 -2.11 -13.62
N ASN A 2 -9.41 -1.92 -14.75
CA ASN A 2 -7.96 -1.70 -14.83
C ASN A 2 -7.70 -0.99 -16.14
N THR A 3 -7.69 0.34 -16.12
CA THR A 3 -7.42 1.10 -17.32
C THR A 3 -5.91 1.06 -17.53
N ASP A 4 -5.47 1.48 -18.72
CA ASP A 4 -4.06 1.48 -19.08
C ASP A 4 -3.29 2.44 -18.19
N TYR A 5 -2.38 1.85 -17.43
CA TYR A 5 -1.43 2.39 -16.47
C TYR A 5 -0.45 1.23 -16.24
N ASP A 6 0.81 1.52 -15.89
CA ASP A 6 1.83 0.50 -15.67
C ASP A 6 1.93 0.16 -14.19
N TRP A 7 0.93 -0.58 -13.70
CA TRP A 7 0.88 -1.00 -12.30
C TRP A 7 2.03 -1.95 -11.99
N LYS A 8 2.39 -2.82 -12.96
CA LYS A 8 3.48 -3.77 -12.79
C LYS A 8 4.81 -3.05 -12.47
N THR A 9 5.05 -1.88 -13.07
CA THR A 9 6.28 -1.13 -12.83
C THR A 9 6.27 -0.52 -11.42
N PHE A 10 5.10 -0.16 -10.90
CA PHE A 10 4.93 0.48 -9.61
C PHE A 10 5.33 -0.46 -8.49
N GLU A 11 4.82 -1.70 -8.46
CA GLU A 11 5.18 -2.64 -7.41
C GLU A 11 6.69 -2.95 -7.48
N LYS A 12 7.23 -3.01 -8.72
CA LYS A 12 8.64 -3.27 -8.97
C LYS A 12 9.51 -2.11 -8.47
N ASN A 13 9.11 -0.86 -8.71
CA ASN A 13 9.86 0.33 -8.29
C ASN A 13 9.69 0.64 -6.80
N ALA A 14 8.86 -0.11 -6.07
CA ALA A 14 8.65 0.10 -4.64
C ALA A 14 9.97 -0.10 -3.87
N ARG A 15 10.02 0.46 -2.66
CA ARG A 15 11.16 0.37 -1.76
C ARG A 15 10.81 -0.72 -0.74
N TYR A 16 11.83 -1.34 -0.16
CA TYR A 16 11.70 -2.41 0.82
C TYR A 16 12.85 -2.22 1.82
N GLU A 17 12.57 -2.13 3.13
CA GLU A 17 13.65 -1.93 4.11
C GLU A 17 14.43 -3.23 4.35
N PRO A 18 15.68 -3.15 4.84
CA PRO A 18 16.52 -4.31 5.12
C PRO A 18 15.76 -5.35 5.95
N GLY A 19 15.75 -6.60 5.48
CA GLY A 19 15.07 -7.70 6.15
C GLY A 19 13.75 -8.04 5.46
N TYR A 20 13.33 -7.25 4.47
CA TYR A 20 12.10 -7.42 3.71
C TYR A 20 12.46 -7.38 2.23
N ASN A 21 11.70 -8.14 1.44
CA ASN A 21 11.80 -8.28 -0.01
C ASN A 21 10.38 -8.57 -0.49
N SER A 22 10.11 -8.44 -1.79
CA SER A 22 8.80 -8.68 -2.37
C SER A 22 8.27 -10.11 -2.14
N SER A 23 9.15 -11.08 -1.84
CA SER A 23 8.78 -12.48 -1.58
C SER A 23 8.36 -12.73 -0.12
N HIS A 24 8.50 -11.72 0.76
CA HIS A 24 8.17 -11.81 2.17
C HIS A 24 6.64 -11.99 2.31
N PRO A 25 6.15 -12.92 3.16
CA PRO A 25 4.74 -13.19 3.37
C PRO A 25 3.84 -11.96 3.45
N THR A 26 4.27 -10.90 4.15
CA THR A 26 3.47 -9.71 4.28
C THR A 26 3.30 -9.00 2.94
N ILE A 27 4.40 -8.66 2.26
CA ILE A 27 4.41 -7.97 0.98
C ILE A 27 3.78 -8.79 -0.15
N VAL A 28 4.20 -10.05 -0.34
CA VAL A 28 3.69 -10.90 -1.42
C VAL A 28 2.15 -10.98 -1.39
N MET A 29 1.57 -11.06 -0.19
CA MET A 29 0.14 -11.13 -0.02
C MET A 29 -0.52 -9.77 -0.14
N PHE A 30 0.10 -8.71 0.38
CA PHE A 30 -0.42 -7.35 0.30
C PHE A 30 -0.56 -6.96 -1.17
N TRP A 31 0.43 -7.31 -2.01
CA TRP A 31 0.37 -7.00 -3.44
C TRP A 31 -0.82 -7.74 -4.06
N LYS A 32 -1.19 -8.94 -3.56
CA LYS A 32 -2.34 -9.65 -4.12
C LYS A 32 -3.60 -8.81 -3.94
N ALA A 33 -3.83 -8.21 -2.76
CA ALA A 33 -5.02 -7.40 -2.52
C ALA A 33 -5.08 -6.30 -3.59
N PHE A 34 -3.96 -5.59 -3.76
CA PHE A 34 -3.80 -4.53 -4.73
C PHE A 34 -4.06 -5.00 -6.17
N HIS A 35 -3.76 -6.26 -6.50
CA HIS A 35 -3.95 -6.82 -7.82
C HIS A 35 -5.38 -7.35 -8.03
N LYS A 36 -6.11 -7.75 -6.98
CA LYS A 36 -7.49 -8.26 -7.12
C LYS A 36 -8.49 -7.09 -7.15
N LEU A 37 -8.18 -5.97 -6.49
CA LEU A 37 -9.06 -4.80 -6.48
C LEU A 37 -9.14 -4.11 -7.84
N THR A 38 -10.07 -3.16 -7.99
CA THR A 38 -10.28 -2.40 -9.21
C THR A 38 -9.49 -1.08 -9.18
N LEU A 39 -9.43 -0.41 -10.33
CA LEU A 39 -8.76 0.85 -10.60
C LEU A 39 -9.27 1.94 -9.66
N GLU A 40 -10.59 1.98 -9.49
CA GLU A 40 -11.28 2.93 -8.65
C GLU A 40 -10.78 2.83 -7.20
N GLU A 41 -10.59 1.61 -6.72
CA GLU A 41 -10.13 1.32 -5.37
C GLU A 41 -8.68 1.77 -5.20
N LYS A 42 -7.76 1.32 -6.08
CA LYS A 42 -6.36 1.73 -5.94
C LYS A 42 -6.21 3.25 -6.02
N LYS A 43 -7.08 3.96 -6.74
CA LYS A 43 -6.97 5.43 -6.81
C LYS A 43 -7.17 5.99 -5.40
N LYS A 44 -8.13 5.50 -4.62
CA LYS A 44 -8.36 5.99 -3.25
C LYS A 44 -7.18 5.62 -2.35
N PHE A 45 -6.56 4.47 -2.57
CA PHE A 45 -5.42 4.05 -1.78
C PHE A 45 -4.27 5.04 -2.03
N LEU A 46 -4.06 5.50 -3.28
CA LEU A 46 -3.02 6.47 -3.63
C LEU A 46 -3.26 7.75 -2.84
N VAL A 47 -4.50 8.25 -2.85
CA VAL A 47 -4.94 9.47 -2.16
C VAL A 47 -4.68 9.40 -0.65
N PHE A 48 -4.63 8.20 -0.07
CA PHE A 48 -4.36 8.04 1.36
C PHE A 48 -2.85 8.12 1.59
N LEU A 49 -2.09 7.33 0.83
CA LEU A 49 -0.64 7.26 0.96
C LEU A 49 0.13 8.49 0.46
N THR A 50 -0.38 9.20 -0.53
CA THR A 50 0.22 10.38 -1.12
C THR A 50 -0.78 11.52 -1.03
N GLY A 51 -0.28 12.74 -0.86
CA GLY A 51 -1.10 13.93 -0.73
C GLY A 51 -1.57 14.50 -2.08
N THR A 52 -1.60 13.71 -3.15
CA THR A 52 -2.03 14.16 -4.46
C THR A 52 -2.94 13.10 -5.06
N ASP A 53 -4.10 13.52 -5.58
CA ASP A 53 -5.09 12.63 -6.18
C ASP A 53 -4.82 12.42 -7.67
N ARG A 54 -5.53 11.45 -8.27
CA ARG A 54 -5.49 11.03 -9.67
C ARG A 54 -4.12 11.23 -10.35
N LEU A 55 -3.08 10.70 -9.71
CA LEU A 55 -1.70 10.78 -10.17
C LEU A 55 -1.62 10.31 -11.62
N GLN A 56 -0.95 11.10 -12.45
CA GLN A 56 -0.77 10.84 -13.88
C GLN A 56 0.15 9.65 -14.16
N MET A 57 0.24 9.24 -15.43
CA MET A 57 1.10 8.13 -15.85
C MET A 57 2.56 8.53 -15.56
N LYS A 58 2.93 9.78 -15.83
CA LYS A 58 4.29 10.28 -15.56
C LYS A 58 4.60 10.26 -14.06
N ASP A 59 3.59 10.17 -13.20
CA ASP A 59 3.73 10.17 -11.76
C ASP A 59 3.77 8.74 -11.23
N LEU A 60 2.78 7.92 -11.59
CA LEU A 60 2.66 6.54 -11.13
C LEU A 60 3.90 5.70 -11.41
N ASN A 61 4.47 5.81 -12.61
CA ASN A 61 5.67 5.03 -12.96
C ASN A 61 6.88 5.37 -12.08
N ASN A 62 6.93 6.55 -11.43
CA ASN A 62 8.04 6.97 -10.56
C ASN A 62 7.66 6.97 -9.08
N MET A 63 6.37 6.92 -8.78
CA MET A 63 5.83 6.88 -7.42
C MET A 63 6.32 5.59 -6.76
N LYS A 64 6.80 5.68 -5.53
CA LYS A 64 7.27 4.51 -4.79
C LYS A 64 6.69 4.49 -3.39
N ILE A 65 6.61 3.31 -2.81
CA ILE A 65 6.12 3.10 -1.46
C ILE A 65 7.25 2.48 -0.68
N THR A 66 7.49 3.01 0.52
CA THR A 66 8.51 2.48 1.40
C THR A 66 7.73 1.75 2.49
N PHE A 67 7.88 0.43 2.59
CA PHE A 67 7.20 -0.36 3.62
C PHE A 67 7.93 -0.10 4.95
N CYS A 68 7.26 -0.41 6.07
CA CYS A 68 7.78 -0.27 7.42
C CYS A 68 7.00 -1.18 8.37
N CYS A 69 7.60 -1.61 9.47
CA CYS A 69 7.02 -2.44 10.51
C CYS A 69 7.84 -2.20 11.78
N PRO A 70 7.44 -1.24 12.63
CA PRO A 70 8.14 -0.89 13.87
C PRO A 70 8.64 -2.08 14.69
N GLU A 71 9.62 -1.85 15.58
CA GLU A 71 10.19 -2.89 16.44
C GLU A 71 9.10 -3.50 17.37
N SER A 72 7.92 -2.90 17.38
CA SER A 72 6.75 -3.27 18.15
C SER A 72 5.48 -3.32 17.28
N TRP A 73 5.58 -3.61 15.97
CA TRP A 73 4.39 -3.71 15.10
C TRP A 73 3.35 -4.62 15.77
N ASN A 74 2.05 -4.35 15.56
CA ASN A 74 0.97 -5.13 16.15
C ASN A 74 0.03 -5.56 15.04
N GLU A 75 -0.46 -6.79 15.08
CA GLU A 75 -1.38 -7.36 14.10
C GLU A 75 -2.67 -6.55 13.95
N ARG A 76 -3.06 -5.85 15.02
CA ARG A 76 -4.27 -5.02 15.09
C ARG A 76 -3.94 -3.51 15.08
N ASP A 77 -2.73 -3.13 14.65
CA ASP A 77 -2.31 -1.72 14.57
C ASP A 77 -2.89 -1.15 13.26
N PRO A 78 -3.50 0.04 13.24
CA PRO A 78 -4.04 0.61 12.01
C PRO A 78 -2.91 1.00 11.04
N ILE A 79 -3.21 1.12 9.75
CA ILE A 79 -2.23 1.43 8.72
C ILE A 79 -1.87 2.93 8.78
N ARG A 80 -0.69 3.23 9.33
CA ARG A 80 -0.13 4.58 9.51
C ARG A 80 0.57 5.11 8.25
N ALA A 81 -0.19 5.70 7.33
CA ALA A 81 0.38 6.27 6.11
C ALA A 81 0.90 7.70 6.39
N LEU A 82 1.76 8.21 5.51
CA LEU A 82 2.36 9.56 5.57
C LEU A 82 2.39 10.11 4.13
N THR A 83 1.61 11.14 3.84
CA THR A 83 1.48 11.78 2.52
C THR A 83 2.76 12.34 1.90
N CYS A 84 3.78 12.66 2.69
CA CYS A 84 5.02 13.23 2.15
C CYS A 84 5.90 12.18 1.49
N PHE A 85 6.38 11.18 2.24
CA PHE A 85 7.26 10.15 1.72
C PHE A 85 6.51 8.98 1.09
N SER A 86 5.19 8.88 1.28
CA SER A 86 4.42 7.77 0.74
C SER A 86 4.91 6.45 1.35
N VAL A 87 5.25 6.46 2.65
CA VAL A 87 5.72 5.30 3.42
C VAL A 87 4.47 4.67 4.04
N LEU A 88 4.38 3.35 3.95
CA LEU A 88 3.27 2.56 4.44
C LEU A 88 3.72 1.61 5.54
N PHE A 89 3.28 1.90 6.75
CA PHE A 89 3.54 1.09 7.93
C PHE A 89 2.56 -0.05 7.75
N LEU A 90 3.08 -1.28 7.62
CA LEU A 90 2.27 -2.47 7.40
C LEU A 90 2.76 -3.58 8.36
N PRO A 91 1.99 -3.87 9.43
CA PRO A 91 2.32 -4.91 10.39
C PRO A 91 2.33 -6.31 9.73
N LYS A 92 2.89 -7.32 10.40
CA LYS A 92 2.92 -8.67 9.86
C LYS A 92 1.58 -9.33 10.18
N TYR A 93 0.60 -9.20 9.29
CA TYR A 93 -0.71 -9.81 9.48
C TYR A 93 -0.56 -11.32 9.43
N SER A 94 -1.16 -12.05 10.38
CA SER A 94 -1.09 -13.50 10.45
C SER A 94 -1.87 -14.18 9.32
N THR A 95 -2.94 -13.57 8.82
CA THR A 95 -3.74 -14.15 7.74
C THR A 95 -3.78 -13.20 6.55
N MET A 96 -4.02 -13.77 5.38
CA MET A 96 -4.09 -12.96 4.18
C MET A 96 -5.35 -12.09 4.26
N GLU A 97 -6.48 -12.64 4.74
CA GLU A 97 -7.70 -11.85 4.83
C GLU A 97 -7.55 -10.64 5.75
N THR A 98 -6.76 -10.70 6.82
CA THR A 98 -6.61 -9.52 7.67
C THR A 98 -5.87 -8.40 6.92
N VAL A 99 -4.90 -8.73 6.04
CA VAL A 99 -4.22 -7.66 5.29
C VAL A 99 -5.16 -7.13 4.20
N GLU A 100 -6.01 -8.01 3.64
CA GLU A 100 -6.97 -7.66 2.60
C GLU A 100 -7.97 -6.68 3.22
N GLU A 101 -8.47 -6.96 4.43
CA GLU A 101 -9.41 -6.11 5.14
C GLU A 101 -8.80 -4.71 5.37
N ALA A 102 -7.53 -4.64 5.79
CA ALA A 102 -6.82 -3.37 6.02
C ALA A 102 -6.66 -2.60 4.69
N LEU A 103 -6.71 -3.29 3.53
CA LEU A 103 -6.60 -2.67 2.22
C LEU A 103 -7.95 -1.97 2.01
N GLN A 104 -9.05 -2.73 2.15
CA GLN A 104 -10.40 -2.23 2.01
C GLN A 104 -10.64 -1.05 2.97
N GLU A 105 -10.15 -1.12 4.22
CA GLU A 105 -10.30 -0.05 5.20
C GLU A 105 -9.62 1.23 4.67
N ALA A 106 -8.38 1.13 4.17
CA ALA A 106 -7.64 2.27 3.65
C ALA A 106 -8.35 2.90 2.45
N ILE A 107 -8.88 2.13 1.50
CA ILE A 107 -9.57 2.75 0.37
C ILE A 107 -10.91 3.35 0.85
N ASN A 108 -11.56 2.75 1.84
CA ASN A 108 -12.83 3.21 2.41
C ASN A 108 -12.61 4.33 3.44
N ASN A 109 -11.40 4.89 3.51
CA ASN A 109 -10.94 5.96 4.38
C ASN A 109 -10.70 5.50 5.81
N ASN A 110 -9.43 5.17 6.11
CA ASN A 110 -8.98 4.70 7.43
C ASN A 110 -8.82 5.88 8.39
N ARG A 111 -9.93 6.60 8.62
CA ARG A 111 -10.05 7.76 9.50
C ARG A 111 -8.84 8.70 9.37
N GLY A 112 -8.22 9.09 10.49
CA GLY A 112 -7.07 9.96 10.61
C GLY A 112 -6.30 9.51 11.86
N PHE A 113 -5.44 10.39 12.34
CA PHE A 113 -4.58 10.18 13.50
C PHE A 113 -4.64 11.27 14.57
N GLY A 114 -5.45 12.30 14.33
CA GLY A 114 -5.65 13.45 15.20
C GLY A 114 -4.33 14.11 15.59
N GLY A 1 -11.49 -2.55 -13.38
CA GLY A 1 -10.81 -1.25 -13.26
C GLY A 1 -9.74 -1.07 -14.33
N ASN A 2 -8.46 -0.91 -13.92
CA ASN A 2 -7.26 -0.70 -14.73
C ASN A 2 -7.54 0.06 -16.05
N THR A 3 -7.86 1.36 -15.96
CA THR A 3 -8.19 2.21 -17.10
C THR A 3 -6.91 2.68 -17.81
N ASP A 4 -6.14 1.74 -18.35
CA ASP A 4 -4.89 2.00 -19.05
C ASP A 4 -3.88 2.76 -18.17
N TYR A 5 -3.42 2.10 -17.12
CA TYR A 5 -2.44 2.59 -16.15
C TYR A 5 -1.51 1.40 -15.92
N ASP A 6 -0.20 1.60 -16.04
CA ASP A 6 0.84 0.60 -15.88
C ASP A 6 1.06 0.31 -14.39
N TRP A 7 0.39 -0.71 -13.86
CA TRP A 7 0.51 -1.11 -12.45
C TRP A 7 1.65 -2.09 -12.17
N LYS A 8 2.07 -2.89 -13.15
CA LYS A 8 3.16 -3.85 -12.98
C LYS A 8 4.44 -3.12 -12.56
N THR A 9 4.77 -2.02 -13.24
CA THR A 9 5.97 -1.27 -12.92
C THR A 9 5.89 -0.65 -11.53
N PHE A 10 4.70 -0.35 -11.02
CA PHE A 10 4.55 0.26 -9.72
C PHE A 10 5.01 -0.69 -8.64
N GLU A 11 4.49 -1.91 -8.62
CA GLU A 11 4.90 -2.85 -7.58
C GLU A 11 6.40 -3.14 -7.75
N LYS A 12 6.89 -3.17 -8.99
CA LYS A 12 8.29 -3.40 -9.29
C LYS A 12 9.19 -2.29 -8.75
N ASN A 13 8.81 -1.02 -8.89
CA ASN A 13 9.59 0.14 -8.43
C ASN A 13 9.50 0.38 -6.91
N ALA A 14 8.62 -0.33 -6.19
CA ALA A 14 8.44 -0.19 -4.74
C ALA A 14 9.75 -0.46 -3.97
N ARG A 15 9.81 0.03 -2.73
CA ARG A 15 10.93 -0.08 -1.80
C ARG A 15 10.52 -0.90 -0.59
N TYR A 16 11.48 -1.63 -0.05
CA TYR A 16 11.38 -2.50 1.12
C TYR A 16 12.54 -2.20 2.05
N GLU A 17 12.27 -2.03 3.33
CA GLU A 17 13.26 -1.75 4.36
C GLU A 17 14.18 -2.99 4.51
N PRO A 18 15.38 -2.81 5.11
CA PRO A 18 16.30 -3.92 5.28
C PRO A 18 15.67 -5.00 6.16
N GLY A 19 15.63 -6.23 5.64
CA GLY A 19 15.07 -7.41 6.28
C GLY A 19 13.83 -7.94 5.57
N TYR A 20 13.21 -7.19 4.65
CA TYR A 20 12.00 -7.63 3.94
C TYR A 20 12.24 -7.66 2.43
N ASN A 21 11.28 -8.21 1.67
CA ASN A 21 11.30 -8.36 0.22
C ASN A 21 9.91 -8.73 -0.27
N SER A 22 9.66 -8.65 -1.58
CA SER A 22 8.38 -9.00 -2.18
C SER A 22 8.00 -10.47 -1.93
N SER A 23 8.97 -11.35 -1.67
CA SER A 23 8.72 -12.76 -1.40
C SER A 23 8.40 -13.03 0.07
N HIS A 24 8.66 -12.09 0.97
CA HIS A 24 8.36 -12.28 2.40
C HIS A 24 6.83 -12.40 2.53
N PRO A 25 6.31 -13.38 3.30
CA PRO A 25 4.88 -13.62 3.50
C PRO A 25 3.94 -12.42 3.57
N THR A 26 4.29 -11.38 4.32
CA THR A 26 3.43 -10.21 4.44
C THR A 26 3.27 -9.49 3.09
N ILE A 27 4.39 -9.15 2.44
CA ILE A 27 4.43 -8.43 1.19
C ILE A 27 3.86 -9.24 0.01
N VAL A 28 4.19 -10.53 -0.14
CA VAL A 28 3.66 -11.30 -1.27
C VAL A 28 2.12 -11.23 -1.24
N MET A 29 1.53 -11.42 -0.05
CA MET A 29 0.10 -11.35 0.17
C MET A 29 -0.40 -9.91 -0.04
N PHE A 30 0.31 -8.92 0.49
CA PHE A 30 -0.06 -7.52 0.35
C PHE A 30 -0.32 -7.17 -1.11
N TRP A 31 0.59 -7.55 -2.00
CA TRP A 31 0.42 -7.25 -3.42
C TRP A 31 -0.84 -7.90 -3.97
N LYS A 32 -1.26 -9.09 -3.50
CA LYS A 32 -2.50 -9.71 -4.00
C LYS A 32 -3.65 -8.73 -3.83
N ALA A 33 -3.76 -8.10 -2.66
CA ALA A 33 -4.82 -7.14 -2.40
C ALA A 33 -4.77 -5.98 -3.40
N PHE A 34 -3.57 -5.51 -3.74
CA PHE A 34 -3.31 -4.43 -4.69
C PHE A 34 -3.67 -4.83 -6.13
N HIS A 35 -3.58 -6.11 -6.49
CA HIS A 35 -3.89 -6.60 -7.83
C HIS A 35 -5.40 -6.87 -8.01
N LYS A 36 -6.10 -7.43 -7.01
CA LYS A 36 -7.54 -7.76 -7.08
C LYS A 36 -8.50 -6.57 -7.11
N LEU A 37 -8.19 -5.48 -6.42
CA LEU A 37 -9.05 -4.29 -6.35
C LEU A 37 -9.22 -3.57 -7.69
N THR A 38 -10.16 -2.63 -7.77
CA THR A 38 -10.44 -1.83 -8.97
C THR A 38 -9.57 -0.58 -9.01
N LEU A 39 -9.72 0.17 -10.10
CA LEU A 39 -8.97 1.39 -10.36
C LEU A 39 -9.26 2.44 -9.29
N GLU A 40 -10.54 2.68 -8.99
CA GLU A 40 -10.97 3.66 -8.00
C GLU A 40 -10.37 3.33 -6.64
N GLU A 41 -10.40 2.06 -6.27
CA GLU A 41 -9.86 1.57 -5.00
C GLU A 41 -8.36 1.91 -4.93
N LYS A 42 -7.57 1.64 -5.98
CA LYS A 42 -6.14 1.99 -5.89
C LYS A 42 -5.91 3.48 -5.93
N LYS A 43 -6.78 4.29 -6.54
CA LYS A 43 -6.57 5.73 -6.53
C LYS A 43 -6.64 6.16 -5.07
N LYS A 44 -7.63 5.68 -4.32
CA LYS A 44 -7.75 6.01 -2.90
C LYS A 44 -6.49 5.60 -2.16
N PHE A 45 -5.94 4.41 -2.44
CA PHE A 45 -4.73 3.90 -1.81
C PHE A 45 -3.56 4.85 -2.07
N LEU A 46 -3.38 5.27 -3.32
CA LEU A 46 -2.32 6.18 -3.67
C LEU A 46 -2.51 7.45 -2.87
N VAL A 47 -3.68 8.08 -2.93
CA VAL A 47 -3.97 9.33 -2.21
C VAL A 47 -3.86 9.16 -0.69
N PHE A 48 -3.98 7.94 -0.17
CA PHE A 48 -3.85 7.64 1.25
C PHE A 48 -2.37 7.66 1.64
N LEU A 49 -1.43 7.64 0.68
CA LEU A 49 0.01 7.62 0.95
C LEU A 49 0.74 8.81 0.35
N THR A 50 0.15 9.43 -0.67
CA THR A 50 0.75 10.55 -1.35
C THR A 50 0.28 11.90 -0.84
N GLY A 51 1.02 12.95 -1.21
CA GLY A 51 0.73 14.33 -0.87
C GLY A 51 -0.03 15.03 -1.99
N THR A 52 -0.60 14.28 -2.93
CA THR A 52 -1.35 14.84 -4.04
C THR A 52 -2.48 13.87 -4.37
N ASP A 53 -3.65 14.44 -4.67
CA ASP A 53 -4.87 13.74 -5.01
C ASP A 53 -4.91 13.40 -6.50
N ARG A 54 -5.79 12.46 -6.90
CA ARG A 54 -6.09 11.93 -8.23
C ARG A 54 -4.93 11.92 -9.23
N LEU A 55 -3.73 11.59 -8.75
CA LEU A 55 -2.48 11.54 -9.51
C LEU A 55 -2.68 10.77 -10.82
N GLN A 56 -2.07 11.29 -11.89
CA GLN A 56 -2.15 10.73 -13.23
C GLN A 56 -1.14 9.59 -13.43
N MET A 57 -1.13 9.00 -14.63
CA MET A 57 -0.23 7.90 -15.02
C MET A 57 1.22 8.37 -15.05
N LYS A 58 1.48 9.58 -15.59
CA LYS A 58 2.83 10.12 -15.68
C LYS A 58 3.47 10.11 -14.30
N ASP A 59 2.72 10.55 -13.29
CA ASP A 59 3.18 10.61 -11.91
C ASP A 59 3.46 9.20 -11.37
N LEU A 60 2.49 8.29 -11.59
CA LEU A 60 2.53 6.91 -11.15
C LEU A 60 3.82 6.20 -11.55
N ASN A 61 4.30 6.45 -12.77
CA ASN A 61 5.53 5.84 -13.27
C ASN A 61 6.79 6.17 -12.45
N ASN A 62 6.72 7.15 -11.53
CA ASN A 62 7.82 7.54 -10.66
C ASN A 62 7.44 7.35 -9.18
N MET A 63 6.18 7.01 -8.89
CA MET A 63 5.69 6.80 -7.54
C MET A 63 6.16 5.44 -7.04
N LYS A 64 6.67 5.41 -5.81
CA LYS A 64 7.15 4.23 -5.11
C LYS A 64 6.54 4.25 -3.71
N ILE A 65 6.56 3.12 -3.01
CA ILE A 65 6.06 3.02 -1.65
C ILE A 65 7.15 2.33 -0.84
N THR A 66 7.31 2.72 0.42
CA THR A 66 8.30 2.15 1.30
C THR A 66 7.57 1.44 2.44
N PHE A 67 7.58 0.11 2.47
CA PHE A 67 6.91 -0.64 3.54
C PHE A 67 7.76 -0.56 4.81
N CYS A 68 7.13 -0.48 5.98
CA CYS A 68 7.78 -0.40 7.28
C CYS A 68 6.89 -1.04 8.34
N CYS A 69 7.49 -1.52 9.42
CA CYS A 69 6.86 -2.15 10.57
C CYS A 69 7.60 -1.58 11.80
N PRO A 70 7.12 -0.48 12.41
CA PRO A 70 7.77 0.16 13.55
C PRO A 70 8.16 -0.80 14.68
N GLU A 71 9.05 -0.31 15.57
CA GLU A 71 9.62 -1.01 16.72
C GLU A 71 8.60 -1.77 17.57
N SER A 72 7.34 -1.35 17.52
CA SER A 72 6.25 -2.00 18.24
C SER A 72 5.04 -2.20 17.33
N TRP A 73 5.22 -2.66 16.09
CA TRP A 73 4.09 -2.93 15.21
C TRP A 73 3.20 -3.97 15.94
N ASN A 74 1.90 -4.00 15.66
CA ASN A 74 0.99 -4.94 16.32
C ASN A 74 0.17 -5.68 15.28
N GLU A 75 0.02 -6.99 15.43
CA GLU A 75 -0.76 -7.84 14.52
C GLU A 75 -2.20 -7.33 14.36
N ARG A 76 -2.72 -6.66 15.38
CA ARG A 76 -4.07 -6.12 15.44
C ARG A 76 -4.17 -4.64 15.13
N ASP A 77 -3.11 -3.97 14.70
CA ASP A 77 -3.16 -2.55 14.40
C ASP A 77 -3.48 -2.32 12.93
N PRO A 78 -4.01 -1.14 12.57
CA PRO A 78 -4.35 -0.81 11.20
C PRO A 78 -3.14 -0.29 10.41
N ILE A 79 -3.31 -0.18 9.10
CA ILE A 79 -2.30 0.32 8.19
C ILE A 79 -2.35 1.84 8.37
N ARG A 80 -1.22 2.47 8.71
CA ARG A 80 -1.10 3.91 8.93
C ARG A 80 -0.02 4.52 8.03
N ALA A 81 -0.37 4.95 6.83
CA ALA A 81 0.59 5.54 5.90
C ALA A 81 0.96 6.98 6.29
N LEU A 82 2.18 7.41 5.95
CA LEU A 82 2.71 8.74 6.21
C LEU A 82 3.23 9.32 4.90
N THR A 83 2.68 10.47 4.54
CA THR A 83 3.02 11.20 3.35
C THR A 83 4.49 11.67 3.31
N CYS A 84 5.16 11.73 4.46
CA CYS A 84 6.55 12.16 4.66
C CYS A 84 7.49 11.73 3.54
N PHE A 85 7.46 10.46 3.15
CA PHE A 85 8.27 9.90 2.07
C PHE A 85 7.57 8.70 1.43
N SER A 86 6.23 8.75 1.35
CA SER A 86 5.41 7.68 0.79
C SER A 86 5.72 6.38 1.59
N VAL A 87 5.75 6.45 2.93
CA VAL A 87 6.03 5.29 3.79
C VAL A 87 4.68 4.72 4.23
N LEU A 88 4.60 3.40 4.32
CA LEU A 88 3.40 2.67 4.68
C LEU A 88 3.66 1.71 5.83
N PHE A 89 3.07 2.00 7.00
CA PHE A 89 3.23 1.14 8.16
C PHE A 89 2.30 -0.06 7.91
N LEU A 90 2.87 -1.26 7.90
CA LEU A 90 2.22 -2.53 7.67
C LEU A 90 2.70 -3.53 8.73
N PRO A 91 1.87 -3.93 9.71
CA PRO A 91 2.27 -4.90 10.71
C PRO A 91 2.40 -6.28 10.05
N LYS A 92 3.08 -7.23 10.69
CA LYS A 92 3.23 -8.58 10.13
C LYS A 92 1.95 -9.37 10.40
N TYR A 93 0.91 -9.13 9.61
CA TYR A 93 -0.37 -9.81 9.72
C TYR A 93 -0.14 -11.32 9.55
N SER A 94 -0.60 -12.11 10.52
CA SER A 94 -0.46 -13.56 10.54
C SER A 94 -1.31 -14.33 9.51
N THR A 95 -2.25 -13.70 8.79
CA THR A 95 -3.09 -14.39 7.81
C THR A 95 -3.25 -13.49 6.57
N MET A 96 -3.66 -14.06 5.43
CA MET A 96 -3.87 -13.27 4.22
C MET A 96 -5.18 -12.50 4.35
N GLU A 97 -6.18 -13.08 5.00
CA GLU A 97 -7.49 -12.46 5.22
C GLU A 97 -7.38 -11.18 6.04
N THR A 98 -6.42 -11.08 6.95
CA THR A 98 -6.24 -9.88 7.76
C THR A 98 -5.58 -8.80 6.88
N VAL A 99 -4.55 -9.14 6.11
CA VAL A 99 -3.89 -8.15 5.26
C VAL A 99 -4.76 -7.72 4.07
N GLU A 100 -5.65 -8.59 3.56
CA GLU A 100 -6.54 -8.25 2.45
C GLU A 100 -7.58 -7.25 2.95
N GLU A 101 -8.15 -7.49 4.14
CA GLU A 101 -9.13 -6.60 4.72
C GLU A 101 -8.49 -5.28 5.16
N ALA A 102 -7.23 -5.30 5.60
CA ALA A 102 -6.53 -4.11 6.02
C ALA A 102 -6.43 -3.13 4.84
N LEU A 103 -6.25 -3.64 3.61
CA LEU A 103 -6.17 -2.82 2.40
C LEU A 103 -7.52 -2.13 2.18
N GLN A 104 -8.61 -2.90 2.26
CA GLN A 104 -9.98 -2.40 2.08
C GLN A 104 -10.31 -1.28 3.07
N GLU A 105 -9.73 -1.29 4.27
CA GLU A 105 -9.95 -0.27 5.27
C GLU A 105 -9.27 1.04 4.83
N ALA A 106 -7.99 0.98 4.48
CA ALA A 106 -7.18 2.12 4.06
C ALA A 106 -7.87 2.93 2.97
N ILE A 107 -8.33 2.27 1.90
CA ILE A 107 -9.00 2.93 0.79
C ILE A 107 -10.30 3.62 1.20
N ASN A 108 -10.99 3.13 2.23
CA ASN A 108 -12.23 3.75 2.73
C ASN A 108 -11.92 4.83 3.76
N ASN A 109 -10.64 5.11 4.01
CA ASN A 109 -10.02 6.06 4.92
C ASN A 109 -10.05 5.47 6.32
N ASN A 110 -8.93 4.90 6.76
CA ASN A 110 -8.86 4.34 8.11
C ASN A 110 -8.94 5.54 9.05
N ARG A 111 -10.15 5.82 9.54
CA ARG A 111 -10.56 6.91 10.42
C ARG A 111 -9.43 7.79 10.92
N GLY A 112 -9.34 8.95 10.27
CA GLY A 112 -8.36 9.97 10.56
C GLY A 112 -7.56 10.34 9.32
N PHE A 113 -7.16 11.60 9.29
CA PHE A 113 -6.38 12.31 8.27
C PHE A 113 -6.82 12.09 6.82
N GLY A 114 -6.19 12.83 5.89
CA GLY A 114 -6.48 12.75 4.47
C GLY A 114 -7.95 13.12 4.17
N GLY A 1 -12.57 -2.87 -14.20
CA GLY A 1 -12.23 -1.48 -13.87
C GLY A 1 -10.75 -1.18 -14.07
N ASN A 2 -9.83 -2.12 -13.78
CA ASN A 2 -8.38 -1.92 -13.94
C ASN A 2 -8.09 -1.47 -15.36
N THR A 3 -7.74 -0.20 -15.56
CA THR A 3 -7.48 0.32 -16.88
C THR A 3 -6.43 1.45 -16.83
N ASP A 4 -6.13 1.89 -18.04
CA ASP A 4 -5.27 2.93 -18.58
C ASP A 4 -4.07 3.39 -17.74
N TYR A 5 -3.45 2.47 -16.99
CA TYR A 5 -2.29 2.68 -16.12
C TYR A 5 -1.41 1.42 -16.08
N ASP A 6 -0.18 1.54 -15.59
CA ASP A 6 0.82 0.48 -15.44
C ASP A 6 1.00 0.18 -13.96
N TRP A 7 0.35 -0.88 -13.48
CA TRP A 7 0.43 -1.30 -12.09
C TRP A 7 1.61 -2.23 -11.78
N LYS A 8 2.15 -2.94 -12.79
CA LYS A 8 3.27 -3.86 -12.62
C LYS A 8 4.52 -3.10 -12.21
N THR A 9 4.82 -2.04 -12.95
CA THR A 9 5.97 -1.21 -12.71
C THR A 9 5.93 -0.59 -11.31
N PHE A 10 4.74 -0.35 -10.74
CA PHE A 10 4.63 0.26 -9.43
C PHE A 10 5.09 -0.72 -8.36
N GLU A 11 4.56 -1.94 -8.35
CA GLU A 11 4.97 -2.90 -7.32
C GLU A 11 6.48 -3.20 -7.43
N LYS A 12 6.98 -3.28 -8.67
CA LYS A 12 8.38 -3.53 -8.97
C LYS A 12 9.25 -2.41 -8.42
N ASN A 13 8.84 -1.15 -8.57
CA ASN A 13 9.60 0.01 -8.11
C ASN A 13 9.52 0.31 -6.61
N ALA A 14 8.68 -0.38 -5.85
CA ALA A 14 8.54 -0.16 -4.41
C ALA A 14 9.86 -0.34 -3.65
N ARG A 15 9.89 0.24 -2.45
CA ARG A 15 10.99 0.23 -1.49
C ARG A 15 10.54 -0.59 -0.29
N TYR A 16 11.51 -1.25 0.31
CA TYR A 16 11.34 -2.12 1.45
C TYR A 16 12.56 -1.93 2.34
N GLU A 17 12.35 -1.63 3.62
CA GLU A 17 13.44 -1.45 4.57
C GLU A 17 14.01 -2.87 4.87
N PRO A 18 15.15 -3.02 5.55
CA PRO A 18 15.72 -4.33 5.84
C PRO A 18 14.78 -5.19 6.70
N GLY A 19 15.08 -6.49 6.76
CA GLY A 19 14.33 -7.47 7.52
C GLY A 19 13.11 -8.03 6.78
N TYR A 20 12.67 -7.42 5.68
CA TYR A 20 11.55 -7.85 4.85
C TYR A 20 12.00 -7.80 3.39
N ASN A 21 11.18 -8.25 2.44
CA ASN A 21 11.50 -8.28 1.01
C ASN A 21 10.25 -8.48 0.18
N SER A 22 10.33 -8.34 -1.15
CA SER A 22 9.18 -8.51 -2.03
C SER A 22 8.59 -9.93 -1.95
N SER A 23 9.47 -10.94 -1.84
CA SER A 23 9.11 -12.34 -1.74
C SER A 23 8.63 -12.69 -0.33
N HIS A 24 8.78 -11.79 0.67
CA HIS A 24 8.30 -12.11 2.02
C HIS A 24 6.77 -12.25 1.94
N PRO A 25 6.17 -13.31 2.53
CA PRO A 25 4.74 -13.57 2.50
C PRO A 25 3.83 -12.35 2.62
N THR A 26 3.94 -11.56 3.69
CA THR A 26 3.12 -10.38 3.89
C THR A 26 3.17 -9.41 2.70
N ILE A 27 4.34 -9.20 2.10
CA ILE A 27 4.47 -8.29 0.97
C ILE A 27 3.77 -8.95 -0.23
N VAL A 28 4.08 -10.20 -0.59
CA VAL A 28 3.39 -10.88 -1.70
C VAL A 28 1.86 -10.78 -1.48
N MET A 29 1.36 -11.06 -0.27
CA MET A 29 -0.06 -11.00 0.07
C MET A 29 -0.62 -9.58 -0.15
N PHE A 30 0.11 -8.54 0.24
CA PHE A 30 -0.32 -7.16 0.04
C PHE A 30 -0.49 -6.90 -1.46
N TRP A 31 0.48 -7.36 -2.26
CA TRP A 31 0.41 -7.18 -3.71
C TRP A 31 -0.79 -7.94 -4.28
N LYS A 32 -1.18 -9.10 -3.72
CA LYS A 32 -2.34 -9.84 -4.20
C LYS A 32 -3.58 -8.97 -4.05
N ALA A 33 -3.74 -8.30 -2.90
CA ALA A 33 -4.87 -7.43 -2.63
C ALA A 33 -4.85 -6.26 -3.61
N PHE A 34 -3.68 -5.65 -3.81
CA PHE A 34 -3.49 -4.53 -4.71
C PHE A 34 -3.77 -4.90 -6.17
N HIS A 35 -3.62 -6.17 -6.56
CA HIS A 35 -3.88 -6.60 -7.93
C HIS A 35 -5.35 -6.94 -8.18
N LYS A 36 -6.08 -7.49 -7.20
CA LYS A 36 -7.49 -7.87 -7.38
C LYS A 36 -8.47 -6.69 -7.34
N LEU A 37 -8.16 -5.63 -6.60
CA LEU A 37 -9.02 -4.46 -6.48
C LEU A 37 -9.26 -3.76 -7.83
N THR A 38 -10.21 -2.83 -7.89
CA THR A 38 -10.50 -2.09 -9.11
C THR A 38 -9.67 -0.80 -9.16
N LEU A 39 -9.66 -0.15 -10.31
CA LEU A 39 -8.93 1.08 -10.56
C LEU A 39 -9.30 2.14 -9.54
N GLU A 40 -10.59 2.32 -9.29
CA GLU A 40 -11.11 3.32 -8.36
C GLU A 40 -10.70 3.03 -6.91
N GLU A 41 -10.49 1.77 -6.54
CA GLU A 41 -10.10 1.40 -5.19
C GLU A 41 -8.62 1.73 -4.98
N LYS A 42 -7.72 1.40 -5.92
CA LYS A 42 -6.30 1.74 -5.71
C LYS A 42 -6.08 3.26 -5.68
N LYS A 43 -6.90 4.04 -6.39
CA LYS A 43 -6.75 5.49 -6.38
C LYS A 43 -6.95 6.01 -4.95
N LYS A 44 -7.97 5.52 -4.24
CA LYS A 44 -8.23 5.94 -2.85
C LYS A 44 -6.99 5.66 -2.00
N PHE A 45 -6.40 4.47 -2.13
CA PHE A 45 -5.20 4.07 -1.39
C PHE A 45 -4.09 5.12 -1.59
N LEU A 46 -3.83 5.52 -2.83
CA LEU A 46 -2.79 6.50 -3.11
C LEU A 46 -3.06 7.85 -2.43
N VAL A 47 -4.32 8.29 -2.32
CA VAL A 47 -4.67 9.55 -1.66
C VAL A 47 -4.41 9.45 -0.15
N PHE A 48 -4.44 8.24 0.43
CA PHE A 48 -4.18 8.03 1.85
C PHE A 48 -2.67 7.92 2.12
N LEU A 49 -1.89 7.50 1.12
CA LEU A 49 -0.45 7.34 1.23
C LEU A 49 0.36 8.59 0.83
N THR A 50 -0.13 9.37 -0.13
CA THR A 50 0.53 10.57 -0.64
C THR A 50 -0.45 11.76 -0.53
N GLY A 51 0.00 12.99 -0.78
CA GLY A 51 -0.84 14.19 -0.69
C GLY A 51 -1.38 14.64 -2.04
N THR A 52 -1.22 13.84 -3.11
CA THR A 52 -1.69 14.18 -4.44
C THR A 52 -2.74 13.18 -4.88
N ASP A 53 -3.84 13.70 -5.40
CA ASP A 53 -4.97 12.93 -5.90
C ASP A 53 -4.83 12.73 -7.40
N ARG A 54 -5.65 11.84 -7.97
CA ARG A 54 -5.70 11.45 -9.39
C ARG A 54 -4.34 11.55 -10.09
N LEU A 55 -3.31 10.96 -9.48
CA LEU A 55 -1.95 10.95 -10.01
C LEU A 55 -1.97 10.27 -11.38
N GLN A 56 -1.25 10.85 -12.32
CA GLN A 56 -1.15 10.38 -13.71
C GLN A 56 -0.13 9.27 -13.94
N MET A 57 -0.12 8.70 -15.15
CA MET A 57 0.79 7.63 -15.55
C MET A 57 2.24 8.09 -15.42
N LYS A 58 2.52 9.34 -15.83
CA LYS A 58 3.85 9.94 -15.76
C LYS A 58 4.35 10.00 -14.31
N ASP A 59 3.45 9.92 -13.34
CA ASP A 59 3.76 9.94 -11.93
C ASP A 59 3.83 8.50 -11.45
N LEU A 60 2.84 7.67 -11.79
CA LEU A 60 2.71 6.26 -11.43
C LEU A 60 3.96 5.45 -11.78
N ASN A 61 4.55 5.64 -12.96
CA ASN A 61 5.75 4.90 -13.36
C ASN A 61 6.98 5.24 -12.50
N ASN A 62 6.95 6.34 -11.74
CA ASN A 62 8.05 6.75 -10.87
C ASN A 62 7.66 6.67 -9.39
N MET A 63 6.36 6.62 -9.11
CA MET A 63 5.77 6.55 -7.79
C MET A 63 6.20 5.23 -7.14
N LYS A 64 6.65 5.31 -5.89
CA LYS A 64 7.10 4.18 -5.09
C LYS A 64 6.45 4.25 -3.72
N ILE A 65 6.44 3.14 -2.98
CA ILE A 65 5.92 3.07 -1.63
C ILE A 65 7.05 2.48 -0.78
N THR A 66 7.17 2.91 0.47
CA THR A 66 8.20 2.39 1.38
C THR A 66 7.45 1.70 2.52
N PHE A 67 7.51 0.37 2.56
CA PHE A 67 6.85 -0.40 3.61
C PHE A 67 7.67 -0.28 4.90
N CYS A 68 7.03 -0.15 6.05
CA CYS A 68 7.68 -0.03 7.36
C CYS A 68 6.71 -0.60 8.40
N CYS A 69 7.20 -1.21 9.49
CA CYS A 69 6.38 -1.77 10.56
C CYS A 69 6.79 -1.06 11.86
N PRO A 70 5.91 -0.29 12.52
CA PRO A 70 6.26 0.43 13.75
C PRO A 70 7.04 -0.42 14.73
N GLU A 71 7.83 0.21 15.62
CA GLU A 71 8.63 -0.51 16.61
C GLU A 71 7.75 -1.46 17.45
N SER A 72 6.49 -1.08 17.57
CA SER A 72 5.40 -1.71 18.29
C SER A 72 4.35 -2.36 17.39
N TRP A 73 4.64 -2.70 16.12
CA TRP A 73 3.68 -3.33 15.21
C TRP A 73 2.96 -4.55 15.83
N ASN A 74 1.76 -4.88 15.35
CA ASN A 74 0.97 -6.02 15.82
C ASN A 74 0.35 -6.70 14.60
N GLU A 75 0.15 -8.01 14.66
CA GLU A 75 -0.42 -8.84 13.60
C GLU A 75 -1.74 -8.31 13.02
N ARG A 76 -2.59 -7.67 13.82
CA ARG A 76 -3.87 -7.11 13.38
C ARG A 76 -3.90 -5.58 13.48
N ASP A 77 -2.74 -4.92 13.60
CA ASP A 77 -2.72 -3.45 13.74
C ASP A 77 -3.22 -2.76 12.47
N PRO A 78 -4.05 -1.71 12.56
CA PRO A 78 -4.54 -0.99 11.38
C PRO A 78 -3.40 -0.30 10.64
N ILE A 79 -3.58 -0.09 9.33
CA ILE A 79 -2.56 0.55 8.49
C ILE A 79 -2.57 2.07 8.68
N ARG A 80 -1.38 2.65 8.73
CA ARG A 80 -1.12 4.09 8.86
C ARG A 80 -0.25 4.48 7.65
N ALA A 81 0.19 5.74 7.55
CA ALA A 81 1.04 6.22 6.45
C ALA A 81 1.44 7.68 6.69
N LEU A 82 2.44 8.18 5.96
CA LEU A 82 2.92 9.55 6.05
C LEU A 82 3.23 10.05 4.65
N THR A 83 2.56 11.14 4.26
CA THR A 83 2.71 11.79 2.96
C THR A 83 4.12 12.31 2.70
N CYS A 84 4.94 12.45 3.75
CA CYS A 84 6.32 12.93 3.71
C CYS A 84 7.14 12.23 2.62
N PHE A 85 7.06 10.90 2.53
CA PHE A 85 7.79 10.14 1.52
C PHE A 85 7.03 8.89 1.06
N SER A 86 5.68 8.95 1.10
CA SER A 86 4.82 7.84 0.69
C SER A 86 5.21 6.56 1.44
N VAL A 87 5.41 6.67 2.76
CA VAL A 87 5.80 5.55 3.61
C VAL A 87 4.49 4.98 4.17
N LEU A 88 4.31 3.68 4.00
CA LEU A 88 3.13 2.93 4.43
C LEU A 88 3.49 2.10 5.65
N PHE A 89 2.80 2.35 6.77
CA PHE A 89 3.03 1.59 7.98
C PHE A 89 2.21 0.32 7.83
N LEU A 90 2.88 -0.78 7.45
CA LEU A 90 2.30 -2.09 7.22
C LEU A 90 2.90 -3.09 8.23
N PRO A 91 2.16 -3.50 9.26
CA PRO A 91 2.65 -4.46 10.24
C PRO A 91 2.79 -5.85 9.57
N LYS A 92 3.50 -6.80 10.21
CA LYS A 92 3.67 -8.12 9.62
C LYS A 92 2.39 -8.93 9.82
N TYR A 93 1.55 -9.01 8.79
CA TYR A 93 0.33 -9.78 8.88
C TYR A 93 0.70 -11.25 8.72
N SER A 94 0.10 -12.08 9.57
CA SER A 94 0.31 -13.51 9.55
C SER A 94 -0.55 -14.18 8.46
N THR A 95 -1.76 -13.69 8.23
CA THR A 95 -2.68 -14.26 7.25
C THR A 95 -2.96 -13.26 6.13
N MET A 96 -3.20 -13.80 4.94
CA MET A 96 -3.49 -12.98 3.77
C MET A 96 -4.84 -12.30 3.91
N GLU A 97 -5.81 -12.95 4.57
CA GLU A 97 -7.13 -12.40 4.75
C GLU A 97 -7.09 -11.07 5.49
N THR A 98 -6.28 -10.94 6.55
CA THR A 98 -6.21 -9.71 7.31
C THR A 98 -5.45 -8.62 6.54
N VAL A 99 -4.43 -8.95 5.72
CA VAL A 99 -3.80 -7.87 4.97
C VAL A 99 -4.85 -7.42 3.93
N GLU A 100 -5.69 -8.32 3.40
CA GLU A 100 -6.74 -8.00 2.46
C GLU A 100 -7.82 -7.18 3.18
N GLU A 101 -8.11 -7.45 4.46
CA GLU A 101 -9.09 -6.72 5.27
C GLU A 101 -8.62 -5.27 5.39
N ALA A 102 -7.35 -5.10 5.75
CA ALA A 102 -6.69 -3.82 5.93
C ALA A 102 -6.64 -3.03 4.63
N LEU A 103 -6.59 -3.69 3.47
CA LEU A 103 -6.55 -3.01 2.18
C LEU A 103 -7.89 -2.27 2.05
N GLN A 104 -9.00 -2.98 2.29
CA GLN A 104 -10.34 -2.42 2.22
C GLN A 104 -10.53 -1.29 3.24
N GLU A 105 -9.89 -1.35 4.41
CA GLU A 105 -10.02 -0.30 5.41
C GLU A 105 -9.36 0.98 4.90
N ALA A 106 -8.09 0.90 4.50
CA ALA A 106 -7.32 2.03 3.99
C ALA A 106 -8.02 2.76 2.84
N ILE A 107 -8.60 2.04 1.87
CA ILE A 107 -9.29 2.67 0.74
C ILE A 107 -10.60 3.34 1.19
N ASN A 108 -11.13 2.98 2.36
CA ASN A 108 -12.33 3.54 2.98
C ASN A 108 -11.93 4.51 4.10
N ASN A 109 -10.66 4.91 4.09
CA ASN A 109 -9.98 5.81 5.00
C ASN A 109 -9.84 5.27 6.41
N ASN A 110 -8.62 4.87 6.81
CA ASN A 110 -8.40 4.42 8.19
C ASN A 110 -8.39 5.79 8.90
N ARG A 111 -9.56 6.29 9.31
CA ARG A 111 -9.77 7.57 9.94
C ARG A 111 -9.04 8.67 9.14
N GLY A 112 -8.57 9.71 9.80
CA GLY A 112 -7.84 10.84 9.30
C GLY A 112 -6.94 11.21 10.47
N PHE A 113 -5.78 11.77 10.19
CA PHE A 113 -4.79 12.17 11.19
C PHE A 113 -4.41 13.65 11.02
N GLY A 114 -3.60 14.19 11.93
CA GLY A 114 -3.15 15.58 11.90
C GLY A 114 -2.45 15.90 10.57
N GLY A 1 -10.87 -4.46 -11.96
CA GLY A 1 -10.91 -3.04 -12.34
C GLY A 1 -9.52 -2.51 -12.64
N ASN A 2 -9.13 -2.40 -13.92
CA ASN A 2 -7.84 -1.88 -14.33
C ASN A 2 -7.99 -1.26 -15.71
N THR A 3 -7.16 -0.28 -16.03
CA THR A 3 -7.10 0.44 -17.29
C THR A 3 -5.87 1.37 -17.21
N ASP A 4 -5.55 2.01 -18.33
CA ASP A 4 -4.51 2.98 -18.72
C ASP A 4 -3.46 3.35 -17.67
N TYR A 5 -2.81 2.39 -17.02
CA TYR A 5 -1.80 2.61 -16.00
C TYR A 5 -0.98 1.35 -15.85
N ASP A 6 0.34 1.51 -15.81
CA ASP A 6 1.32 0.45 -15.65
C ASP A 6 1.51 0.22 -14.16
N TRP A 7 0.78 -0.74 -13.60
CA TRP A 7 0.85 -1.07 -12.18
C TRP A 7 2.01 -2.01 -11.85
N LYS A 8 2.56 -2.68 -12.86
CA LYS A 8 3.68 -3.59 -12.72
C LYS A 8 4.94 -2.80 -12.40
N THR A 9 5.21 -1.73 -13.13
CA THR A 9 6.41 -0.95 -12.82
C THR A 9 6.31 -0.34 -11.42
N PHE A 10 5.10 -0.09 -10.92
CA PHE A 10 4.84 0.49 -9.62
C PHE A 10 5.22 -0.51 -8.53
N GLU A 11 4.70 -1.74 -8.56
CA GLU A 11 5.02 -2.73 -7.53
C GLU A 11 6.51 -3.10 -7.59
N LYS A 12 7.12 -3.03 -8.76
CA LYS A 12 8.54 -3.32 -8.97
C LYS A 12 9.40 -2.20 -8.37
N ASN A 13 9.05 -0.94 -8.59
CA ASN A 13 9.83 0.22 -8.11
C ASN A 13 9.67 0.54 -6.63
N ALA A 14 8.78 -0.16 -5.92
CA ALA A 14 8.56 0.03 -4.49
C ALA A 14 9.83 -0.25 -3.67
N ARG A 15 9.88 0.29 -2.45
CA ARG A 15 10.96 0.17 -1.49
C ARG A 15 10.42 -0.56 -0.27
N TYR A 16 11.28 -1.37 0.34
CA TYR A 16 10.97 -2.17 1.52
C TYR A 16 12.02 -1.87 2.56
N GLU A 17 11.61 -1.64 3.81
CA GLU A 17 12.60 -1.41 4.86
C GLU A 17 13.41 -2.71 5.00
N PRO A 18 14.68 -2.64 5.45
CA PRO A 18 15.50 -3.82 5.60
C PRO A 18 14.82 -4.83 6.52
N GLY A 19 14.99 -6.11 6.21
CA GLY A 19 14.42 -7.21 6.97
C GLY A 19 13.26 -7.89 6.26
N TYR A 20 12.80 -7.38 5.11
CA TYR A 20 11.69 -7.93 4.34
C TYR A 20 12.07 -8.00 2.86
N ASN A 21 11.23 -8.58 2.00
CA ASN A 21 11.50 -8.73 0.57
C ASN A 21 10.20 -8.88 -0.22
N SER A 22 10.19 -8.61 -1.52
CA SER A 22 9.00 -8.73 -2.36
C SER A 22 8.36 -10.13 -2.33
N SER A 23 9.21 -11.17 -2.31
CA SER A 23 8.77 -12.56 -2.27
C SER A 23 8.44 -13.02 -0.85
N HIS A 24 8.66 -12.19 0.18
CA HIS A 24 8.32 -12.60 1.53
C HIS A 24 6.79 -12.68 1.57
N PRO A 25 6.19 -13.76 2.12
CA PRO A 25 4.75 -13.95 2.20
C PRO A 25 3.91 -12.72 2.49
N THR A 26 4.26 -11.92 3.50
CA THR A 26 3.48 -10.73 3.85
C THR A 26 3.41 -9.74 2.67
N ILE A 27 4.52 -9.49 1.96
CA ILE A 27 4.54 -8.56 0.84
C ILE A 27 3.73 -9.20 -0.29
N VAL A 28 3.99 -10.46 -0.66
CA VAL A 28 3.23 -11.16 -1.70
C VAL A 28 1.73 -11.03 -1.41
N MET A 29 1.28 -11.34 -0.19
CA MET A 29 -0.12 -11.25 0.22
C MET A 29 -0.66 -9.83 0.08
N PHE A 30 0.12 -8.80 0.41
CA PHE A 30 -0.33 -7.42 0.27
C PHE A 30 -0.50 -7.13 -1.22
N TRP A 31 0.47 -7.50 -2.05
CA TRP A 31 0.41 -7.28 -3.47
C TRP A 31 -0.79 -8.01 -4.08
N LYS A 32 -1.18 -9.19 -3.55
CA LYS A 32 -2.33 -9.93 -4.07
C LYS A 32 -3.56 -9.02 -3.98
N ALA A 33 -3.78 -8.45 -2.79
CA ALA A 33 -4.88 -7.54 -2.49
C ALA A 33 -4.84 -6.35 -3.45
N PHE A 34 -3.66 -5.73 -3.62
CA PHE A 34 -3.47 -4.57 -4.48
C PHE A 34 -3.76 -4.91 -5.95
N HIS A 35 -3.49 -6.15 -6.38
CA HIS A 35 -3.70 -6.56 -7.74
C HIS A 35 -5.15 -6.99 -8.06
N LYS A 36 -6.00 -7.24 -7.06
CA LYS A 36 -7.40 -7.65 -7.31
C LYS A 36 -8.42 -6.54 -7.12
N LEU A 37 -8.11 -5.48 -6.36
CA LEU A 37 -9.05 -4.37 -6.17
C LEU A 37 -9.31 -3.63 -7.49
N THR A 38 -10.31 -2.74 -7.53
CA THR A 38 -10.61 -1.99 -8.74
C THR A 38 -9.74 -0.73 -8.82
N LEU A 39 -9.72 -0.11 -10.00
CA LEU A 39 -8.97 1.11 -10.32
C LEU A 39 -9.43 2.22 -9.39
N GLU A 40 -10.73 2.24 -9.09
CA GLU A 40 -11.34 3.25 -8.21
C GLU A 40 -10.69 3.18 -6.82
N GLU A 41 -10.71 1.98 -6.24
CA GLU A 41 -10.17 1.65 -4.93
C GLU A 41 -8.66 1.93 -4.88
N LYS A 42 -7.89 1.53 -5.90
CA LYS A 42 -6.44 1.78 -5.87
C LYS A 42 -6.09 3.26 -5.98
N LYS A 43 -6.93 4.08 -6.61
CA LYS A 43 -6.64 5.51 -6.68
C LYS A 43 -6.72 6.05 -5.26
N LYS A 44 -7.71 5.65 -4.45
CA LYS A 44 -7.83 6.11 -3.06
C LYS A 44 -6.57 5.69 -2.30
N PHE A 45 -6.12 4.45 -2.50
CA PHE A 45 -4.93 3.91 -1.85
C PHE A 45 -3.72 4.82 -2.11
N LEU A 46 -3.58 5.35 -3.32
CA LEU A 46 -2.48 6.26 -3.65
C LEU A 46 -2.68 7.58 -2.91
N VAL A 47 -3.89 8.14 -2.96
CA VAL A 47 -4.29 9.40 -2.32
C VAL A 47 -4.16 9.35 -0.79
N PHE A 48 -4.06 8.15 -0.21
CA PHE A 48 -3.89 7.90 1.22
C PHE A 48 -2.38 7.98 1.54
N LEU A 49 -1.54 7.47 0.64
CA LEU A 49 -0.09 7.41 0.76
C LEU A 49 0.64 8.68 0.35
N THR A 50 0.19 9.33 -0.72
CA THR A 50 0.75 10.55 -1.29
C THR A 50 -0.39 11.57 -1.34
N GLY A 51 -0.07 12.86 -1.28
CA GLY A 51 -1.05 13.94 -1.27
C GLY A 51 -1.53 14.42 -2.63
N THR A 52 -1.27 13.71 -3.73
CA THR A 52 -1.69 14.12 -5.06
C THR A 52 -2.82 13.20 -5.53
N ASP A 53 -3.87 13.81 -6.03
CA ASP A 53 -5.07 13.18 -6.56
C ASP A 53 -4.90 12.88 -8.02
N ARG A 54 -5.28 11.64 -8.30
CA ARG A 54 -5.35 11.10 -9.63
C ARG A 54 -4.11 11.17 -10.51
N LEU A 55 -2.97 11.02 -9.90
CA LEU A 55 -1.70 11.11 -10.60
C LEU A 55 -1.56 10.34 -11.92
N GLN A 56 -1.18 11.09 -12.95
CA GLN A 56 -0.94 10.72 -14.34
C GLN A 56 0.18 9.70 -14.50
N MET A 57 0.34 9.12 -15.72
CA MET A 57 1.39 8.14 -16.02
C MET A 57 2.78 8.76 -15.82
N LYS A 58 2.94 10.06 -16.10
CA LYS A 58 4.22 10.75 -15.94
C LYS A 58 4.69 10.68 -14.49
N ASP A 59 3.81 10.48 -13.52
CA ASP A 59 4.15 10.35 -12.10
C ASP A 59 4.22 8.87 -11.73
N LEU A 60 3.11 8.16 -11.94
CA LEU A 60 2.90 6.74 -11.63
C LEU A 60 4.03 5.84 -12.11
N ASN A 61 4.63 6.10 -13.27
CA ASN A 61 5.72 5.23 -13.76
C ASN A 61 6.95 5.16 -12.84
N ASN A 62 7.10 6.09 -11.88
CA ASN A 62 8.21 6.09 -10.92
C ASN A 62 7.70 6.12 -9.47
N MET A 63 6.38 6.11 -9.27
CA MET A 63 5.76 6.14 -7.95
C MET A 63 6.16 4.87 -7.20
N LYS A 64 6.83 5.08 -6.07
CA LYS A 64 7.32 4.08 -5.14
C LYS A 64 6.57 4.26 -3.83
N ILE A 65 6.63 3.23 -3.02
CA ILE A 65 6.02 3.18 -1.70
C ILE A 65 7.12 2.61 -0.81
N THR A 66 7.20 3.05 0.44
CA THR A 66 8.19 2.57 1.38
C THR A 66 7.43 1.71 2.41
N PHE A 67 7.54 0.38 2.36
CA PHE A 67 6.88 -0.53 3.29
C PHE A 67 7.62 -0.49 4.62
N CYS A 68 7.00 0.11 5.65
CA CYS A 68 7.54 0.25 6.99
C CYS A 68 6.66 -0.55 7.96
N CYS A 69 7.27 -1.10 9.00
CA CYS A 69 6.67 -1.89 10.07
C CYS A 69 7.52 -1.51 11.29
N PRO A 70 7.17 -0.45 12.04
CA PRO A 70 7.95 -0.01 13.18
C PRO A 70 8.33 -1.14 14.12
N GLU A 71 9.37 -0.84 14.89
CA GLU A 71 10.01 -1.68 15.87
C GLU A 71 9.06 -2.52 16.74
N SER A 72 7.86 -2.00 16.99
CA SER A 72 6.83 -2.67 17.75
C SER A 72 5.47 -2.65 17.03
N TRP A 73 5.47 -2.92 15.71
CA TRP A 73 4.26 -3.00 14.89
C TRP A 73 3.28 -3.94 15.60
N ASN A 74 1.97 -3.72 15.45
CA ASN A 74 0.94 -4.53 16.08
C ASN A 74 0.09 -5.08 14.96
N GLU A 75 -0.10 -6.40 14.94
CA GLU A 75 -0.86 -7.13 13.93
C GLU A 75 -2.25 -6.57 13.62
N ARG A 76 -2.91 -5.92 14.59
CA ARG A 76 -4.25 -5.38 14.43
C ARG A 76 -4.30 -3.86 14.35
N ASP A 77 -3.17 -3.18 14.47
CA ASP A 77 -3.15 -1.72 14.42
C ASP A 77 -3.63 -1.25 13.05
N PRO A 78 -4.17 -0.02 12.94
CA PRO A 78 -4.61 0.47 11.65
C PRO A 78 -3.38 0.74 10.78
N ILE A 79 -3.59 0.76 9.47
CA ILE A 79 -2.49 1.03 8.54
C ILE A 79 -2.29 2.53 8.62
N ARG A 80 -1.03 2.99 8.64
CA ARG A 80 -0.76 4.43 8.67
C ARG A 80 0.07 4.79 7.45
N ALA A 81 0.49 6.04 7.36
CA ALA A 81 1.30 6.55 6.26
C ALA A 81 1.69 8.00 6.51
N LEU A 82 2.72 8.43 5.81
CA LEU A 82 3.26 9.79 5.84
C LEU A 82 3.61 10.08 4.38
N THR A 83 3.14 11.21 3.87
CA THR A 83 3.32 11.65 2.49
C THR A 83 4.76 11.96 2.07
N CYS A 84 5.59 12.46 3.00
CA CYS A 84 6.99 12.87 2.83
C CYS A 84 7.81 12.05 1.82
N PHE A 85 7.85 10.73 1.97
CA PHE A 85 8.57 9.77 1.11
C PHE A 85 7.67 8.55 0.86
N SER A 86 6.36 8.79 0.72
CA SER A 86 5.30 7.84 0.46
C SER A 86 5.50 6.53 1.26
N VAL A 87 5.53 6.61 2.59
CA VAL A 87 5.73 5.46 3.48
C VAL A 87 4.38 4.90 3.91
N LEU A 88 4.23 3.57 3.93
CA LEU A 88 3.02 2.85 4.31
C LEU A 88 3.37 2.02 5.55
N PHE A 89 2.73 2.32 6.67
CA PHE A 89 2.94 1.59 7.91
C PHE A 89 2.04 0.37 7.81
N LEU A 90 2.63 -0.77 7.46
CA LEU A 90 1.94 -2.04 7.28
C LEU A 90 2.43 -3.06 8.31
N PRO A 91 1.63 -3.41 9.34
CA PRO A 91 2.06 -4.40 10.32
C PRO A 91 2.12 -5.78 9.64
N LYS A 92 2.86 -6.73 10.22
CA LYS A 92 2.99 -8.06 9.64
C LYS A 92 1.74 -8.88 10.00
N TYR A 93 0.69 -8.80 9.19
CA TYR A 93 -0.56 -9.51 9.41
C TYR A 93 -0.31 -11.02 9.44
N SER A 94 -1.04 -11.74 10.30
CA SER A 94 -0.90 -13.20 10.39
C SER A 94 -1.39 -13.91 9.12
N THR A 95 -2.41 -13.39 8.42
CA THR A 95 -2.97 -14.04 7.24
C THR A 95 -3.22 -13.07 6.08
N MET A 96 -3.64 -13.63 4.94
CA MET A 96 -3.93 -12.84 3.76
C MET A 96 -5.25 -12.10 3.93
N GLU A 97 -6.27 -12.76 4.48
CA GLU A 97 -7.59 -12.15 4.69
C GLU A 97 -7.49 -10.90 5.57
N THR A 98 -6.68 -10.95 6.63
CA THR A 98 -6.53 -9.81 7.51
C THR A 98 -5.86 -8.63 6.79
N VAL A 99 -4.91 -8.87 5.88
CA VAL A 99 -4.30 -7.74 5.16
C VAL A 99 -5.31 -7.23 4.12
N GLU A 100 -6.08 -8.13 3.49
CA GLU A 100 -7.10 -7.80 2.48
C GLU A 100 -8.18 -6.92 3.11
N GLU A 101 -8.53 -7.16 4.38
CA GLU A 101 -9.52 -6.39 5.11
C GLU A 101 -9.00 -4.99 5.39
N ALA A 102 -7.74 -4.89 5.82
CA ALA A 102 -7.09 -3.62 6.14
C ALA A 102 -6.90 -2.80 4.86
N LEU A 103 -6.74 -3.46 3.70
CA LEU A 103 -6.57 -2.82 2.41
C LEU A 103 -7.82 -1.95 2.19
N GLN A 104 -9.01 -2.56 2.31
CA GLN A 104 -10.31 -1.93 2.17
C GLN A 104 -10.59 -0.87 3.25
N GLU A 105 -10.12 -1.10 4.49
CA GLU A 105 -10.32 -0.13 5.57
C GLU A 105 -9.57 1.15 5.24
N ALA A 106 -8.27 1.04 4.96
CA ALA A 106 -7.39 2.16 4.67
C ALA A 106 -7.89 3.03 3.52
N ILE A 107 -8.31 2.46 2.38
CA ILE A 107 -8.81 3.29 1.28
C ILE A 107 -10.03 4.12 1.72
N ASN A 108 -10.77 3.67 2.75
CA ASN A 108 -11.94 4.34 3.31
C ASN A 108 -11.64 5.03 4.64
N ASN A 109 -10.34 5.19 4.96
CA ASN A 109 -9.74 5.79 6.14
C ASN A 109 -9.97 4.94 7.38
N ASN A 110 -8.88 4.59 8.07
CA ASN A 110 -8.93 3.79 9.30
C ASN A 110 -9.38 4.76 10.42
N ARG A 111 -10.69 4.99 10.51
CA ARG A 111 -11.50 5.82 11.42
C ARG A 111 -10.77 6.75 12.40
N GLY A 112 -11.06 8.05 12.30
CA GLY A 112 -10.46 9.07 13.17
C GLY A 112 -8.95 9.10 12.99
N PHE A 113 -8.50 9.14 11.75
CA PHE A 113 -7.11 9.15 11.33
C PHE A 113 -6.24 10.34 11.76
N GLY A 114 -6.88 11.34 12.34
CA GLY A 114 -6.31 12.59 12.83
C GLY A 114 -4.87 12.47 13.36
N GLY A 1 -11.01 -4.04 -13.31
CA GLY A 1 -10.94 -2.60 -13.07
C GLY A 1 -9.60 -2.03 -13.47
N ASN A 2 -9.44 -1.59 -14.71
CA ASN A 2 -8.24 -0.97 -15.28
C ASN A 2 -8.74 -0.07 -16.41
N THR A 3 -8.03 1.01 -16.74
CA THR A 3 -8.42 1.95 -17.80
C THR A 3 -7.25 2.31 -18.72
N ASP A 4 -6.17 1.52 -18.67
CA ASP A 4 -4.93 1.63 -19.43
C ASP A 4 -3.95 2.48 -18.63
N TYR A 5 -3.28 1.83 -17.68
CA TYR A 5 -2.29 2.33 -16.75
C TYR A 5 -1.36 1.14 -16.45
N ASP A 6 -0.12 1.39 -16.00
CA ASP A 6 0.86 0.34 -15.66
C ASP A 6 1.05 0.24 -14.15
N TRP A 7 0.44 -0.78 -13.56
CA TRP A 7 0.52 -1.08 -12.14
C TRP A 7 1.71 -1.98 -11.80
N LYS A 8 2.29 -2.66 -12.80
CA LYS A 8 3.43 -3.55 -12.61
C LYS A 8 4.65 -2.71 -12.25
N THR A 9 4.93 -1.69 -13.06
CA THR A 9 6.10 -0.85 -12.81
C THR A 9 6.11 -0.28 -11.40
N PHE A 10 4.93 -0.02 -10.82
CA PHE A 10 4.81 0.52 -9.49
C PHE A 10 5.21 -0.54 -8.46
N GLU A 11 4.57 -1.72 -8.51
CA GLU A 11 4.86 -2.78 -7.54
C GLU A 11 6.27 -3.36 -7.71
N LYS A 12 6.89 -3.19 -8.88
CA LYS A 12 8.22 -3.70 -9.17
C LYS A 12 9.30 -2.72 -8.74
N ASN A 13 9.11 -1.41 -8.93
CA ASN A 13 10.10 -0.38 -8.55
C ASN A 13 10.02 -0.03 -7.06
N ALA A 14 9.06 -0.61 -6.32
CA ALA A 14 8.85 -0.40 -4.89
C ALA A 14 10.13 -0.62 -4.07
N ARG A 15 10.13 -0.06 -2.87
CA ARG A 15 11.21 -0.11 -1.91
C ARG A 15 10.74 -0.92 -0.71
N TYR A 16 11.60 -1.82 -0.26
CA TYR A 16 11.37 -2.69 0.88
C TYR A 16 12.48 -2.38 1.86
N GLU A 17 12.19 -2.39 3.15
CA GLU A 17 13.19 -2.14 4.17
C GLU A 17 13.99 -3.42 4.43
N PRO A 18 15.21 -3.32 4.97
CA PRO A 18 16.01 -4.49 5.27
C PRO A 18 15.22 -5.33 6.28
N GLY A 19 15.29 -6.64 6.11
CA GLY A 19 14.59 -7.60 6.94
C GLY A 19 13.33 -8.11 6.24
N TYR A 20 12.94 -7.53 5.09
CA TYR A 20 11.77 -7.90 4.31
C TYR A 20 12.12 -7.94 2.82
N ASN A 21 11.24 -8.52 2.01
CA ASN A 21 11.37 -8.69 0.57
C ASN A 21 10.00 -8.90 -0.04
N SER A 22 9.90 -8.89 -1.37
CA SER A 22 8.66 -9.10 -2.10
C SER A 22 8.06 -10.48 -1.78
N SER A 23 8.92 -11.44 -1.44
CA SER A 23 8.61 -12.82 -1.08
C SER A 23 8.22 -12.96 0.39
N HIS A 24 8.41 -11.92 1.21
CA HIS A 24 8.03 -12.00 2.63
C HIS A 24 6.51 -12.15 2.68
N PRO A 25 5.96 -13.09 3.49
CA PRO A 25 4.53 -13.35 3.63
C PRO A 25 3.63 -12.12 3.63
N THR A 26 3.86 -11.15 4.53
CA THR A 26 3.03 -9.96 4.59
C THR A 26 3.02 -9.19 3.27
N ILE A 27 4.19 -8.94 2.68
CA ILE A 27 4.34 -8.21 1.44
C ILE A 27 3.68 -8.96 0.28
N VAL A 28 4.02 -10.24 0.04
CA VAL A 28 3.41 -11.00 -1.05
C VAL A 28 1.87 -11.03 -0.93
N MET A 29 1.32 -11.16 0.28
CA MET A 29 -0.13 -11.18 0.50
C MET A 29 -0.73 -9.80 0.22
N PHE A 30 -0.06 -8.74 0.68
CA PHE A 30 -0.48 -7.35 0.50
C PHE A 30 -0.57 -7.02 -0.99
N TRP A 31 0.42 -7.44 -1.78
CA TRP A 31 0.37 -7.16 -3.21
C TRP A 31 -0.85 -7.81 -3.86
N LYS A 32 -1.35 -8.95 -3.37
CA LYS A 32 -2.55 -9.58 -3.95
C LYS A 32 -3.70 -8.60 -3.81
N ALA A 33 -3.86 -8.03 -2.60
CA ALA A 33 -4.91 -7.06 -2.31
C ALA A 33 -4.88 -5.91 -3.31
N PHE A 34 -3.70 -5.37 -3.61
CA PHE A 34 -3.48 -4.27 -4.55
C PHE A 34 -3.74 -4.70 -6.01
N HIS A 35 -3.55 -5.97 -6.37
CA HIS A 35 -3.78 -6.46 -7.72
C HIS A 35 -5.22 -6.85 -8.03
N LYS A 36 -5.99 -7.32 -7.05
CA LYS A 36 -7.38 -7.73 -7.29
C LYS A 36 -8.35 -6.56 -7.38
N LEU A 37 -8.14 -5.51 -6.58
CA LEU A 37 -8.99 -4.33 -6.50
C LEU A 37 -9.23 -3.65 -7.84
N THR A 38 -10.18 -2.72 -7.88
CA THR A 38 -10.52 -2.01 -9.09
C THR A 38 -9.71 -0.71 -9.20
N LEU A 39 -9.70 -0.11 -10.40
CA LEU A 39 -8.98 1.12 -10.70
C LEU A 39 -9.42 2.24 -9.74
N GLU A 40 -10.72 2.33 -9.47
CA GLU A 40 -11.26 3.36 -8.57
C GLU A 40 -10.61 3.24 -7.17
N GLU A 41 -10.58 2.02 -6.62
CA GLU A 41 -10.02 1.71 -5.31
C GLU A 41 -8.52 2.00 -5.28
N LYS A 42 -7.79 1.63 -6.34
CA LYS A 42 -6.34 1.88 -6.35
C LYS A 42 -6.03 3.36 -6.51
N LYS A 43 -6.93 4.18 -7.05
CA LYS A 43 -6.67 5.61 -7.14
C LYS A 43 -6.71 6.14 -5.71
N LYS A 44 -7.72 5.76 -4.90
CA LYS A 44 -7.86 6.19 -3.49
C LYS A 44 -6.57 5.89 -2.74
N PHE A 45 -6.04 4.68 -2.93
CA PHE A 45 -4.81 4.21 -2.32
C PHE A 45 -3.65 5.19 -2.58
N LEU A 46 -3.55 5.71 -3.81
CA LEU A 46 -2.49 6.66 -4.15
C LEU A 46 -2.67 7.98 -3.43
N VAL A 47 -3.91 8.46 -3.28
CA VAL A 47 -4.18 9.71 -2.57
C VAL A 47 -3.88 9.52 -1.08
N PHE A 48 -3.88 8.27 -0.59
CA PHE A 48 -3.58 8.00 0.80
C PHE A 48 -2.05 8.00 0.97
N LEU A 49 -1.33 7.44 0.00
CA LEU A 49 0.13 7.32 -0.02
C LEU A 49 0.87 8.63 -0.34
N THR A 50 0.32 9.50 -1.21
CA THR A 50 0.93 10.76 -1.61
C THR A 50 -0.01 11.94 -1.36
N GLY A 51 0.53 13.15 -1.32
CA GLY A 51 -0.23 14.38 -1.11
C GLY A 51 -0.81 14.95 -2.41
N THR A 52 -1.03 14.11 -3.43
CA THR A 52 -1.57 14.52 -4.73
C THR A 52 -2.61 13.47 -5.13
N ASP A 53 -3.77 13.94 -5.57
CA ASP A 53 -4.88 13.11 -6.00
C ASP A 53 -4.77 12.88 -7.51
N ARG A 54 -5.52 11.90 -8.02
CA ARG A 54 -5.64 11.45 -9.40
C ARG A 54 -4.33 11.54 -10.17
N LEU A 55 -3.27 10.99 -9.59
CA LEU A 55 -1.93 10.98 -10.19
C LEU A 55 -1.99 10.34 -11.58
N GLN A 56 -1.34 10.97 -12.55
CA GLN A 56 -1.24 10.55 -13.95
C GLN A 56 -0.26 9.39 -14.11
N MET A 57 -0.22 8.73 -15.28
CA MET A 57 0.71 7.63 -15.54
C MET A 57 2.16 8.12 -15.41
N LYS A 58 2.45 9.32 -15.92
CA LYS A 58 3.78 9.92 -15.84
C LYS A 58 4.27 9.96 -14.39
N ASP A 59 3.38 10.27 -13.45
CA ASP A 59 3.73 10.32 -12.03
C ASP A 59 3.88 8.90 -11.51
N LEU A 60 2.90 8.04 -11.82
CA LEU A 60 2.84 6.66 -11.40
C LEU A 60 4.11 5.88 -11.79
N ASN A 61 4.64 6.09 -13.01
CA ASN A 61 5.84 5.39 -13.48
C ASN A 61 7.13 5.70 -12.69
N ASN A 62 7.12 6.67 -11.78
CA ASN A 62 8.27 7.02 -10.93
C ASN A 62 7.89 6.99 -9.45
N MET A 63 6.62 6.79 -9.14
CA MET A 63 6.10 6.71 -7.79
C MET A 63 6.56 5.37 -7.22
N LYS A 64 7.11 5.37 -6.01
CA LYS A 64 7.58 4.16 -5.34
C LYS A 64 7.02 4.17 -3.91
N ILE A 65 6.79 3.00 -3.33
CA ILE A 65 6.30 2.88 -1.96
C ILE A 65 7.45 2.33 -1.14
N THR A 66 7.58 2.75 0.12
CA THR A 66 8.59 2.25 1.03
C THR A 66 7.80 1.61 2.17
N PHE A 67 7.87 0.28 2.33
CA PHE A 67 7.13 -0.38 3.40
C PHE A 67 7.84 -0.12 4.74
N CYS A 68 7.16 -0.27 5.88
CA CYS A 68 7.74 -0.06 7.20
C CYS A 68 6.92 -0.76 8.29
N CYS A 69 7.54 -1.19 9.39
CA CYS A 69 6.89 -1.82 10.54
C CYS A 69 7.71 -1.32 11.75
N PRO A 70 7.26 -0.29 12.48
CA PRO A 70 8.00 0.27 13.61
C PRO A 70 8.46 -0.75 14.64
N GLU A 71 9.27 -0.30 15.60
CA GLU A 71 9.81 -1.11 16.70
C GLU A 71 8.66 -1.76 17.52
N SER A 72 7.44 -1.26 17.34
CA SER A 72 6.23 -1.73 17.99
C SER A 72 5.08 -1.96 17.01
N TRP A 73 5.35 -2.45 15.77
CA TRP A 73 4.26 -2.73 14.83
C TRP A 73 3.23 -3.65 15.52
N ASN A 74 1.96 -3.61 15.14
CA ASN A 74 0.94 -4.46 15.77
C ASN A 74 0.03 -5.08 14.72
N GLU A 75 -0.16 -6.39 14.83
CA GLU A 75 -0.94 -7.28 13.99
C GLU A 75 -2.38 -6.82 13.68
N ARG A 76 -3.00 -6.09 14.59
CA ARG A 76 -4.37 -5.59 14.44
C ARG A 76 -4.43 -4.06 14.34
N ASP A 77 -3.29 -3.39 14.19
CA ASP A 77 -3.22 -1.94 14.07
C ASP A 77 -3.41 -1.62 12.58
N PRO A 78 -4.24 -0.63 12.19
CA PRO A 78 -4.43 -0.32 10.77
C PRO A 78 -3.13 0.22 10.14
N ILE A 79 -3.09 0.23 8.81
CA ILE A 79 -1.97 0.64 7.96
C ILE A 79 -1.86 2.16 7.94
N ARG A 80 -0.88 2.74 8.64
CA ARG A 80 -0.71 4.19 8.62
C ARG A 80 0.01 4.57 7.32
N ALA A 81 0.31 5.86 7.17
CA ALA A 81 1.01 6.41 6.01
C ALA A 81 1.53 7.81 6.31
N LEU A 82 2.57 8.24 5.60
CA LEU A 82 3.19 9.57 5.72
C LEU A 82 3.51 9.99 4.29
N THR A 83 2.85 11.06 3.83
CA THR A 83 3.00 11.59 2.48
C THR A 83 4.43 12.02 2.15
N CYS A 84 5.21 12.41 3.17
CA CYS A 84 6.58 12.88 3.10
C CYS A 84 7.40 12.13 2.04
N PHE A 85 7.50 10.80 2.13
CA PHE A 85 8.26 10.01 1.18
C PHE A 85 7.51 8.78 0.66
N SER A 86 6.17 8.80 0.73
CA SER A 86 5.33 7.70 0.27
C SER A 86 5.64 6.40 1.04
N VAL A 87 5.77 6.51 2.37
CA VAL A 87 6.05 5.37 3.24
C VAL A 87 4.71 4.84 3.72
N LEU A 88 4.50 3.52 3.61
CA LEU A 88 3.27 2.86 4.02
C LEU A 88 3.63 1.87 5.12
N PHE A 89 2.95 2.01 6.26
CA PHE A 89 3.21 1.14 7.40
C PHE A 89 2.46 -0.17 7.18
N LEU A 90 3.16 -1.30 7.29
CA LEU A 90 2.58 -2.62 7.10
C LEU A 90 3.03 -3.51 8.26
N PRO A 91 2.16 -3.77 9.25
CA PRO A 91 2.48 -4.64 10.37
C PRO A 91 2.37 -6.09 9.85
N LYS A 92 3.02 -7.05 10.53
CA LYS A 92 2.96 -8.45 10.13
C LYS A 92 1.58 -8.99 10.48
N TYR A 93 0.64 -8.92 9.54
CA TYR A 93 -0.70 -9.43 9.72
C TYR A 93 -0.56 -10.95 9.70
N SER A 94 -1.14 -11.63 10.69
CA SER A 94 -1.05 -13.10 10.81
C SER A 94 -1.68 -13.86 9.63
N THR A 95 -2.49 -13.24 8.76
CA THR A 95 -3.10 -13.94 7.64
C THR A 95 -3.25 -13.05 6.42
N MET A 96 -3.57 -13.66 5.28
CA MET A 96 -3.78 -12.96 4.03
C MET A 96 -5.10 -12.17 4.07
N GLU A 97 -6.09 -12.68 4.79
CA GLU A 97 -7.39 -12.03 4.90
C GLU A 97 -7.35 -10.85 5.88
N THR A 98 -6.47 -10.87 6.88
CA THR A 98 -6.40 -9.74 7.80
C THR A 98 -5.70 -8.56 7.09
N VAL A 99 -4.68 -8.82 6.26
CA VAL A 99 -3.98 -7.75 5.53
C VAL A 99 -4.91 -7.19 4.44
N GLU A 100 -5.81 -8.01 3.88
CA GLU A 100 -6.77 -7.60 2.85
C GLU A 100 -7.71 -6.55 3.42
N GLU A 101 -8.29 -6.83 4.58
CA GLU A 101 -9.20 -5.90 5.23
C GLU A 101 -8.51 -4.60 5.60
N ALA A 102 -7.20 -4.63 5.85
CA ALA A 102 -6.43 -3.45 6.18
C ALA A 102 -6.25 -2.58 4.92
N LEU A 103 -6.20 -3.19 3.73
CA LEU A 103 -6.07 -2.48 2.45
C LEU A 103 -7.36 -1.67 2.27
N GLN A 104 -8.50 -2.33 2.47
CA GLN A 104 -9.82 -1.72 2.36
C GLN A 104 -9.91 -0.55 3.35
N GLU A 105 -9.50 -0.74 4.62
CA GLU A 105 -9.55 0.31 5.63
C GLU A 105 -8.70 1.52 5.19
N ALA A 106 -7.51 1.27 4.63
CA ALA A 106 -6.61 2.31 4.16
C ALA A 106 -7.27 3.14 3.04
N ILE A 107 -7.79 2.50 1.99
CA ILE A 107 -8.44 3.23 0.90
C ILE A 107 -9.69 3.97 1.41
N ASN A 108 -10.31 3.51 2.49
CA ASN A 108 -11.49 4.14 3.09
C ASN A 108 -11.07 5.30 4.01
N ASN A 109 -9.79 5.71 4.00
CA ASN A 109 -9.16 6.78 4.78
C ASN A 109 -9.07 6.51 6.28
N ASN A 110 -9.07 5.23 6.66
CA ASN A 110 -8.96 4.68 8.01
C ASN A 110 -9.52 5.57 9.12
N ARG A 111 -10.83 5.79 9.09
CA ARG A 111 -11.44 6.62 10.12
C ARG A 111 -11.53 5.84 11.42
N GLY A 112 -11.50 6.58 12.52
CA GLY A 112 -11.55 6.07 13.88
C GLY A 112 -10.52 6.85 14.68
N PHE A 113 -9.23 6.63 14.41
CA PHE A 113 -8.15 7.34 15.10
C PHE A 113 -8.04 8.76 14.54
N GLY A 114 -7.33 9.64 15.25
CA GLY A 114 -7.14 11.02 14.86
C GLY A 114 -8.49 11.74 14.82
N GLY A 1 -11.51 -3.61 -12.93
CA GLY A 1 -11.32 -2.21 -13.35
C GLY A 1 -9.86 -1.85 -13.49
N ASN A 2 -9.47 -1.39 -14.68
CA ASN A 2 -8.13 -0.93 -15.07
C ASN A 2 -8.31 -0.28 -16.43
N THR A 3 -7.53 0.73 -16.76
CA THR A 3 -7.57 1.42 -18.03
C THR A 3 -6.21 2.09 -18.17
N ASP A 4 -5.51 1.79 -19.26
CA ASP A 4 -4.19 2.27 -19.69
C ASP A 4 -3.35 2.88 -18.55
N TYR A 5 -2.82 2.03 -17.69
CA TYR A 5 -1.99 2.39 -16.55
C TYR A 5 -1.09 1.17 -16.28
N ASP A 6 0.19 1.39 -15.99
CA ASP A 6 1.15 0.32 -15.74
C ASP A 6 1.34 0.06 -14.24
N TRP A 7 0.54 -0.87 -13.73
CA TRP A 7 0.56 -1.29 -12.34
C TRP A 7 1.67 -2.30 -12.05
N LYS A 8 2.10 -3.04 -13.08
CA LYS A 8 3.15 -4.04 -13.02
C LYS A 8 4.46 -3.34 -12.67
N THR A 9 4.78 -2.28 -13.41
CA THR A 9 5.99 -1.53 -13.17
C THR A 9 5.95 -0.87 -11.80
N PHE A 10 4.78 -0.43 -11.35
CA PHE A 10 4.61 0.23 -10.05
C PHE A 10 4.98 -0.72 -8.91
N GLU A 11 4.35 -1.89 -8.86
CA GLU A 11 4.58 -2.86 -7.79
C GLU A 11 6.00 -3.41 -7.86
N LYS A 12 6.55 -3.61 -9.07
CA LYS A 12 7.91 -4.10 -9.25
C LYS A 12 8.91 -3.09 -8.69
N ASN A 13 8.71 -1.79 -8.95
CA ASN A 13 9.59 -0.72 -8.48
C ASN A 13 9.40 -0.38 -7.00
N ALA A 14 8.42 -0.97 -6.31
CA ALA A 14 8.22 -0.72 -4.89
C ALA A 14 9.50 -1.05 -4.10
N ARG A 15 9.61 -0.45 -2.91
CA ARG A 15 10.74 -0.58 -2.00
C ARG A 15 10.38 -1.32 -0.73
N TYR A 16 11.40 -1.93 -0.14
CA TYR A 16 11.30 -2.70 1.10
C TYR A 16 12.53 -2.39 1.92
N GLU A 17 12.36 -2.07 3.20
CA GLU A 17 13.50 -1.78 4.07
C GLU A 17 14.33 -3.07 4.28
N PRO A 18 15.60 -2.96 4.71
CA PRO A 18 16.44 -4.12 4.93
C PRO A 18 15.75 -5.08 5.90
N GLY A 19 15.66 -6.35 5.51
CA GLY A 19 15.03 -7.42 6.28
C GLY A 19 13.72 -7.90 5.65
N TYR A 20 13.14 -7.16 4.71
CA TYR A 20 11.89 -7.49 4.01
C TYR A 20 12.13 -7.44 2.50
N ASN A 21 11.19 -7.94 1.71
CA ASN A 21 11.29 -7.99 0.24
C ASN A 21 9.96 -8.37 -0.37
N SER A 22 9.81 -8.21 -1.70
CA SER A 22 8.58 -8.56 -2.40
C SER A 22 8.23 -10.04 -2.29
N SER A 23 9.21 -10.92 -2.06
CA SER A 23 8.97 -12.34 -1.91
C SER A 23 8.67 -12.69 -0.45
N HIS A 24 8.93 -11.79 0.51
CA HIS A 24 8.62 -12.08 1.90
C HIS A 24 7.09 -12.22 2.03
N PRO A 25 6.58 -13.25 2.73
CA PRO A 25 5.15 -13.54 2.91
C PRO A 25 4.22 -12.33 3.01
N THR A 26 4.42 -11.46 3.99
CA THR A 26 3.56 -10.30 4.20
C THR A 26 3.45 -9.41 2.95
N ILE A 27 4.53 -9.21 2.19
CA ILE A 27 4.50 -8.37 1.00
C ILE A 27 3.82 -9.14 -0.14
N VAL A 28 4.22 -10.38 -0.47
CA VAL A 28 3.57 -11.13 -1.55
C VAL A 28 2.04 -11.19 -1.29
N MET A 29 1.62 -11.37 -0.03
CA MET A 29 0.21 -11.42 0.33
C MET A 29 -0.43 -10.04 0.09
N PHE A 30 0.22 -8.96 0.51
CA PHE A 30 -0.28 -7.60 0.33
C PHE A 30 -0.49 -7.31 -1.15
N TRP A 31 0.41 -7.77 -2.02
CA TRP A 31 0.28 -7.55 -3.45
C TRP A 31 -1.01 -8.20 -3.96
N LYS A 32 -1.47 -9.31 -3.38
CA LYS A 32 -2.73 -9.93 -3.80
C LYS A 32 -3.85 -8.93 -3.53
N ALA A 33 -3.85 -8.31 -2.34
CA ALA A 33 -4.85 -7.33 -1.95
C ALA A 33 -4.87 -6.15 -2.94
N PHE A 34 -3.71 -5.72 -3.44
CA PHE A 34 -3.59 -4.61 -4.41
C PHE A 34 -4.06 -5.04 -5.80
N HIS A 35 -3.71 -6.24 -6.28
CA HIS A 35 -4.10 -6.70 -7.61
C HIS A 35 -5.60 -7.05 -7.69
N LYS A 36 -6.20 -7.55 -6.60
CA LYS A 36 -7.63 -7.92 -6.62
C LYS A 36 -8.57 -6.71 -6.63
N LEU A 37 -8.24 -5.60 -5.95
CA LEU A 37 -9.11 -4.42 -5.93
C LEU A 37 -9.16 -3.76 -7.32
N THR A 38 -10.11 -2.84 -7.54
CA THR A 38 -10.27 -2.17 -8.83
C THR A 38 -9.39 -0.92 -8.95
N LEU A 39 -9.44 -0.29 -10.13
CA LEU A 39 -8.69 0.92 -10.46
C LEU A 39 -9.01 2.03 -9.48
N GLU A 40 -10.29 2.31 -9.27
CA GLU A 40 -10.70 3.37 -8.36
C GLU A 40 -10.17 3.13 -6.95
N GLU A 41 -10.32 1.90 -6.44
CA GLU A 41 -9.83 1.56 -5.11
C GLU A 41 -8.31 1.75 -5.02
N LYS A 42 -7.54 1.47 -6.09
CA LYS A 42 -6.08 1.69 -6.01
C LYS A 42 -5.78 3.18 -6.07
N LYS A 43 -6.60 4.01 -6.74
CA LYS A 43 -6.35 5.45 -6.75
C LYS A 43 -6.52 5.90 -5.30
N LYS A 44 -7.61 5.48 -4.62
CA LYS A 44 -7.89 5.82 -3.22
C LYS A 44 -6.71 5.46 -2.33
N PHE A 45 -6.14 4.27 -2.54
CA PHE A 45 -5.01 3.78 -1.79
C PHE A 45 -3.87 4.81 -1.81
N LEU A 46 -3.55 5.33 -3.00
CA LEU A 46 -2.48 6.32 -3.14
C LEU A 46 -2.84 7.66 -2.52
N VAL A 47 -4.12 8.08 -2.52
CA VAL A 47 -4.49 9.38 -1.93
C VAL A 47 -4.17 9.40 -0.43
N PHE A 48 -4.27 8.24 0.24
CA PHE A 48 -3.98 8.10 1.66
C PHE A 48 -2.46 8.04 1.89
N LEU A 49 -1.73 7.38 0.99
CA LEU A 49 -0.28 7.18 1.01
C LEU A 49 0.52 8.45 0.64
N THR A 50 -0.07 9.34 -0.14
CA THR A 50 0.51 10.59 -0.64
C THR A 50 -0.25 11.79 -0.08
N GLY A 51 0.22 13.01 -0.39
CA GLY A 51 -0.40 14.28 0.00
C GLY A 51 -1.12 14.87 -1.21
N THR A 52 -1.35 14.08 -2.26
CA THR A 52 -1.99 14.47 -3.51
C THR A 52 -2.92 13.35 -3.99
N ASP A 53 -4.09 13.75 -4.46
CA ASP A 53 -5.13 12.89 -5.01
C ASP A 53 -5.09 12.88 -6.54
N ARG A 54 -5.89 12.01 -7.17
CA ARG A 54 -6.03 11.81 -8.63
C ARG A 54 -4.73 12.01 -9.41
N LEU A 55 -3.67 11.35 -8.93
CA LEU A 55 -2.33 11.39 -9.48
C LEU A 55 -2.31 10.96 -10.95
N GLN A 56 -1.66 11.76 -11.78
CA GLN A 56 -1.50 11.54 -13.22
C GLN A 56 -0.51 10.39 -13.48
N MET A 57 -0.43 9.94 -14.73
CA MET A 57 0.46 8.88 -15.20
C MET A 57 1.92 9.21 -14.88
N LYS A 58 2.35 10.46 -15.15
CA LYS A 58 3.72 10.90 -14.89
C LYS A 58 4.12 10.71 -13.44
N ASP A 59 3.17 10.89 -12.52
CA ASP A 59 3.43 10.73 -11.09
C ASP A 59 3.51 9.24 -10.79
N LEU A 60 2.54 8.46 -11.29
CA LEU A 60 2.45 7.01 -11.10
C LEU A 60 3.73 6.31 -11.54
N ASN A 61 4.27 6.64 -12.72
CA ASN A 61 5.48 6.02 -13.27
C ASN A 61 6.72 6.17 -12.38
N ASN A 62 6.70 7.01 -11.35
CA ASN A 62 7.81 7.19 -10.41
C ASN A 62 7.34 7.01 -8.95
N MET A 63 6.04 6.85 -8.72
CA MET A 63 5.45 6.67 -7.40
C MET A 63 5.83 5.30 -6.90
N LYS A 64 6.54 5.21 -5.78
CA LYS A 64 6.93 3.96 -5.17
C LYS A 64 6.51 3.99 -3.72
N ILE A 65 6.35 2.81 -3.13
CA ILE A 65 5.95 2.66 -1.75
C ILE A 65 7.07 1.94 -1.01
N THR A 66 7.42 2.43 0.17
CA THR A 66 8.43 1.84 1.01
C THR A 66 7.66 1.28 2.21
N PHE A 67 7.57 -0.05 2.30
CA PHE A 67 6.86 -0.70 3.40
C PHE A 67 7.73 -0.62 4.67
N CYS A 68 7.11 -0.60 5.85
CA CYS A 68 7.82 -0.54 7.13
C CYS A 68 6.93 -1.07 8.27
N CYS A 69 7.54 -1.63 9.32
CA CYS A 69 6.89 -2.17 10.53
C CYS A 69 7.73 -1.65 11.71
N PRO A 70 7.36 -0.55 12.38
CA PRO A 70 8.13 0.03 13.47
C PRO A 70 8.54 -0.96 14.57
N GLU A 71 9.44 -0.50 15.43
CA GLU A 71 10.01 -1.22 16.56
C GLU A 71 8.96 -1.82 17.53
N SER A 72 7.69 -1.44 17.37
CA SER A 72 6.54 -1.89 18.14
C SER A 72 5.34 -2.12 17.21
N TRP A 73 5.54 -2.69 16.01
CA TRP A 73 4.41 -2.98 15.14
C TRP A 73 3.43 -3.92 15.89
N ASN A 74 2.13 -3.94 15.56
CA ASN A 74 1.15 -4.80 16.23
C ASN A 74 0.25 -5.48 15.20
N GLU A 75 -0.09 -6.75 15.43
CA GLU A 75 -0.90 -7.62 14.58
C GLU A 75 -2.32 -7.07 14.35
N ARG A 76 -2.84 -6.25 15.26
CA ARG A 76 -4.17 -5.64 15.15
C ARG A 76 -4.08 -4.13 14.97
N ASP A 77 -2.96 -3.64 14.43
CA ASP A 77 -2.78 -2.21 14.16
C ASP A 77 -3.18 -1.92 12.71
N PRO A 78 -3.87 -0.80 12.40
CA PRO A 78 -4.26 -0.49 11.03
C PRO A 78 -3.06 0.05 10.24
N ILE A 79 -3.23 0.20 8.92
CA ILE A 79 -2.21 0.69 8.01
C ILE A 79 -2.11 2.21 8.10
N ARG A 80 -1.01 2.76 8.63
CA ARG A 80 -0.84 4.23 8.69
C ARG A 80 0.00 4.62 7.45
N ALA A 81 0.39 5.88 7.30
CA ALA A 81 1.18 6.38 6.19
C ALA A 81 1.83 7.71 6.59
N LEU A 82 3.05 7.99 6.11
CA LEU A 82 3.74 9.25 6.40
C LEU A 82 4.18 9.84 5.05
N THR A 83 3.61 10.99 4.72
CA THR A 83 3.85 11.74 3.49
C THR A 83 5.31 12.24 3.35
N CYS A 84 6.16 12.03 4.36
CA CYS A 84 7.56 12.43 4.33
C CYS A 84 8.26 11.86 3.10
N PHE A 85 8.02 10.58 2.76
CA PHE A 85 8.62 9.95 1.59
C PHE A 85 7.73 8.85 0.99
N SER A 86 6.40 8.95 1.14
CA SER A 86 5.46 7.96 0.61
C SER A 86 5.74 6.58 1.25
N VAL A 87 5.97 6.56 2.57
CA VAL A 87 6.25 5.35 3.34
C VAL A 87 4.91 4.87 3.90
N LEU A 88 4.62 3.57 3.82
CA LEU A 88 3.38 2.97 4.28
C LEU A 88 3.71 2.04 5.45
N PHE A 89 2.81 1.97 6.44
CA PHE A 89 3.00 1.13 7.61
C PHE A 89 2.25 -0.17 7.40
N LEU A 90 2.97 -1.30 7.46
CA LEU A 90 2.39 -2.63 7.29
C LEU A 90 2.91 -3.50 8.43
N PRO A 91 2.09 -3.79 9.46
CA PRO A 91 2.51 -4.66 10.54
C PRO A 91 2.49 -6.09 10.00
N LYS A 92 3.10 -7.05 10.70
CA LYS A 92 3.07 -8.42 10.24
C LYS A 92 1.68 -8.96 10.55
N TYR A 93 0.98 -9.49 9.55
CA TYR A 93 -0.36 -10.03 9.74
C TYR A 93 -0.25 -11.55 9.57
N SER A 94 -0.66 -12.31 10.60
CA SER A 94 -0.61 -13.77 10.63
C SER A 94 -1.45 -14.47 9.56
N THR A 95 -2.37 -13.78 8.87
CA THR A 95 -3.23 -14.33 7.84
C THR A 95 -3.43 -13.29 6.72
N MET A 96 -3.63 -13.72 5.46
CA MET A 96 -3.85 -12.90 4.26
C MET A 96 -5.22 -12.24 4.35
N GLU A 97 -6.22 -12.90 4.92
CA GLU A 97 -7.55 -12.30 5.07
C GLU A 97 -7.39 -10.95 5.80
N THR A 98 -6.57 -10.91 6.85
CA THR A 98 -6.30 -9.70 7.62
C THR A 98 -5.60 -8.67 6.73
N VAL A 99 -4.70 -9.10 5.82
CA VAL A 99 -4.00 -8.20 4.91
C VAL A 99 -5.05 -7.52 4.01
N GLU A 100 -6.06 -8.27 3.57
CA GLU A 100 -7.13 -7.75 2.72
C GLU A 100 -8.02 -6.79 3.50
N GLU A 101 -8.39 -7.15 4.74
CA GLU A 101 -9.24 -6.32 5.58
C GLU A 101 -8.58 -4.97 5.82
N ALA A 102 -7.29 -4.97 6.15
CA ALA A 102 -6.53 -3.76 6.41
C ALA A 102 -6.43 -2.90 5.14
N LEU A 103 -6.29 -3.53 3.97
CA LEU A 103 -6.20 -2.84 2.69
C LEU A 103 -7.56 -2.18 2.42
N GLN A 104 -8.68 -2.89 2.62
CA GLN A 104 -10.03 -2.35 2.42
C GLN A 104 -10.23 -1.12 3.32
N GLU A 105 -9.78 -1.19 4.57
CA GLU A 105 -9.89 -0.10 5.52
C GLU A 105 -9.14 1.14 5.01
N ALA A 106 -7.90 0.97 4.55
CA ALA A 106 -7.06 2.04 4.03
C ALA A 106 -7.67 2.72 2.80
N ILE A 107 -8.24 1.97 1.85
CA ILE A 107 -8.86 2.59 0.66
C ILE A 107 -10.09 3.39 1.12
N ASN A 108 -10.76 2.96 2.18
CA ASN A 108 -11.92 3.63 2.76
C ASN A 108 -11.45 4.81 3.62
N ASN A 109 -10.16 5.18 3.52
CA ASN A 109 -9.45 6.26 4.20
C ASN A 109 -9.29 6.04 5.70
N ASN A 110 -9.74 4.90 6.21
CA ASN A 110 -9.72 4.56 7.63
C ASN A 110 -10.30 5.76 8.41
N ARG A 111 -11.48 6.23 7.96
CA ARG A 111 -12.24 7.34 8.47
C ARG A 111 -11.63 8.68 8.06
N GLY A 112 -11.90 9.73 8.82
CA GLY A 112 -11.36 11.06 8.52
C GLY A 112 -9.85 11.13 8.64
N PHE A 113 -9.29 10.51 9.69
CA PHE A 113 -7.86 10.48 9.97
C PHE A 113 -7.32 11.91 10.22
N GLY A 114 -5.99 12.08 10.24
CA GLY A 114 -5.34 13.38 10.46
C GLY A 114 -5.84 14.45 9.49
N GLY A 1 -12.38 -3.24 -12.82
CA GLY A 1 -12.02 -1.93 -13.35
C GLY A 1 -10.51 -1.78 -13.47
N ASN A 2 -10.03 -1.41 -14.66
CA ASN A 2 -8.63 -1.19 -14.99
C ASN A 2 -8.64 -0.28 -16.21
N THR A 3 -7.83 0.77 -16.19
CA THR A 3 -7.71 1.73 -17.28
C THR A 3 -6.23 1.78 -17.72
N ASP A 4 -5.83 2.78 -18.49
CA ASP A 4 -4.46 2.88 -18.97
C ASP A 4 -3.52 3.49 -17.93
N TYR A 5 -2.89 2.63 -17.12
CA TYR A 5 -1.92 2.94 -16.05
C TYR A 5 -0.97 1.74 -15.91
N ASP A 6 0.30 1.98 -15.57
CA ASP A 6 1.34 0.96 -15.42
C ASP A 6 1.43 0.47 -13.99
N TRP A 7 0.46 -0.35 -13.57
CA TRP A 7 0.46 -0.88 -12.20
C TRP A 7 1.56 -1.93 -12.03
N LYS A 8 1.99 -2.58 -13.11
CA LYS A 8 3.04 -3.58 -13.07
C LYS A 8 4.35 -2.90 -12.68
N THR A 9 4.66 -1.75 -13.28
CA THR A 9 5.90 -1.07 -12.97
C THR A 9 5.86 -0.48 -11.55
N PHE A 10 4.67 -0.08 -11.08
CA PHE A 10 4.49 0.49 -9.76
C PHE A 10 4.87 -0.52 -8.69
N GLU A 11 4.25 -1.70 -8.70
CA GLU A 11 4.52 -2.74 -7.71
C GLU A 11 5.94 -3.29 -7.85
N LYS A 12 6.48 -3.34 -9.07
CA LYS A 12 7.80 -3.84 -9.36
C LYS A 12 8.93 -2.91 -8.90
N ASN A 13 8.82 -1.60 -9.13
CA ASN A 13 9.84 -0.61 -8.79
C ASN A 13 9.79 -0.16 -7.32
N ALA A 14 8.78 -0.59 -6.57
CA ALA A 14 8.59 -0.27 -5.16
C ALA A 14 9.79 -0.68 -4.27
N ARG A 15 9.92 -0.09 -3.07
CA ARG A 15 11.00 -0.32 -2.10
C ARG A 15 10.54 -0.98 -0.81
N TYR A 16 11.51 -1.43 -0.01
CA TYR A 16 11.32 -2.11 1.26
C TYR A 16 12.43 -1.72 2.23
N GLU A 17 12.18 -1.89 3.52
CA GLU A 17 13.15 -1.62 4.57
C GLU A 17 13.86 -2.97 4.83
N PRO A 18 15.07 -2.96 5.44
CA PRO A 18 15.78 -4.19 5.75
C PRO A 18 14.94 -5.06 6.70
N GLY A 19 15.18 -6.37 6.61
CA GLY A 19 14.50 -7.39 7.38
C GLY A 19 13.43 -8.08 6.54
N TYR A 20 13.03 -7.49 5.39
CA TYR A 20 12.01 -8.03 4.50
C TYR A 20 12.51 -7.99 3.04
N ASN A 21 11.70 -8.54 2.14
CA ASN A 21 11.91 -8.63 0.69
C ASN A 21 10.54 -8.74 0.02
N SER A 22 10.46 -8.61 -1.30
CA SER A 22 9.21 -8.70 -2.05
C SER A 22 8.59 -10.10 -1.95
N SER A 23 9.46 -11.11 -1.80
CA SER A 23 9.11 -12.50 -1.67
C SER A 23 8.67 -12.84 -0.23
N HIS A 24 8.86 -11.93 0.74
CA HIS A 24 8.46 -12.18 2.13
C HIS A 24 6.92 -12.27 2.14
N PRO A 25 6.33 -13.29 2.81
CA PRO A 25 4.89 -13.52 2.88
C PRO A 25 4.00 -12.27 3.01
N THR A 26 4.28 -11.33 3.90
CA THR A 26 3.41 -10.17 4.02
C THR A 26 3.33 -9.32 2.77
N ILE A 27 4.47 -9.05 2.14
CA ILE A 27 4.48 -8.20 0.98
C ILE A 27 3.77 -8.91 -0.18
N VAL A 28 4.16 -10.15 -0.48
CA VAL A 28 3.54 -10.90 -1.58
C VAL A 28 2.02 -11.02 -1.38
N MET A 29 1.53 -11.13 -0.14
CA MET A 29 0.08 -11.20 0.13
C MET A 29 -0.56 -9.82 -0.05
N PHE A 30 0.12 -8.75 0.39
CA PHE A 30 -0.38 -7.38 0.25
C PHE A 30 -0.54 -7.04 -1.23
N TRP A 31 0.45 -7.39 -2.05
CA TRP A 31 0.37 -7.11 -3.47
C TRP A 31 -0.84 -7.80 -4.07
N LYS A 32 -1.20 -9.03 -3.65
CA LYS A 32 -2.38 -9.69 -4.21
C LYS A 32 -3.61 -8.82 -3.98
N ALA A 33 -3.77 -8.25 -2.78
CA ALA A 33 -4.89 -7.38 -2.43
C ALA A 33 -4.99 -6.25 -3.46
N PHE A 34 -3.86 -5.58 -3.70
CA PHE A 34 -3.74 -4.48 -4.65
C PHE A 34 -4.08 -4.92 -6.09
N HIS A 35 -3.77 -6.16 -6.48
CA HIS A 35 -4.05 -6.67 -7.82
C HIS A 35 -5.52 -7.11 -7.96
N LYS A 36 -6.15 -7.67 -6.92
CA LYS A 36 -7.55 -8.13 -6.99
C LYS A 36 -8.55 -6.96 -6.99
N LEU A 37 -8.27 -5.87 -6.28
CA LEU A 37 -9.17 -4.71 -6.20
C LEU A 37 -9.35 -3.99 -7.55
N THR A 38 -10.31 -3.07 -7.63
CA THR A 38 -10.60 -2.30 -8.85
C THR A 38 -9.76 -1.02 -8.87
N LEU A 39 -9.71 -0.38 -10.03
CA LEU A 39 -8.97 0.86 -10.31
C LEU A 39 -9.27 1.91 -9.24
N GLU A 40 -10.56 2.15 -8.97
CA GLU A 40 -11.01 3.14 -8.02
C GLU A 40 -10.61 2.87 -6.57
N GLU A 41 -10.34 1.61 -6.23
CA GLU A 41 -9.94 1.25 -4.89
C GLU A 41 -8.47 1.65 -4.75
N LYS A 42 -7.57 1.29 -5.69
CA LYS A 42 -6.18 1.73 -5.51
C LYS A 42 -6.09 3.25 -5.61
N LYS A 43 -6.99 3.94 -6.33
CA LYS A 43 -6.91 5.41 -6.40
C LYS A 43 -6.99 5.97 -5.00
N LYS A 44 -7.90 5.47 -4.16
CA LYS A 44 -8.04 5.94 -2.78
C LYS A 44 -6.76 5.66 -2.01
N PHE A 45 -6.21 4.45 -2.13
CA PHE A 45 -4.98 4.08 -1.45
C PHE A 45 -3.86 5.04 -1.86
N LEU A 46 -3.79 5.47 -3.12
CA LEU A 46 -2.75 6.38 -3.57
C LEU A 46 -2.83 7.71 -2.83
N VAL A 47 -4.03 8.24 -2.59
CA VAL A 47 -4.20 9.51 -1.88
C VAL A 47 -3.81 9.32 -0.40
N PHE A 48 -4.02 8.12 0.14
CA PHE A 48 -3.68 7.83 1.54
C PHE A 48 -2.15 7.80 1.67
N LEU A 49 -1.46 7.24 0.66
CA LEU A 49 -0.02 7.09 0.60
C LEU A 49 0.75 8.36 0.20
N THR A 50 0.38 9.03 -0.89
CA THR A 50 1.02 10.24 -1.41
C THR A 50 0.12 11.45 -1.14
N GLY A 51 0.73 12.63 -1.02
CA GLY A 51 0.04 13.88 -0.71
C GLY A 51 -0.82 14.49 -1.83
N THR A 52 -0.99 13.84 -2.98
CA THR A 52 -1.78 14.35 -4.09
C THR A 52 -2.71 13.26 -4.61
N ASP A 53 -3.95 13.62 -4.97
CA ASP A 53 -4.93 12.68 -5.50
C ASP A 53 -4.81 12.61 -7.02
N ARG A 54 -5.47 11.64 -7.66
CA ARG A 54 -5.48 11.38 -9.11
C ARG A 54 -4.15 11.68 -9.81
N LEU A 55 -3.07 11.16 -9.25
CA LEU A 55 -1.69 11.29 -9.71
C LEU A 55 -1.62 10.86 -11.19
N GLN A 56 -1.02 11.70 -12.03
CA GLN A 56 -0.85 11.49 -13.46
C GLN A 56 0.10 10.33 -13.76
N MET A 57 0.11 9.87 -15.02
CA MET A 57 0.99 8.78 -15.49
C MET A 57 2.46 9.20 -15.32
N LYS A 58 2.79 10.49 -15.50
CA LYS A 58 4.16 10.96 -15.32
C LYS A 58 4.64 10.75 -13.89
N ASP A 59 3.71 10.58 -12.95
CA ASP A 59 4.00 10.33 -11.55
C ASP A 59 3.90 8.84 -11.31
N LEU A 60 2.79 8.19 -11.70
CA LEU A 60 2.53 6.77 -11.52
C LEU A 60 3.67 5.89 -12.03
N ASN A 61 4.25 6.20 -13.19
CA ASN A 61 5.35 5.40 -13.74
C ASN A 61 6.60 5.40 -12.84
N ASN A 62 6.74 6.35 -11.92
CA ASN A 62 7.86 6.47 -10.99
C ASN A 62 7.41 6.36 -9.53
N MET A 63 6.10 6.35 -9.27
CA MET A 63 5.52 6.28 -7.94
C MET A 63 5.94 4.93 -7.35
N LYS A 64 6.49 5.01 -6.14
CA LYS A 64 7.01 3.91 -5.35
C LYS A 64 6.43 4.02 -3.94
N ILE A 65 6.50 2.92 -3.20
CA ILE A 65 6.05 2.77 -1.82
C ILE A 65 7.18 2.11 -1.07
N THR A 66 7.35 2.44 0.21
CA THR A 66 8.37 1.84 1.06
C THR A 66 7.64 1.18 2.25
N PHE A 67 7.60 -0.16 2.32
CA PHE A 67 6.94 -0.86 3.43
C PHE A 67 7.83 -0.82 4.67
N CYS A 68 7.24 -0.77 5.87
CA CYS A 68 7.94 -0.73 7.15
C CYS A 68 6.99 -1.20 8.26
N CYS A 69 7.51 -1.76 9.35
CA CYS A 69 6.77 -2.23 10.53
C CYS A 69 7.56 -1.62 11.71
N PRO A 70 7.10 -0.53 12.34
CA PRO A 70 7.81 0.13 13.43
C PRO A 70 8.20 -0.79 14.57
N GLU A 71 9.06 -0.26 15.43
CA GLU A 71 9.62 -0.90 16.60
C GLU A 71 8.58 -1.64 17.46
N SER A 72 7.32 -1.20 17.41
CA SER A 72 6.22 -1.79 18.14
C SER A 72 5.04 -1.99 17.19
N TRP A 73 5.25 -2.48 15.95
CA TRP A 73 4.12 -2.74 15.05
C TRP A 73 3.11 -3.68 15.76
N ASN A 74 1.85 -3.72 15.33
CA ASN A 74 0.86 -4.59 15.94
C ASN A 74 0.01 -5.18 14.84
N GLU A 75 -0.19 -6.49 14.88
CA GLU A 75 -0.95 -7.24 13.90
C GLU A 75 -2.33 -6.65 13.55
N ARG A 76 -3.10 -6.30 14.58
CA ARG A 76 -4.46 -5.77 14.47
C ARG A 76 -4.59 -4.26 14.51
N ASP A 77 -3.50 -3.50 14.56
CA ASP A 77 -3.56 -2.05 14.60
C ASP A 77 -3.92 -1.49 13.20
N PRO A 78 -4.40 -0.23 13.09
CA PRO A 78 -4.75 0.37 11.81
C PRO A 78 -3.50 0.65 10.98
N ILE A 79 -3.63 0.68 9.65
CA ILE A 79 -2.51 0.93 8.75
C ILE A 79 -2.22 2.42 8.77
N ARG A 80 -0.94 2.78 8.70
CA ARG A 80 -0.56 4.18 8.68
C ARG A 80 0.25 4.49 7.43
N ALA A 81 0.71 5.74 7.34
CA ALA A 81 1.49 6.24 6.24
C ALA A 81 1.89 7.68 6.52
N LEU A 82 2.89 8.16 5.78
CA LEU A 82 3.41 9.52 5.83
C LEU A 82 3.71 9.94 4.40
N THR A 83 3.30 11.16 4.07
CA THR A 83 3.50 11.73 2.75
C THR A 83 4.98 12.04 2.48
N CYS A 84 5.83 12.13 3.51
CA CYS A 84 7.26 12.43 3.46
C CYS A 84 7.94 11.76 2.25
N PHE A 85 7.78 10.43 2.13
CA PHE A 85 8.35 9.67 1.03
C PHE A 85 7.41 8.54 0.60
N SER A 86 6.11 8.67 0.84
CA SER A 86 5.11 7.67 0.48
C SER A 86 5.47 6.32 1.13
N VAL A 87 5.44 6.28 2.47
CA VAL A 87 5.73 5.10 3.28
C VAL A 87 4.40 4.47 3.66
N LEU A 88 4.32 3.14 3.75
CA LEU A 88 3.11 2.41 4.13
C LEU A 88 3.52 1.54 5.30
N PHE A 89 3.03 1.89 6.48
CA PHE A 89 3.32 1.13 7.69
C PHE A 89 2.43 -0.10 7.64
N LEU A 90 3.05 -1.25 7.47
CA LEU A 90 2.37 -2.53 7.38
C LEU A 90 2.89 -3.51 8.44
N PRO A 91 2.11 -3.79 9.50
CA PRO A 91 2.48 -4.75 10.54
C PRO A 91 2.55 -6.17 9.95
N LYS A 92 3.16 -7.13 10.65
CA LYS A 92 3.25 -8.50 10.14
C LYS A 92 1.92 -9.23 10.36
N TYR A 93 1.13 -9.37 9.30
CA TYR A 93 -0.16 -10.06 9.37
C TYR A 93 0.04 -11.56 9.28
N SER A 94 -0.44 -12.32 10.27
CA SER A 94 -0.32 -13.78 10.23
C SER A 94 -1.26 -14.44 9.20
N THR A 95 -2.09 -13.70 8.44
CA THR A 95 -3.00 -14.26 7.44
C THR A 95 -3.15 -13.30 6.25
N MET A 96 -3.52 -13.85 5.07
CA MET A 96 -3.71 -13.03 3.88
C MET A 96 -5.03 -12.28 3.96
N GLU A 97 -6.03 -12.87 4.62
CA GLU A 97 -7.34 -12.26 4.75
C GLU A 97 -7.24 -10.98 5.56
N THR A 98 -6.55 -10.98 6.70
CA THR A 98 -6.41 -9.79 7.51
C THR A 98 -5.66 -8.69 6.76
N VAL A 99 -4.63 -8.99 5.95
CA VAL A 99 -3.98 -7.89 5.23
C VAL A 99 -4.95 -7.34 4.17
N GLU A 100 -5.82 -8.19 3.58
CA GLU A 100 -6.80 -7.76 2.60
C GLU A 100 -7.86 -6.89 3.31
N GLU A 101 -8.22 -7.24 4.55
CA GLU A 101 -9.18 -6.49 5.35
C GLU A 101 -8.60 -5.11 5.65
N ALA A 102 -7.31 -5.05 5.94
CA ALA A 102 -6.59 -3.84 6.24
C ALA A 102 -6.50 -2.96 4.98
N LEU A 103 -6.40 -3.57 3.78
CA LEU A 103 -6.35 -2.84 2.52
C LEU A 103 -7.68 -2.09 2.40
N GLN A 104 -8.80 -2.71 2.78
CA GLN A 104 -10.10 -2.06 2.73
C GLN A 104 -10.09 -0.84 3.65
N GLU A 105 -9.59 -0.96 4.88
CA GLU A 105 -9.55 0.16 5.81
C GLU A 105 -8.66 1.28 5.23
N ALA A 106 -7.55 0.92 4.57
CA ALA A 106 -6.63 1.86 3.96
C ALA A 106 -7.34 2.67 2.88
N ILE A 107 -8.04 2.01 1.93
CA ILE A 107 -8.75 2.74 0.88
C ILE A 107 -9.86 3.58 1.53
N ASN A 108 -10.47 3.09 2.62
CA ASN A 108 -11.52 3.82 3.32
C ASN A 108 -10.99 5.03 4.08
N ASN A 109 -9.67 5.26 4.07
CA ASN A 109 -8.91 6.36 4.68
C ASN A 109 -8.61 6.17 6.17
N ASN A 110 -8.66 4.95 6.71
CA ASN A 110 -8.41 4.62 8.13
C ASN A 110 -9.11 5.66 9.01
N ARG A 111 -10.45 5.63 9.04
CA ARG A 111 -11.31 6.57 9.79
C ARG A 111 -10.62 7.08 11.05
N GLY A 112 -10.24 8.36 11.05
CA GLY A 112 -9.56 9.04 12.13
C GLY A 112 -8.58 10.11 11.63
N PHE A 113 -8.13 10.06 10.37
CA PHE A 113 -7.20 11.04 9.80
C PHE A 113 -7.84 12.42 9.54
N GLY A 114 -9.13 12.56 9.83
CA GLY A 114 -9.91 13.77 9.65
C GLY A 114 -10.89 13.99 10.79
N GLY A 1 -13.39 -1.09 -14.71
CA GLY A 1 -12.32 -1.36 -13.73
C GLY A 1 -10.99 -0.82 -14.22
N ASN A 2 -10.03 -1.73 -14.50
CA ASN A 2 -8.68 -1.40 -14.97
C ASN A 2 -8.73 -0.51 -16.22
N THR A 3 -7.66 0.22 -16.43
CA THR A 3 -7.42 1.12 -17.55
C THR A 3 -5.91 1.06 -17.84
N ASP A 4 -5.50 1.59 -18.99
CA ASP A 4 -4.10 1.60 -19.42
C ASP A 4 -3.26 2.45 -18.49
N TYR A 5 -2.53 1.79 -17.59
CA TYR A 5 -1.62 2.34 -16.59
C TYR A 5 -0.61 1.22 -16.32
N ASP A 6 0.66 1.55 -16.19
CA ASP A 6 1.73 0.58 -15.93
C ASP A 6 1.80 0.25 -14.44
N TRP A 7 0.84 -0.55 -13.99
CA TRP A 7 0.74 -0.98 -12.59
C TRP A 7 1.81 -2.01 -12.23
N LYS A 8 2.37 -2.71 -13.23
CA LYS A 8 3.41 -3.70 -13.02
C LYS A 8 4.66 -3.00 -12.49
N THR A 9 4.99 -1.82 -13.01
CA THR A 9 6.19 -1.13 -12.55
C THR A 9 5.97 -0.55 -11.15
N PHE A 10 4.73 -0.21 -10.79
CA PHE A 10 4.42 0.37 -9.50
C PHE A 10 4.80 -0.59 -8.37
N GLU A 11 4.29 -1.81 -8.41
CA GLU A 11 4.58 -2.81 -7.37
C GLU A 11 6.07 -3.18 -7.36
N LYS A 12 6.69 -3.18 -8.54
CA LYS A 12 8.09 -3.52 -8.69
C LYS A 12 9.05 -2.44 -8.21
N ASN A 13 8.79 -1.16 -8.49
CA ASN A 13 9.69 -0.07 -8.12
C ASN A 13 9.60 0.31 -6.65
N ALA A 14 8.62 -0.22 -5.91
CA ALA A 14 8.46 0.05 -4.49
C ALA A 14 9.73 -0.35 -3.71
N ARG A 15 9.91 0.22 -2.51
CA ARG A 15 11.02 0.01 -1.60
C ARG A 15 10.57 -0.77 -0.37
N TYR A 16 11.39 -1.76 -0.04
CA TYR A 16 11.25 -2.68 1.07
C TYR A 16 12.44 -2.43 1.99
N GLU A 17 12.18 -2.04 3.24
CA GLU A 17 13.21 -1.75 4.23
C GLU A 17 13.78 -3.08 4.80
N PRO A 18 14.90 -3.03 5.55
CA PRO A 18 15.56 -4.20 6.13
C PRO A 18 14.64 -5.20 6.84
N GLY A 19 15.05 -6.47 6.79
CA GLY A 19 14.34 -7.57 7.42
C GLY A 19 13.16 -8.09 6.59
N TYR A 20 12.97 -7.62 5.36
CA TYR A 20 11.88 -8.01 4.46
C TYR A 20 12.35 -8.02 3.01
N ASN A 21 11.55 -8.61 2.10
CA ASN A 21 11.80 -8.73 0.67
C ASN A 21 10.46 -8.97 -0.02
N SER A 22 10.38 -8.79 -1.34
CA SER A 22 9.16 -8.97 -2.12
C SER A 22 8.54 -10.37 -1.98
N SER A 23 9.37 -11.39 -1.77
CA SER A 23 8.99 -12.79 -1.61
C SER A 23 8.53 -13.15 -0.21
N HIS A 24 8.70 -12.26 0.77
CA HIS A 24 8.30 -12.49 2.15
C HIS A 24 6.76 -12.51 2.18
N PRO A 25 6.11 -13.47 2.87
CA PRO A 25 4.66 -13.60 2.94
C PRO A 25 3.88 -12.28 3.04
N THR A 26 4.31 -11.36 3.91
CA THR A 26 3.61 -10.09 4.07
C THR A 26 3.53 -9.33 2.74
N ILE A 27 4.67 -9.12 2.05
CA ILE A 27 4.70 -8.40 0.79
C ILE A 27 3.89 -9.17 -0.26
N VAL A 28 4.14 -10.47 -0.44
CA VAL A 28 3.41 -11.28 -1.42
C VAL A 28 1.89 -11.09 -1.25
N MET A 29 1.32 -11.37 -0.07
CA MET A 29 -0.11 -11.23 0.19
C MET A 29 -0.58 -9.77 0.11
N PHE A 30 0.28 -8.81 0.44
CA PHE A 30 -0.10 -7.40 0.36
C PHE A 30 -0.32 -7.02 -1.10
N TRP A 31 0.60 -7.40 -2.00
CA TRP A 31 0.44 -7.08 -3.41
C TRP A 31 -0.74 -7.85 -4.00
N LYS A 32 -1.10 -9.02 -3.45
CA LYS A 32 -2.25 -9.76 -3.97
C LYS A 32 -3.49 -8.89 -3.87
N ALA A 33 -3.70 -8.25 -2.72
CA ALA A 33 -4.82 -7.36 -2.47
C ALA A 33 -4.86 -6.31 -3.58
N PHE A 34 -3.72 -5.64 -3.79
CA PHE A 34 -3.55 -4.59 -4.79
C PHE A 34 -3.93 -5.06 -6.20
N HIS A 35 -3.47 -6.26 -6.59
CA HIS A 35 -3.72 -6.82 -7.91
C HIS A 35 -5.18 -7.23 -8.16
N LYS A 36 -6.01 -7.45 -7.13
CA LYS A 36 -7.42 -7.85 -7.31
C LYS A 36 -8.39 -6.67 -7.24
N LEU A 37 -8.13 -5.68 -6.36
CA LEU A 37 -9.01 -4.52 -6.23
C LEU A 37 -9.08 -3.71 -7.52
N THR A 38 -10.13 -2.90 -7.71
CA THR A 38 -10.31 -2.13 -8.94
C THR A 38 -9.47 -0.84 -8.98
N LEU A 39 -9.56 -0.16 -10.11
CA LEU A 39 -8.88 1.09 -10.44
C LEU A 39 -9.29 2.18 -9.44
N GLU A 40 -10.58 2.26 -9.10
CA GLU A 40 -11.09 3.24 -8.14
C GLU A 40 -10.46 2.98 -6.78
N GLU A 41 -10.48 1.72 -6.33
CA GLU A 41 -9.92 1.29 -5.05
C GLU A 41 -8.43 1.65 -4.99
N LYS A 42 -7.62 1.32 -6.01
CA LYS A 42 -6.20 1.66 -5.92
C LYS A 42 -5.99 3.18 -5.97
N LYS A 43 -6.86 3.96 -6.65
CA LYS A 43 -6.69 5.42 -6.64
C LYS A 43 -6.86 5.88 -5.20
N LYS A 44 -7.82 5.34 -4.45
CA LYS A 44 -8.02 5.71 -3.05
C LYS A 44 -6.75 5.40 -2.25
N PHE A 45 -6.19 4.19 -2.43
CA PHE A 45 -4.99 3.73 -1.75
C PHE A 45 -3.84 4.70 -1.97
N LEU A 46 -3.63 5.14 -3.22
CA LEU A 46 -2.57 6.09 -3.56
C LEU A 46 -2.79 7.40 -2.82
N VAL A 47 -4.01 7.92 -2.82
CA VAL A 47 -4.37 9.16 -2.15
C VAL A 47 -4.22 9.03 -0.62
N PHE A 48 -4.22 7.81 -0.07
CA PHE A 48 -4.04 7.59 1.36
C PHE A 48 -2.53 7.60 1.67
N LEU A 49 -1.72 7.10 0.74
CA LEU A 49 -0.26 7.03 0.84
C LEU A 49 0.45 8.36 0.64
N THR A 50 0.06 9.09 -0.40
CA THR A 50 0.63 10.39 -0.77
C THR A 50 -0.50 11.41 -0.84
N GLY A 51 -0.19 12.69 -0.66
CA GLY A 51 -1.15 13.79 -0.68
C GLY A 51 -1.48 14.29 -2.08
N THR A 52 -1.19 13.55 -3.14
CA THR A 52 -1.49 14.00 -4.50
C THR A 52 -2.68 13.19 -5.00
N ASP A 53 -3.65 13.90 -5.56
CA ASP A 53 -4.88 13.36 -6.09
C ASP A 53 -4.79 13.15 -7.60
N ARG A 54 -5.70 12.29 -8.10
CA ARG A 54 -5.90 11.88 -9.50
C ARG A 54 -4.59 11.92 -10.26
N LEU A 55 -3.63 11.16 -9.73
CA LEU A 55 -2.26 11.01 -10.19
C LEU A 55 -2.17 10.80 -11.70
N GLN A 56 -1.22 11.51 -12.30
CA GLN A 56 -0.96 11.42 -13.73
C GLN A 56 -0.23 10.13 -14.07
N MET A 57 -0.28 9.72 -15.34
CA MET A 57 0.42 8.52 -15.80
C MET A 57 1.92 8.67 -15.55
N LYS A 58 2.45 9.85 -15.92
CA LYS A 58 3.85 10.25 -15.77
C LYS A 58 4.35 10.23 -14.32
N ASP A 59 3.41 10.20 -13.37
CA ASP A 59 3.68 10.18 -11.94
C ASP A 59 3.62 8.75 -11.43
N LEU A 60 2.55 8.04 -11.79
CA LEU A 60 2.31 6.66 -11.38
C LEU A 60 3.51 5.77 -11.74
N ASN A 61 4.07 5.93 -12.95
CA ASN A 61 5.22 5.14 -13.41
C ASN A 61 6.47 5.26 -12.52
N ASN A 62 6.55 6.25 -11.61
CA ASN A 62 7.67 6.46 -10.70
C ASN A 62 7.22 6.50 -9.24
N MET A 63 5.91 6.46 -8.99
CA MET A 63 5.35 6.47 -7.65
C MET A 63 5.78 5.18 -6.94
N LYS A 64 6.54 5.33 -5.86
CA LYS A 64 7.07 4.25 -5.05
C LYS A 64 6.52 4.36 -3.64
N ILE A 65 6.62 3.26 -2.88
CA ILE A 65 6.19 3.17 -1.51
C ILE A 65 7.35 2.62 -0.70
N THR A 66 7.51 3.05 0.55
CA THR A 66 8.55 2.58 1.45
C THR A 66 7.83 1.83 2.57
N PHE A 67 7.96 0.50 2.64
CA PHE A 67 7.33 -0.36 3.65
C PHE A 67 8.03 -0.36 5.01
N CYS A 68 7.30 -0.18 6.11
CA CYS A 68 7.82 -0.16 7.48
C CYS A 68 6.96 -1.08 8.35
N CYS A 69 7.59 -1.80 9.28
CA CYS A 69 6.97 -2.73 10.22
C CYS A 69 7.78 -2.48 11.52
N PRO A 70 7.44 -1.44 12.30
CA PRO A 70 8.14 -1.04 13.53
C PRO A 70 8.71 -2.12 14.42
N GLU A 71 9.68 -1.72 15.26
CA GLU A 71 10.33 -2.61 16.22
C GLU A 71 9.28 -3.27 17.13
N SER A 72 8.13 -2.60 17.29
CA SER A 72 6.99 -3.03 18.07
C SER A 72 5.72 -3.00 17.20
N TRP A 73 5.79 -3.49 15.95
CA TRP A 73 4.61 -3.56 15.10
C TRP A 73 3.52 -4.40 15.82
N ASN A 74 2.24 -4.17 15.51
CA ASN A 74 1.13 -4.91 16.11
C ASN A 74 0.21 -5.37 14.99
N GLU A 75 -0.13 -6.65 14.99
CA GLU A 75 -0.98 -7.32 14.01
C GLU A 75 -2.27 -6.59 13.67
N ARG A 76 -2.86 -5.88 14.63
CA ARG A 76 -4.11 -5.15 14.45
C ARG A 76 -3.98 -3.64 14.54
N ASP A 77 -2.79 -3.07 14.69
CA ASP A 77 -2.68 -1.60 14.76
C ASP A 77 -2.93 -1.06 13.33
N PRO A 78 -3.80 -0.05 13.14
CA PRO A 78 -4.12 0.50 11.83
C PRO A 78 -2.94 0.84 10.93
N ILE A 79 -3.19 0.89 9.61
CA ILE A 79 -2.22 1.21 8.57
C ILE A 79 -2.04 2.72 8.63
N ARG A 80 -0.84 3.18 8.98
CA ARG A 80 -0.49 4.59 9.13
C ARG A 80 0.49 5.08 8.07
N ALA A 81 -0.02 5.51 6.92
CA ALA A 81 0.80 6.04 5.82
C ALA A 81 0.99 7.55 6.01
N LEU A 82 2.08 8.15 5.48
CA LEU A 82 2.34 9.59 5.62
C LEU A 82 2.83 10.25 4.33
N THR A 83 2.43 11.52 4.17
CA THR A 83 2.73 12.44 3.07
C THR A 83 4.23 12.71 2.96
N CYS A 84 4.97 12.51 4.06
CA CYS A 84 6.39 12.78 4.16
C CYS A 84 7.25 12.23 3.03
N PHE A 85 7.15 10.94 2.72
CA PHE A 85 7.96 10.32 1.66
C PHE A 85 7.29 9.07 1.06
N SER A 86 5.95 9.04 1.00
CA SER A 86 5.16 7.91 0.49
C SER A 86 5.54 6.66 1.30
N VAL A 87 5.52 6.82 2.62
CA VAL A 87 5.84 5.81 3.61
C VAL A 87 4.52 5.15 4.01
N LEU A 88 4.45 3.82 3.95
CA LEU A 88 3.27 3.02 4.28
C LEU A 88 3.61 2.02 5.36
N PHE A 89 3.15 2.23 6.59
CA PHE A 89 3.42 1.30 7.67
C PHE A 89 2.46 0.13 7.46
N LEU A 90 2.94 -1.11 7.59
CA LEU A 90 2.17 -2.32 7.43
C LEU A 90 2.66 -3.38 8.42
N PRO A 91 1.88 -3.72 9.46
CA PRO A 91 2.29 -4.75 10.41
C PRO A 91 2.36 -6.12 9.72
N LYS A 92 3.07 -7.08 10.30
CA LYS A 92 3.23 -8.43 9.73
C LYS A 92 1.99 -9.31 9.92
N TYR A 93 0.87 -8.99 9.25
CA TYR A 93 -0.39 -9.73 9.31
C TYR A 93 -0.15 -11.23 9.16
N SER A 94 -0.77 -12.05 10.02
CA SER A 94 -0.60 -13.49 9.99
C SER A 94 -1.47 -14.24 8.98
N THR A 95 -2.41 -13.58 8.33
CA THR A 95 -3.31 -14.21 7.37
C THR A 95 -3.49 -13.32 6.13
N MET A 96 -3.87 -13.92 5.01
CA MET A 96 -4.08 -13.20 3.77
C MET A 96 -5.36 -12.37 3.88
N GLU A 97 -6.39 -12.91 4.55
CA GLU A 97 -7.65 -12.21 4.72
C GLU A 97 -7.47 -10.89 5.48
N THR A 98 -6.72 -10.87 6.58
CA THR A 98 -6.52 -9.68 7.38
C THR A 98 -5.74 -8.59 6.65
N VAL A 99 -4.74 -8.94 5.81
CA VAL A 99 -4.01 -7.90 5.08
C VAL A 99 -4.96 -7.31 4.02
N GLU A 100 -5.86 -8.12 3.46
CA GLU A 100 -6.83 -7.66 2.47
C GLU A 100 -7.82 -6.74 3.20
N GLU A 101 -8.28 -7.11 4.40
CA GLU A 101 -9.20 -6.31 5.20
C GLU A 101 -8.56 -4.95 5.45
N ALA A 102 -7.28 -4.93 5.83
CA ALA A 102 -6.54 -3.70 6.10
C ALA A 102 -6.46 -2.84 4.83
N LEU A 103 -6.31 -3.45 3.65
CA LEU A 103 -6.26 -2.72 2.39
C LEU A 103 -7.61 -2.03 2.18
N GLN A 104 -8.71 -2.74 2.41
CA GLN A 104 -10.08 -2.22 2.26
C GLN A 104 -10.30 -1.06 3.26
N GLU A 105 -9.77 -1.17 4.47
CA GLU A 105 -9.90 -0.12 5.48
C GLU A 105 -9.12 1.12 5.02
N ALA A 106 -7.91 0.93 4.47
CA ALA A 106 -7.07 2.02 3.98
C ALA A 106 -7.69 2.76 2.82
N ILE A 107 -8.31 2.08 1.86
CA ILE A 107 -8.96 2.76 0.72
C ILE A 107 -10.17 3.58 1.21
N ASN A 108 -10.65 3.31 2.43
CA ASN A 108 -11.75 4.02 3.07
C ASN A 108 -11.21 5.01 4.12
N ASN A 109 -9.88 5.11 4.25
CA ASN A 109 -9.12 5.94 5.17
C ASN A 109 -9.30 5.42 6.60
N ASN A 110 -8.25 4.81 7.16
CA ASN A 110 -8.08 4.18 8.49
C ASN A 110 -8.38 5.01 9.76
N ARG A 111 -9.25 6.01 9.67
CA ARG A 111 -9.71 6.94 10.67
C ARG A 111 -8.61 7.73 11.40
N GLY A 112 -9.01 8.74 12.18
CA GLY A 112 -8.10 9.57 12.94
C GLY A 112 -7.39 10.66 12.11
N PHE A 113 -7.76 10.85 10.83
CA PHE A 113 -7.15 11.87 9.96
C PHE A 113 -8.08 13.08 9.76
N GLY A 114 -9.24 13.07 10.41
CA GLY A 114 -10.25 14.11 10.36
C GLY A 114 -9.70 15.50 10.65
N GLY A 1 -10.06 -3.94 -13.51
CA GLY A 1 -10.32 -2.49 -13.50
C GLY A 1 -9.40 -1.77 -14.47
N ASN A 2 -8.09 -1.71 -14.16
CA ASN A 2 -6.98 -1.08 -14.89
C ASN A 2 -7.37 -0.53 -16.28
N THR A 3 -7.73 0.74 -16.31
CA THR A 3 -8.15 1.43 -17.52
C THR A 3 -6.90 2.05 -18.19
N ASP A 4 -5.94 1.19 -18.55
CA ASP A 4 -4.67 1.52 -19.21
C ASP A 4 -3.72 2.38 -18.35
N TYR A 5 -2.96 1.74 -17.46
CA TYR A 5 -1.97 2.33 -16.55
C TYR A 5 -0.86 1.29 -16.31
N ASP A 6 0.29 1.74 -15.79
CA ASP A 6 1.47 0.91 -15.51
C ASP A 6 1.56 0.51 -14.04
N TRP A 7 0.72 -0.44 -13.64
CA TRP A 7 0.69 -0.91 -12.25
C TRP A 7 1.84 -1.87 -11.96
N LYS A 8 2.42 -2.50 -13.00
CA LYS A 8 3.53 -3.43 -12.83
C LYS A 8 4.76 -2.67 -12.35
N THR A 9 5.02 -1.48 -12.90
CA THR A 9 6.19 -0.70 -12.52
C THR A 9 6.05 -0.14 -11.09
N PHE A 10 4.84 0.00 -10.57
CA PHE A 10 4.63 0.56 -9.25
C PHE A 10 5.06 -0.45 -8.18
N GLU A 11 4.53 -1.67 -8.26
CA GLU A 11 4.86 -2.70 -7.27
C GLU A 11 6.33 -3.12 -7.35
N LYS A 12 6.90 -3.07 -8.55
CA LYS A 12 8.28 -3.43 -8.82
C LYS A 12 9.26 -2.39 -8.31
N ASN A 13 9.00 -1.09 -8.51
CA ASN A 13 9.92 -0.03 -8.07
C ASN A 13 9.78 0.36 -6.60
N ALA A 14 8.83 -0.25 -5.87
CA ALA A 14 8.61 -0.02 -4.45
C ALA A 14 9.87 -0.34 -3.61
N ARG A 15 9.91 0.22 -2.40
CA ARG A 15 10.97 0.08 -1.43
C ARG A 15 10.46 -0.73 -0.25
N TYR A 16 11.37 -1.54 0.26
CA TYR A 16 11.22 -2.45 1.39
C TYR A 16 12.43 -2.21 2.29
N GLU A 17 12.22 -2.10 3.59
CA GLU A 17 13.29 -1.88 4.57
C GLU A 17 14.08 -3.19 4.75
N PRO A 18 15.30 -3.17 5.31
CA PRO A 18 16.07 -4.39 5.50
C PRO A 18 15.36 -5.31 6.48
N GLY A 19 15.43 -6.61 6.23
CA GLY A 19 14.81 -7.67 7.02
C GLY A 19 13.52 -8.19 6.37
N TYR A 20 13.07 -7.58 5.28
CA TYR A 20 11.87 -7.93 4.53
C TYR A 20 12.22 -7.95 3.04
N ASN A 21 11.35 -8.50 2.20
CA ASN A 21 11.57 -8.62 0.75
C ASN A 21 10.23 -8.64 0.04
N SER A 22 10.18 -8.36 -1.26
CA SER A 22 8.93 -8.37 -2.01
C SER A 22 8.30 -9.78 -1.98
N SER A 23 9.15 -10.81 -2.00
CA SER A 23 8.80 -12.21 -1.99
C SER A 23 8.36 -12.72 -0.61
N HIS A 24 8.48 -11.90 0.45
CA HIS A 24 8.09 -12.25 1.82
C HIS A 24 6.57 -12.44 1.87
N PRO A 25 6.06 -13.49 2.53
CA PRO A 25 4.64 -13.80 2.65
C PRO A 25 3.70 -12.60 2.78
N THR A 26 3.86 -11.76 3.80
CA THR A 26 2.98 -10.61 3.99
C THR A 26 3.04 -9.63 2.81
N ILE A 27 4.20 -9.39 2.20
CA ILE A 27 4.29 -8.46 1.08
C ILE A 27 3.58 -9.09 -0.14
N VAL A 28 3.88 -10.34 -0.52
CA VAL A 28 3.21 -10.95 -1.66
C VAL A 28 1.69 -10.96 -1.45
N MET A 29 1.21 -11.28 -0.23
CA MET A 29 -0.21 -11.31 0.09
C MET A 29 -0.79 -9.89 -0.03
N PHE A 30 -0.08 -8.88 0.49
CA PHE A 30 -0.52 -7.50 0.41
C PHE A 30 -0.66 -7.09 -1.06
N TRP A 31 0.30 -7.48 -1.92
CA TRP A 31 0.21 -7.14 -3.34
C TRP A 31 -0.97 -7.87 -4.00
N LYS A 32 -1.47 -8.99 -3.44
CA LYS A 32 -2.63 -9.67 -4.02
C LYS A 32 -3.80 -8.71 -3.90
N ALA A 33 -3.98 -8.10 -2.72
CA ALA A 33 -5.06 -7.15 -2.47
C ALA A 33 -5.03 -6.07 -3.54
N PHE A 34 -3.84 -5.47 -3.75
CA PHE A 34 -3.60 -4.41 -4.71
C PHE A 34 -3.94 -4.82 -6.16
N HIS A 35 -3.67 -6.08 -6.54
CA HIS A 35 -3.93 -6.54 -7.90
C HIS A 35 -5.37 -6.98 -8.13
N LYS A 36 -6.09 -7.47 -7.11
CA LYS A 36 -7.47 -7.92 -7.29
C LYS A 36 -8.47 -6.75 -7.31
N LEU A 37 -8.25 -5.68 -6.55
CA LEU A 37 -9.15 -4.52 -6.49
C LEU A 37 -9.21 -3.76 -7.82
N THR A 38 -10.17 -2.84 -7.99
CA THR A 38 -10.32 -2.08 -9.25
C THR A 38 -9.54 -0.76 -9.26
N LEU A 39 -9.55 -0.12 -10.43
CA LEU A 39 -8.92 1.15 -10.76
C LEU A 39 -9.41 2.26 -9.82
N GLU A 40 -10.68 2.19 -9.48
CA GLU A 40 -11.34 3.13 -8.59
C GLU A 40 -10.75 3.00 -7.16
N GLU A 41 -10.62 1.77 -6.67
CA GLU A 41 -10.11 1.47 -5.33
C GLU A 41 -8.63 1.79 -5.21
N LYS A 42 -7.83 1.62 -6.29
CA LYS A 42 -6.40 1.95 -6.21
C LYS A 42 -6.19 3.45 -6.21
N LYS A 43 -7.08 4.26 -6.79
CA LYS A 43 -6.92 5.71 -6.77
C LYS A 43 -6.99 6.15 -5.32
N LYS A 44 -7.93 5.60 -4.54
CA LYS A 44 -8.09 5.91 -3.12
C LYS A 44 -6.82 5.56 -2.36
N PHE A 45 -6.26 4.37 -2.60
CA PHE A 45 -5.05 3.93 -1.92
C PHE A 45 -3.92 4.93 -2.10
N LEU A 46 -3.71 5.38 -3.34
CA LEU A 46 -2.66 6.35 -3.63
C LEU A 46 -2.88 7.63 -2.84
N VAL A 47 -4.10 8.19 -2.84
CA VAL A 47 -4.42 9.41 -2.12
C VAL A 47 -4.13 9.31 -0.62
N PHE A 48 -4.38 8.15 -0.01
CA PHE A 48 -4.15 7.96 1.41
C PHE A 48 -2.66 7.97 1.78
N LEU A 49 -1.78 7.65 0.82
CA LEU A 49 -0.34 7.55 0.98
C LEU A 49 0.48 8.63 0.27
N THR A 50 -0.07 9.36 -0.69
CA THR A 50 0.61 10.40 -1.44
C THR A 50 -0.19 11.71 -1.34
N GLY A 51 0.51 12.83 -1.43
CA GLY A 51 0.00 14.19 -1.37
C GLY A 51 -0.50 14.67 -2.73
N THR A 52 -0.94 13.75 -3.58
CA THR A 52 -1.46 14.09 -4.89
C THR A 52 -2.54 13.07 -5.24
N ASP A 53 -3.69 13.56 -5.68
CA ASP A 53 -4.81 12.73 -6.07
C ASP A 53 -4.79 12.58 -7.59
N ARG A 54 -5.53 11.58 -8.10
CA ARG A 54 -5.64 11.25 -9.52
C ARG A 54 -4.31 11.42 -10.27
N LEU A 55 -3.28 10.80 -9.70
CA LEU A 55 -1.91 10.77 -10.21
C LEU A 55 -1.98 10.30 -11.65
N GLN A 56 -1.42 11.10 -12.55
CA GLN A 56 -1.37 10.86 -13.98
C GLN A 56 -0.48 9.63 -14.27
N MET A 57 -0.45 9.12 -15.51
CA MET A 57 0.43 7.98 -15.81
C MET A 57 1.87 8.47 -15.61
N LYS A 58 2.17 9.72 -15.96
CA LYS A 58 3.51 10.28 -15.79
C LYS A 58 3.88 10.42 -14.31
N ASP A 59 2.91 10.35 -13.40
CA ASP A 59 3.17 10.46 -11.98
C ASP A 59 3.29 9.05 -11.40
N LEU A 60 2.25 8.21 -11.58
CA LEU A 60 2.20 6.84 -11.06
C LEU A 60 3.40 6.01 -11.52
N ASN A 61 3.83 6.11 -12.78
CA ASN A 61 4.96 5.33 -13.27
C ASN A 61 6.27 5.57 -12.52
N ASN A 62 6.41 6.65 -11.74
CA ASN A 62 7.62 6.95 -10.97
C ASN A 62 7.36 6.84 -9.47
N MET A 63 6.09 6.76 -9.08
CA MET A 63 5.68 6.66 -7.69
C MET A 63 6.17 5.33 -7.12
N LYS A 64 6.64 5.40 -5.88
CA LYS A 64 7.15 4.29 -5.10
C LYS A 64 6.52 4.39 -3.71
N ILE A 65 6.59 3.29 -2.98
CA ILE A 65 6.05 3.18 -1.63
C ILE A 65 7.13 2.50 -0.80
N THR A 66 7.27 2.93 0.46
CA THR A 66 8.24 2.37 1.38
C THR A 66 7.43 1.60 2.43
N PHE A 67 7.57 0.28 2.48
CA PHE A 67 6.87 -0.51 3.49
C PHE A 67 7.63 -0.27 4.80
N CYS A 68 6.93 -0.26 5.93
CA CYS A 68 7.51 -0.02 7.25
C CYS A 68 6.74 -0.82 8.31
N CYS A 69 7.40 -1.26 9.38
CA CYS A 69 6.83 -2.00 10.49
C CYS A 69 7.68 -1.65 11.73
N PRO A 70 7.20 -0.80 12.64
CA PRO A 70 7.93 -0.37 13.84
C PRO A 70 8.68 -1.46 14.60
N GLU A 71 9.59 -1.03 15.50
CA GLU A 71 10.36 -1.95 16.35
C GLU A 71 9.43 -2.73 17.30
N SER A 72 8.16 -2.32 17.33
CA SER A 72 7.04 -2.81 18.08
C SER A 72 5.79 -2.81 17.15
N TRP A 73 5.91 -3.21 15.86
CA TRP A 73 4.72 -3.27 15.00
C TRP A 73 3.67 -4.16 15.72
N ASN A 74 2.39 -3.86 15.53
CA ASN A 74 1.31 -4.59 16.17
C ASN A 74 0.29 -5.01 15.13
N GLU A 75 -0.03 -6.30 15.08
CA GLU A 75 -0.98 -6.89 14.14
C GLU A 75 -2.32 -6.16 14.11
N ARG A 76 -2.90 -5.86 15.27
CA ARG A 76 -4.19 -5.18 15.36
C ARG A 76 -4.09 -3.66 15.27
N ASP A 77 -2.97 -3.09 14.85
CA ASP A 77 -2.78 -1.64 14.72
C ASP A 77 -3.04 -1.27 13.25
N PRO A 78 -4.15 -0.58 12.92
CA PRO A 78 -4.49 -0.19 11.54
C PRO A 78 -3.36 0.47 10.75
N ILE A 79 -3.59 0.75 9.46
CA ILE A 79 -2.57 1.33 8.60
C ILE A 79 -2.33 2.82 8.85
N ARG A 80 -1.08 3.13 9.22
CA ARG A 80 -0.58 4.47 9.50
C ARG A 80 0.23 4.96 8.31
N ALA A 81 -0.49 5.35 7.25
CA ALA A 81 0.13 5.85 6.03
C ALA A 81 0.60 7.28 6.28
N LEU A 82 1.87 7.58 5.99
CA LEU A 82 2.44 8.92 6.18
C LEU A 82 2.82 9.45 4.80
N THR A 83 2.10 10.47 4.37
CA THR A 83 2.28 11.13 3.08
C THR A 83 3.69 11.69 2.86
N CYS A 84 4.40 12.08 3.94
CA CYS A 84 5.75 12.65 3.98
C CYS A 84 6.62 12.17 2.81
N PHE A 85 6.87 10.86 2.74
CA PHE A 85 7.65 10.22 1.68
C PHE A 85 6.95 8.93 1.24
N SER A 86 5.61 8.90 1.33
CA SER A 86 4.77 7.77 0.99
C SER A 86 5.24 6.48 1.68
N VAL A 87 5.42 6.56 3.00
CA VAL A 87 5.84 5.44 3.82
C VAL A 87 4.55 4.84 4.37
N LEU A 88 4.35 3.57 4.05
CA LEU A 88 3.18 2.79 4.41
C LEU A 88 3.51 1.83 5.54
N PHE A 89 3.00 2.13 6.73
CA PHE A 89 3.21 1.30 7.90
C PHE A 89 2.23 0.12 7.73
N LEU A 90 2.77 -1.10 7.74
CA LEU A 90 2.04 -2.34 7.56
C LEU A 90 2.53 -3.38 8.58
N PRO A 91 1.75 -3.73 9.61
CA PRO A 91 2.18 -4.74 10.57
C PRO A 91 2.19 -6.13 9.90
N LYS A 92 2.92 -7.09 10.48
CA LYS A 92 3.00 -8.44 9.92
C LYS A 92 1.77 -9.27 10.30
N TYR A 93 0.73 -9.15 9.49
CA TYR A 93 -0.52 -9.88 9.69
C TYR A 93 -0.31 -11.38 9.54
N SER A 94 -0.93 -12.18 10.40
CA SER A 94 -0.83 -13.64 10.36
C SER A 94 -1.37 -14.31 9.07
N THR A 95 -2.35 -13.72 8.37
CA THR A 95 -2.92 -14.32 7.16
C THR A 95 -3.01 -13.34 6.00
N MET A 96 -3.38 -13.88 4.84
CA MET A 96 -3.57 -13.13 3.62
C MET A 96 -4.87 -12.34 3.77
N GLU A 97 -5.94 -12.99 4.24
CA GLU A 97 -7.22 -12.35 4.42
C GLU A 97 -7.14 -11.16 5.37
N THR A 98 -6.39 -11.26 6.47
CA THR A 98 -6.27 -10.14 7.42
C THR A 98 -5.55 -8.94 6.78
N VAL A 99 -4.57 -9.16 5.87
CA VAL A 99 -3.88 -8.05 5.23
C VAL A 99 -4.77 -7.46 4.13
N GLU A 100 -5.59 -8.29 3.48
CA GLU A 100 -6.50 -7.85 2.43
C GLU A 100 -7.54 -6.91 3.07
N GLU A 101 -8.07 -7.27 4.24
CA GLU A 101 -9.04 -6.47 4.98
C GLU A 101 -8.48 -5.10 5.37
N ALA A 102 -7.20 -5.03 5.71
CA ALA A 102 -6.54 -3.80 6.10
C ALA A 102 -6.54 -2.81 4.93
N LEU A 103 -6.36 -3.33 3.70
CA LEU A 103 -6.34 -2.54 2.47
C LEU A 103 -7.68 -1.82 2.30
N GLN A 104 -8.78 -2.55 2.50
CA GLN A 104 -10.13 -2.03 2.38
C GLN A 104 -10.37 -0.85 3.33
N GLU A 105 -9.97 -0.94 4.60
CA GLU A 105 -10.14 0.14 5.58
C GLU A 105 -9.31 1.35 5.12
N ALA A 106 -8.08 1.11 4.65
CA ALA A 106 -7.19 2.17 4.21
C ALA A 106 -7.76 2.92 2.99
N ILE A 107 -8.31 2.23 1.98
CA ILE A 107 -8.87 2.91 0.81
C ILE A 107 -10.10 3.73 1.23
N ASN A 108 -10.85 3.26 2.22
CA ASN A 108 -12.03 3.96 2.70
C ASN A 108 -11.66 5.15 3.59
N ASN A 109 -10.36 5.31 3.89
CA ASN A 109 -9.68 6.33 4.70
C ASN A 109 -9.66 5.82 6.13
N ASN A 110 -8.49 5.43 6.64
CA ASN A 110 -8.30 4.88 8.00
C ASN A 110 -8.59 5.83 9.18
N ARG A 111 -9.26 6.95 8.90
CA ARG A 111 -9.72 8.05 9.77
C ARG A 111 -8.76 8.34 10.94
N GLY A 112 -9.29 8.73 12.10
CA GLY A 112 -8.56 9.04 13.33
C GLY A 112 -7.60 10.21 13.18
N PHE A 113 -6.40 9.92 12.67
CA PHE A 113 -5.30 10.86 12.42
C PHE A 113 -5.38 11.56 11.07
N GLY A 114 -6.32 11.10 10.27
CA GLY A 114 -6.62 11.58 8.92
C GLY A 114 -5.39 11.35 8.03
N GLY A 1 -11.12 -3.54 -12.31
CA GLY A 1 -11.06 -2.31 -13.09
C GLY A 1 -9.65 -1.79 -13.29
N ASN A 2 -9.36 -1.24 -14.47
CA ASN A 2 -8.09 -0.64 -14.90
C ASN A 2 -8.43 0.39 -15.99
N THR A 3 -7.49 1.27 -16.38
CA THR A 3 -7.75 2.28 -17.41
C THR A 3 -6.44 2.73 -18.06
N ASP A 4 -5.61 1.82 -18.57
CA ASP A 4 -4.34 2.13 -19.22
C ASP A 4 -3.37 2.88 -18.30
N TYR A 5 -2.81 2.14 -17.35
CA TYR A 5 -1.85 2.57 -16.34
C TYR A 5 -1.00 1.34 -16.06
N ASP A 6 0.33 1.48 -15.95
CA ASP A 6 1.17 0.32 -15.66
C ASP A 6 1.31 0.16 -14.15
N TRP A 7 0.55 -0.75 -13.58
CA TRP A 7 0.59 -1.03 -12.15
C TRP A 7 1.76 -1.97 -11.81
N LYS A 8 2.37 -2.63 -12.80
CA LYS A 8 3.51 -3.52 -12.55
C LYS A 8 4.68 -2.64 -12.12
N THR A 9 4.89 -1.51 -12.78
CA THR A 9 5.98 -0.62 -12.43
C THR A 9 5.84 -0.07 -11.01
N PHE A 10 4.63 0.01 -10.46
CA PHE A 10 4.43 0.53 -9.12
C PHE A 10 4.93 -0.47 -8.09
N GLU A 11 4.48 -1.72 -8.22
CA GLU A 11 4.87 -2.76 -7.28
C GLU A 11 6.35 -3.14 -7.43
N LYS A 12 6.94 -2.93 -8.62
CA LYS A 12 8.34 -3.25 -8.87
C LYS A 12 9.27 -2.15 -8.39
N ASN A 13 8.91 -0.86 -8.57
CA ASN A 13 9.75 0.26 -8.14
C ASN A 13 9.60 0.54 -6.63
N ALA A 14 8.69 -0.16 -5.95
CA ALA A 14 8.44 -0.04 -4.52
C ALA A 14 9.69 -0.37 -3.70
N ARG A 15 9.72 0.10 -2.45
CA ARG A 15 10.79 -0.07 -1.48
C ARG A 15 10.30 -0.85 -0.28
N TYR A 16 11.26 -1.38 0.48
CA TYR A 16 11.05 -2.17 1.68
C TYR A 16 12.20 -1.85 2.63
N GLU A 17 11.99 -1.97 3.93
CA GLU A 17 13.03 -1.69 4.93
C GLU A 17 14.07 -2.83 4.92
N PRO A 18 15.28 -2.63 5.49
CA PRO A 18 16.29 -3.68 5.52
C PRO A 18 15.75 -4.85 6.33
N GLY A 19 15.81 -6.07 5.78
CA GLY A 19 15.33 -7.28 6.43
C GLY A 19 14.12 -7.89 5.73
N TYR A 20 13.45 -7.14 4.85
CA TYR A 20 12.28 -7.57 4.11
C TYR A 20 12.51 -7.41 2.61
N ASN A 21 11.80 -8.19 1.79
CA ASN A 21 11.92 -8.17 0.33
C ASN A 21 10.58 -8.60 -0.29
N SER A 22 10.39 -8.33 -1.59
CA SER A 22 9.20 -8.65 -2.36
C SER A 22 8.79 -10.11 -2.34
N SER A 23 9.77 -11.03 -2.25
CA SER A 23 9.50 -12.46 -2.21
C SER A 23 9.03 -12.92 -0.82
N HIS A 24 9.32 -12.18 0.25
CA HIS A 24 8.88 -12.59 1.58
C HIS A 24 7.35 -12.48 1.62
N PRO A 25 6.64 -13.50 2.15
CA PRO A 25 5.18 -13.56 2.25
C PRO A 25 4.40 -12.26 2.50
N THR A 26 4.80 -11.39 3.43
CA THR A 26 4.08 -10.15 3.72
C THR A 26 3.77 -9.31 2.47
N ILE A 27 4.82 -8.88 1.77
CA ILE A 27 4.73 -8.05 0.58
C ILE A 27 3.99 -8.81 -0.53
N VAL A 28 4.38 -10.04 -0.89
CA VAL A 28 3.66 -10.77 -1.95
C VAL A 28 2.16 -10.89 -1.65
N MET A 29 1.78 -11.12 -0.38
CA MET A 29 0.39 -11.26 0.07
C MET A 29 -0.33 -9.90 -0.03
N PHE A 30 0.30 -8.82 0.44
CA PHE A 30 -0.25 -7.47 0.36
C PHE A 30 -0.49 -7.15 -1.12
N TRP A 31 0.47 -7.51 -1.99
CA TRP A 31 0.34 -7.28 -3.41
C TRP A 31 -0.88 -8.03 -3.96
N LYS A 32 -1.28 -9.18 -3.40
CA LYS A 32 -2.46 -9.89 -3.90
C LYS A 32 -3.66 -8.97 -3.76
N ALA A 33 -3.84 -8.38 -2.57
CA ALA A 33 -4.95 -7.48 -2.33
C ALA A 33 -4.92 -6.33 -3.34
N PHE A 34 -3.74 -5.71 -3.50
CA PHE A 34 -3.48 -4.59 -4.40
C PHE A 34 -3.77 -4.91 -5.87
N HIS A 35 -3.42 -6.11 -6.35
CA HIS A 35 -3.64 -6.53 -7.73
C HIS A 35 -5.09 -6.93 -8.01
N LYS A 36 -5.80 -7.53 -7.05
CA LYS A 36 -7.18 -7.97 -7.30
C LYS A 36 -8.24 -6.86 -7.30
N LEU A 37 -8.08 -5.79 -6.51
CA LEU A 37 -9.03 -4.67 -6.39
C LEU A 37 -9.15 -3.81 -7.67
N THR A 38 -10.15 -2.91 -7.72
CA THR A 38 -10.38 -2.06 -8.90
C THR A 38 -9.55 -0.78 -8.90
N LEU A 39 -9.60 -0.07 -10.04
CA LEU A 39 -8.92 1.18 -10.30
C LEU A 39 -9.39 2.23 -9.32
N GLU A 40 -10.70 2.33 -9.14
CA GLU A 40 -11.28 3.32 -8.22
C GLU A 40 -10.76 3.05 -6.80
N GLU A 41 -10.75 1.79 -6.34
CA GLU A 41 -10.26 1.43 -5.01
C GLU A 41 -8.78 1.78 -4.89
N LYS A 42 -7.96 1.41 -5.87
CA LYS A 42 -6.54 1.72 -5.79
C LYS A 42 -6.28 3.21 -5.75
N LYS A 43 -7.07 4.03 -6.46
CA LYS A 43 -6.88 5.47 -6.43
C LYS A 43 -7.12 5.95 -4.99
N LYS A 44 -8.15 5.45 -4.30
CA LYS A 44 -8.41 5.87 -2.92
C LYS A 44 -7.20 5.55 -2.04
N PHE A 45 -6.60 4.36 -2.19
CA PHE A 45 -5.42 3.95 -1.42
C PHE A 45 -4.27 4.92 -1.71
N LEU A 46 -4.04 5.25 -2.99
CA LEU A 46 -2.96 6.15 -3.38
C LEU A 46 -3.13 7.53 -2.77
N VAL A 47 -4.36 8.05 -2.71
CA VAL A 47 -4.66 9.38 -2.14
C VAL A 47 -4.53 9.37 -0.61
N PHE A 48 -4.55 8.18 -0.01
CA PHE A 48 -4.38 8.01 1.42
C PHE A 48 -2.87 8.00 1.69
N LEU A 49 -2.09 7.31 0.84
CA LEU A 49 -0.65 7.18 0.93
C LEU A 49 0.11 8.45 0.51
N THR A 50 -0.35 9.19 -0.50
CA THR A 50 0.25 10.42 -1.01
C THR A 50 -0.85 11.50 -0.98
N GLY A 51 -0.50 12.77 -0.71
CA GLY A 51 -1.45 13.88 -0.64
C GLY A 51 -1.82 14.45 -2.01
N THR A 52 -1.74 13.65 -3.07
CA THR A 52 -2.04 14.06 -4.43
C THR A 52 -3.18 13.22 -4.96
N ASP A 53 -4.18 13.89 -5.54
CA ASP A 53 -5.36 13.27 -6.11
C ASP A 53 -5.13 12.90 -7.58
N ARG A 54 -6.02 12.09 -8.16
CA ARG A 54 -6.04 11.61 -9.56
C ARG A 54 -4.66 11.55 -10.22
N LEU A 55 -3.71 10.91 -9.52
CA LEU A 55 -2.31 10.74 -9.90
C LEU A 55 -2.21 10.27 -11.34
N GLN A 56 -1.62 11.13 -12.18
CA GLN A 56 -1.42 10.90 -13.60
C GLN A 56 -0.38 9.80 -13.85
N MET A 57 -0.26 9.31 -15.10
CA MET A 57 0.70 8.27 -15.44
C MET A 57 2.12 8.78 -15.15
N LYS A 58 2.39 10.07 -15.44
CA LYS A 58 3.70 10.67 -15.17
C LYS A 58 4.05 10.57 -13.68
N ASP A 59 3.05 10.55 -12.80
CA ASP A 59 3.24 10.47 -11.37
C ASP A 59 3.37 9.02 -10.95
N LEU A 60 2.44 8.18 -11.40
CA LEU A 60 2.41 6.76 -11.07
C LEU A 60 3.65 6.00 -11.52
N ASN A 61 4.25 6.34 -12.67
CA ASN A 61 5.44 5.63 -13.15
C ASN A 61 6.67 5.74 -12.23
N ASN A 62 6.68 6.69 -11.29
CA ASN A 62 7.75 6.91 -10.31
C ASN A 62 7.22 6.74 -8.88
N MET A 63 5.90 6.62 -8.74
CA MET A 63 5.24 6.43 -7.47
C MET A 63 5.71 5.09 -6.94
N LYS A 64 6.25 5.13 -5.73
CA LYS A 64 6.79 4.01 -4.97
C LYS A 64 6.19 4.12 -3.58
N ILE A 65 6.26 3.01 -2.84
CA ILE A 65 5.77 2.89 -1.49
C ILE A 65 6.85 2.19 -0.69
N THR A 66 7.00 2.53 0.59
CA THR A 66 7.99 1.92 1.48
C THR A 66 7.21 1.21 2.59
N PHE A 67 7.57 -0.02 3.01
CA PHE A 67 6.89 -0.78 4.07
C PHE A 67 7.64 -0.71 5.42
N CYS A 68 6.91 -0.54 6.53
CA CYS A 68 7.44 -0.42 7.90
C CYS A 68 6.61 -1.25 8.87
N CYS A 69 7.22 -1.70 9.96
CA CYS A 69 6.64 -2.47 11.06
C CYS A 69 7.35 -2.00 12.34
N PRO A 70 6.82 -1.03 13.09
CA PRO A 70 7.43 -0.53 14.31
C PRO A 70 7.91 -1.62 15.26
N GLU A 71 8.82 -1.26 16.17
CA GLU A 71 9.41 -2.14 17.18
C GLU A 71 8.40 -2.79 18.11
N SER A 72 7.13 -2.41 17.99
CA SER A 72 5.97 -2.83 18.75
C SER A 72 4.78 -3.22 17.87
N TRP A 73 4.93 -3.41 16.56
CA TRP A 73 3.83 -3.78 15.65
C TRP A 73 2.94 -4.90 16.22
N ASN A 74 1.62 -4.74 16.16
CA ASN A 74 0.62 -5.72 16.61
C ASN A 74 -0.09 -6.10 15.32
N GLU A 75 -0.59 -7.32 15.20
CA GLU A 75 -1.26 -7.77 13.99
C GLU A 75 -2.32 -6.81 13.47
N ARG A 76 -3.21 -6.33 14.34
CA ARG A 76 -4.30 -5.44 13.98
C ARG A 76 -3.98 -3.97 14.24
N ASP A 77 -2.71 -3.59 14.39
CA ASP A 77 -2.40 -2.17 14.61
C ASP A 77 -2.88 -1.44 13.35
N PRO A 78 -3.66 -0.34 13.42
CA PRO A 78 -4.15 0.35 12.24
C PRO A 78 -3.01 0.75 11.30
N ILE A 79 -3.32 0.97 10.02
CA ILE A 79 -2.33 1.33 9.02
C ILE A 79 -2.00 2.79 9.25
N ARG A 80 -0.81 3.06 9.80
CA ARG A 80 -0.37 4.42 10.12
C ARG A 80 0.63 4.96 9.10
N ALA A 81 0.16 5.39 7.93
CA ALA A 81 1.00 5.94 6.86
C ALA A 81 1.15 7.47 6.93
N LEU A 82 2.12 8.02 6.20
CA LEU A 82 2.34 9.47 6.11
C LEU A 82 2.71 9.81 4.67
N THR A 83 2.17 10.92 4.19
CA THR A 83 2.31 11.46 2.84
C THR A 83 3.65 12.09 2.42
N CYS A 84 4.65 12.24 3.28
CA CYS A 84 5.93 12.87 2.90
C CYS A 84 6.69 12.15 1.78
N PHE A 85 6.77 10.82 1.80
CA PHE A 85 7.47 10.01 0.81
C PHE A 85 6.76 8.67 0.57
N SER A 86 5.43 8.63 0.76
CA SER A 86 4.61 7.44 0.56
C SER A 86 5.09 6.27 1.44
N VAL A 87 5.25 6.51 2.73
CA VAL A 87 5.71 5.51 3.68
C VAL A 87 4.43 4.89 4.26
N LEU A 88 4.33 3.57 4.16
CA LEU A 88 3.20 2.77 4.60
C LEU A 88 3.59 1.86 5.76
N PHE A 89 2.92 2.02 6.89
CA PHE A 89 3.17 1.18 8.05
C PHE A 89 2.22 0.00 7.84
N LEU A 90 2.70 -1.23 8.02
CA LEU A 90 1.90 -2.43 7.85
C LEU A 90 2.43 -3.56 8.75
N PRO A 91 1.69 -3.95 9.80
CA PRO A 91 2.10 -5.05 10.69
C PRO A 91 2.22 -6.37 9.89
N LYS A 92 2.97 -7.37 10.38
CA LYS A 92 3.15 -8.64 9.67
C LYS A 92 1.95 -9.58 9.89
N TYR A 93 0.88 -9.38 9.14
CA TYR A 93 -0.35 -10.15 9.20
C TYR A 93 -0.13 -11.66 8.99
N SER A 94 -0.80 -12.46 9.82
CA SER A 94 -0.74 -13.92 9.82
C SER A 94 -1.56 -14.55 8.67
N THR A 95 -2.48 -13.85 8.00
CA THR A 95 -3.28 -14.42 6.91
C THR A 95 -3.58 -13.39 5.81
N MET A 96 -3.98 -13.89 4.63
CA MET A 96 -4.31 -13.08 3.48
C MET A 96 -5.54 -12.21 3.75
N GLU A 97 -6.56 -12.77 4.40
CA GLU A 97 -7.79 -12.07 4.71
C GLU A 97 -7.54 -10.90 5.63
N THR A 98 -6.73 -11.07 6.68
CA THR A 98 -6.46 -9.99 7.61
C THR A 98 -5.71 -8.84 6.90
N VAL A 99 -4.75 -9.13 6.01
CA VAL A 99 -4.05 -8.06 5.31
C VAL A 99 -5.02 -7.43 4.27
N GLU A 100 -5.97 -8.20 3.74
CA GLU A 100 -6.95 -7.72 2.77
C GLU A 100 -7.95 -6.78 3.47
N GLU A 101 -8.37 -7.09 4.71
CA GLU A 101 -9.29 -6.30 5.50
C GLU A 101 -8.70 -4.91 5.73
N ALA A 102 -7.42 -4.86 6.11
CA ALA A 102 -6.72 -3.60 6.35
C ALA A 102 -6.64 -2.81 5.03
N LEU A 103 -6.54 -3.49 3.87
CA LEU A 103 -6.50 -2.81 2.57
C LEU A 103 -7.82 -2.06 2.40
N GLN A 104 -8.96 -2.72 2.67
CA GLN A 104 -10.29 -2.12 2.55
C GLN A 104 -10.41 -0.94 3.53
N GLU A 105 -9.84 -1.06 4.73
CA GLU A 105 -9.87 -0.03 5.76
C GLU A 105 -9.11 1.22 5.25
N ALA A 106 -7.93 1.03 4.67
CA ALA A 106 -7.09 2.10 4.13
C ALA A 106 -7.76 2.78 2.93
N ILE A 107 -8.38 2.05 1.98
CA ILE A 107 -9.05 2.71 0.84
C ILE A 107 -10.21 3.56 1.39
N ASN A 108 -10.91 3.08 2.43
CA ASN A 108 -12.01 3.84 3.03
C ASN A 108 -11.50 5.05 3.81
N ASN A 109 -10.19 5.09 4.08
CA ASN A 109 -9.37 6.09 4.76
C ASN A 109 -9.27 5.75 6.25
N ASN A 110 -8.09 5.31 6.68
CA ASN A 110 -7.76 4.91 8.06
C ASN A 110 -7.78 6.06 9.12
N ARG A 111 -8.50 7.14 8.85
CA ARG A 111 -8.66 8.35 9.68
C ARG A 111 -7.32 9.03 9.99
N GLY A 112 -7.35 10.17 10.72
CA GLY A 112 -6.18 10.95 11.13
C GLY A 112 -5.49 11.73 10.02
N PHE A 113 -5.19 11.07 8.92
CA PHE A 113 -4.50 11.60 7.75
C PHE A 113 -5.08 10.93 6.51
N GLY A 114 -4.43 11.10 5.35
CA GLY A 114 -4.84 10.53 4.08
C GLY A 114 -4.77 11.56 2.95
N GLY A 1 -13.32 -0.53 -14.30
CA GLY A 1 -12.25 -0.61 -13.30
C GLY A 1 -10.91 -0.24 -13.91
N ASN A 2 -9.98 -1.19 -14.04
CA ASN A 2 -8.66 -0.94 -14.62
C ASN A 2 -8.83 -0.38 -16.03
N THR A 3 -7.87 0.45 -16.40
CA THR A 3 -7.77 1.16 -17.66
C THR A 3 -6.28 1.36 -17.93
N ASP A 4 -5.94 2.28 -18.84
CA ASP A 4 -4.56 2.59 -19.22
C ASP A 4 -3.75 3.25 -18.10
N TYR A 5 -3.14 2.42 -17.26
CA TYR A 5 -2.29 2.75 -16.12
C TYR A 5 -1.40 1.54 -15.91
N ASP A 6 -0.09 1.76 -15.78
CA ASP A 6 0.93 0.74 -15.57
C ASP A 6 1.11 0.53 -14.07
N TRP A 7 0.41 -0.47 -13.53
CA TRP A 7 0.45 -0.84 -12.11
C TRP A 7 1.59 -1.81 -11.78
N LYS A 8 2.18 -2.45 -12.79
CA LYS A 8 3.26 -3.39 -12.59
C LYS A 8 4.55 -2.64 -12.25
N THR A 9 4.85 -1.54 -12.94
CA THR A 9 6.06 -0.79 -12.63
C THR A 9 6.01 -0.21 -11.21
N PHE A 10 4.80 0.00 -10.66
CA PHE A 10 4.60 0.56 -9.34
C PHE A 10 5.03 -0.45 -8.29
N GLU A 11 4.51 -1.68 -8.36
CA GLU A 11 4.89 -2.72 -7.38
C GLU A 11 6.37 -3.08 -7.52
N LYS A 12 6.89 -3.08 -8.76
CA LYS A 12 8.28 -3.39 -9.05
C LYS A 12 9.21 -2.31 -8.50
N ASN A 13 8.89 -1.02 -8.68
CA ASN A 13 9.74 0.07 -8.22
C ASN A 13 9.60 0.35 -6.71
N ALA A 14 8.71 -0.36 -6.00
CA ALA A 14 8.53 -0.18 -4.57
C ALA A 14 9.84 -0.45 -3.82
N ARG A 15 9.91 0.07 -2.60
CA ARG A 15 11.03 -0.04 -1.69
C ARG A 15 10.68 -0.98 -0.54
N TYR A 16 11.72 -1.61 -0.01
CA TYR A 16 11.67 -2.57 1.07
C TYR A 16 12.82 -2.26 2.03
N GLU A 17 12.59 -2.41 3.33
CA GLU A 17 13.64 -2.19 4.34
C GLU A 17 14.46 -3.50 4.51
N PRO A 18 15.69 -3.44 5.04
CA PRO A 18 16.52 -4.63 5.22
C PRO A 18 15.83 -5.68 6.09
N GLY A 19 15.68 -6.87 5.52
CA GLY A 19 15.05 -8.03 6.14
C GLY A 19 13.75 -8.41 5.43
N TYR A 20 13.26 -7.58 4.51
CA TYR A 20 12.03 -7.80 3.76
C TYR A 20 12.37 -7.72 2.27
N ASN A 21 11.47 -8.25 1.46
CA ASN A 21 11.54 -8.33 0.00
C ASN A 21 10.15 -8.76 -0.47
N SER A 22 9.91 -8.75 -1.78
CA SER A 22 8.63 -9.16 -2.35
C SER A 22 8.33 -10.65 -2.04
N SER A 23 9.35 -11.48 -1.76
CA SER A 23 9.18 -12.89 -1.42
C SER A 23 8.76 -13.12 0.04
N HIS A 24 8.78 -12.06 0.87
CA HIS A 24 8.39 -12.15 2.27
C HIS A 24 6.89 -12.47 2.26
N PRO A 25 6.41 -13.42 3.07
CA PRO A 25 4.99 -13.80 3.11
C PRO A 25 4.06 -12.61 3.23
N THR A 26 4.29 -11.73 4.21
CA THR A 26 3.43 -10.57 4.40
C THR A 26 3.38 -9.69 3.14
N ILE A 27 4.50 -9.53 2.42
CA ILE A 27 4.54 -8.70 1.23
C ILE A 27 3.90 -9.42 0.03
N VAL A 28 4.20 -10.68 -0.26
CA VAL A 28 3.60 -11.36 -1.41
C VAL A 28 2.07 -11.32 -1.27
N MET A 29 1.53 -11.51 -0.05
CA MET A 29 0.10 -11.46 0.20
C MET A 29 -0.43 -10.01 0.06
N PHE A 30 0.38 -8.99 0.35
CA PHE A 30 -0.02 -7.59 0.23
C PHE A 30 -0.19 -7.26 -1.25
N TRP A 31 0.77 -7.61 -2.12
CA TRP A 31 0.61 -7.31 -3.53
C TRP A 31 -0.67 -7.94 -4.08
N LYS A 32 -1.14 -9.07 -3.52
CA LYS A 32 -2.38 -9.69 -3.96
C LYS A 32 -3.54 -8.74 -3.64
N ALA A 33 -3.57 -8.13 -2.44
CA ALA A 33 -4.61 -7.20 -2.01
C ALA A 33 -4.70 -6.02 -2.99
N PHE A 34 -3.54 -5.50 -3.40
CA PHE A 34 -3.41 -4.38 -4.32
C PHE A 34 -3.85 -4.77 -5.74
N HIS A 35 -3.59 -6.01 -6.17
CA HIS A 35 -3.96 -6.47 -7.51
C HIS A 35 -5.41 -6.95 -7.62
N LYS A 36 -6.06 -7.40 -6.55
CA LYS A 36 -7.46 -7.88 -6.61
C LYS A 36 -8.44 -6.70 -6.70
N LEU A 37 -8.15 -5.59 -6.04
CA LEU A 37 -9.02 -4.41 -6.04
C LEU A 37 -9.03 -3.72 -7.41
N THR A 38 -9.96 -2.78 -7.62
CA THR A 38 -10.09 -2.05 -8.88
C THR A 38 -9.31 -0.73 -8.88
N LEU A 39 -9.36 -0.03 -10.02
CA LEU A 39 -8.70 1.25 -10.28
C LEU A 39 -9.15 2.32 -9.31
N GLU A 40 -10.46 2.40 -9.11
CA GLU A 40 -11.08 3.39 -8.25
C GLU A 40 -10.50 3.26 -6.83
N GLU A 41 -10.37 2.03 -6.34
CA GLU A 41 -9.86 1.67 -5.03
C GLU A 41 -8.38 2.03 -4.89
N LYS A 42 -7.53 1.64 -5.85
CA LYS A 42 -6.11 1.98 -5.72
C LYS A 42 -5.88 3.48 -5.72
N LYS A 43 -6.74 4.29 -6.34
CA LYS A 43 -6.57 5.73 -6.30
C LYS A 43 -6.72 6.16 -4.83
N LYS A 44 -7.71 5.63 -4.09
CA LYS A 44 -7.91 5.97 -2.66
C LYS A 44 -6.66 5.58 -1.86
N PHE A 45 -6.05 4.43 -2.17
CA PHE A 45 -4.84 3.96 -1.48
C PHE A 45 -3.71 4.99 -1.69
N LEU A 46 -3.54 5.50 -2.90
CA LEU A 46 -2.50 6.50 -3.18
C LEU A 46 -2.79 7.81 -2.44
N VAL A 47 -4.05 8.21 -2.36
CA VAL A 47 -4.52 9.44 -1.72
C VAL A 47 -4.23 9.49 -0.21
N PHE A 48 -4.24 8.38 0.54
CA PHE A 48 -3.92 8.44 1.98
C PHE A 48 -2.41 8.25 2.24
N LEU A 49 -1.69 7.73 1.24
CA LEU A 49 -0.25 7.45 1.25
C LEU A 49 0.59 8.63 0.77
N THR A 50 0.01 9.45 -0.10
CA THR A 50 0.61 10.62 -0.70
C THR A 50 -0.29 11.82 -0.41
N GLY A 51 0.17 13.04 -0.68
CA GLY A 51 -0.58 14.25 -0.43
C GLY A 51 -1.26 14.83 -1.65
N THR A 52 -1.32 14.12 -2.79
CA THR A 52 -1.95 14.64 -4.00
C THR A 52 -2.84 13.57 -4.62
N ASP A 53 -4.06 13.95 -4.96
CA ASP A 53 -5.08 13.09 -5.57
C ASP A 53 -4.84 12.99 -7.07
N ARG A 54 -5.59 12.10 -7.74
CA ARG A 54 -5.60 11.82 -9.18
C ARG A 54 -4.24 11.96 -9.88
N LEU A 55 -3.23 11.26 -9.37
CA LEU A 55 -1.88 11.29 -9.93
C LEU A 55 -1.89 10.84 -11.39
N GLN A 56 -1.18 11.61 -12.22
CA GLN A 56 -1.00 11.43 -13.66
C GLN A 56 -0.07 10.24 -13.96
N MET A 57 -0.06 9.79 -15.22
CA MET A 57 0.78 8.67 -15.67
C MET A 57 2.25 8.99 -15.42
N LYS A 58 2.66 10.23 -15.73
CA LYS A 58 4.02 10.69 -15.55
C LYS A 58 4.47 10.45 -14.11
N ASP A 59 3.60 10.70 -13.14
CA ASP A 59 3.97 10.51 -11.74
C ASP A 59 3.84 9.06 -11.29
N LEU A 60 2.83 8.33 -11.78
CA LEU A 60 2.62 6.94 -11.38
C LEU A 60 3.76 6.04 -11.86
N ASN A 61 4.31 6.27 -13.07
CA ASN A 61 5.39 5.44 -13.61
C ASN A 61 6.69 5.45 -12.80
N ASN A 62 6.85 6.38 -11.85
CA ASN A 62 8.04 6.47 -10.99
C ASN A 62 7.64 6.40 -9.51
N MET A 63 6.35 6.28 -9.23
CA MET A 63 5.86 6.18 -7.88
C MET A 63 6.30 4.85 -7.29
N LYS A 64 6.83 4.91 -6.08
CA LYS A 64 7.35 3.85 -5.24
C LYS A 64 6.75 4.05 -3.86
N ILE A 65 6.77 3.02 -3.02
CA ILE A 65 6.26 3.06 -1.66
C ILE A 65 7.35 2.44 -0.77
N THR A 66 7.51 2.92 0.46
CA THR A 66 8.52 2.44 1.39
C THR A 66 7.82 1.60 2.47
N PHE A 67 7.95 0.26 2.43
CA PHE A 67 7.30 -0.60 3.42
C PHE A 67 8.19 -0.70 4.66
N CYS A 68 7.63 -0.71 5.87
CA CYS A 68 8.37 -0.83 7.13
C CYS A 68 7.42 -1.40 8.19
N CYS A 69 7.94 -2.07 9.21
CA CYS A 69 7.18 -2.68 10.32
C CYS A 69 7.86 -2.30 11.64
N PRO A 70 7.60 -1.10 12.20
CA PRO A 70 8.18 -0.59 13.44
C PRO A 70 8.34 -1.61 14.55
N GLU A 71 9.29 -1.36 15.44
CA GLU A 71 9.62 -2.17 16.59
C GLU A 71 8.43 -2.50 17.49
N SER A 72 7.40 -1.65 17.45
CA SER A 72 6.16 -1.79 18.21
C SER A 72 4.95 -2.19 17.36
N TRP A 73 5.13 -2.70 16.13
CA TRP A 73 4.01 -3.13 15.30
C TRP A 73 3.11 -4.13 16.07
N ASN A 74 1.84 -4.23 15.63
CA ASN A 74 0.84 -5.13 16.19
C ASN A 74 -0.04 -5.51 15.01
N GLU A 75 -0.41 -6.79 14.86
CA GLU A 75 -1.20 -7.24 13.72
C GLU A 75 -2.50 -6.45 13.50
N ARG A 76 -3.25 -6.22 14.59
CA ARG A 76 -4.53 -5.53 14.53
C ARG A 76 -4.43 -4.00 14.59
N ASP A 77 -3.24 -3.40 14.59
CA ASP A 77 -3.14 -1.94 14.62
C ASP A 77 -3.48 -1.42 13.22
N PRO A 78 -4.25 -0.32 13.03
CA PRO A 78 -4.62 0.18 11.71
C PRO A 78 -3.41 0.68 10.92
N ILE A 79 -3.55 0.82 9.60
CA ILE A 79 -2.46 1.25 8.74
C ILE A 79 -2.26 2.77 8.87
N ARG A 80 -1.03 3.19 9.18
CA ARG A 80 -0.60 4.57 9.36
C ARG A 80 0.37 4.96 8.25
N ALA A 81 -0.17 5.33 7.09
CA ALA A 81 0.61 5.75 5.94
C ALA A 81 1.06 7.19 6.15
N LEU A 82 2.15 7.64 5.50
CA LEU A 82 2.67 9.00 5.67
C LEU A 82 3.01 9.67 4.33
N THR A 83 2.40 10.82 4.08
CA THR A 83 2.56 11.64 2.88
C THR A 83 3.97 12.24 2.73
N CYS A 84 4.90 11.98 3.66
CA CYS A 84 6.27 12.50 3.66
C CYS A 84 7.04 12.00 2.42
N PHE A 85 7.07 10.69 2.18
CA PHE A 85 7.75 10.07 1.04
C PHE A 85 7.10 8.73 0.69
N SER A 86 5.76 8.66 0.77
CA SER A 86 5.00 7.44 0.50
C SER A 86 5.50 6.28 1.38
N VAL A 87 5.65 6.53 2.68
CA VAL A 87 6.11 5.50 3.61
C VAL A 87 4.87 4.88 4.23
N LEU A 88 4.80 3.55 4.16
CA LEU A 88 3.72 2.73 4.64
C LEU A 88 4.16 1.80 5.76
N PHE A 89 3.72 2.13 6.96
CA PHE A 89 3.95 1.36 8.17
C PHE A 89 2.96 0.21 8.00
N LEU A 90 3.47 -1.00 7.83
CA LEU A 90 2.69 -2.20 7.61
C LEU A 90 3.05 -3.27 8.63
N PRO A 91 2.16 -3.60 9.58
CA PRO A 91 2.43 -4.64 10.57
C PRO A 91 2.57 -6.03 9.90
N LYS A 92 3.13 -7.00 10.63
CA LYS A 92 3.34 -8.35 10.11
C LYS A 92 2.04 -9.16 10.23
N TYR A 93 1.25 -9.21 9.17
CA TYR A 93 -0.01 -9.94 9.15
C TYR A 93 0.24 -11.44 9.24
N SER A 94 -0.50 -12.13 10.09
CA SER A 94 -0.44 -13.58 10.31
C SER A 94 -1.31 -14.33 9.31
N THR A 95 -2.28 -13.68 8.66
CA THR A 95 -3.16 -14.31 7.70
C THR A 95 -3.31 -13.42 6.47
N MET A 96 -3.72 -14.00 5.34
CA MET A 96 -3.91 -13.23 4.12
C MET A 96 -5.15 -12.35 4.27
N GLU A 97 -6.19 -12.84 4.95
CA GLU A 97 -7.40 -12.05 5.13
C GLU A 97 -7.13 -10.83 6.02
N THR A 98 -6.25 -10.91 7.04
CA THR A 98 -6.00 -9.75 7.89
C THR A 98 -5.33 -8.64 7.07
N VAL A 99 -4.43 -8.98 6.13
CA VAL A 99 -3.81 -7.93 5.31
C VAL A 99 -4.83 -7.35 4.33
N GLU A 100 -5.68 -8.21 3.76
CA GLU A 100 -6.69 -7.83 2.78
C GLU A 100 -7.77 -6.94 3.41
N GLU A 101 -8.10 -7.17 4.68
CA GLU A 101 -9.07 -6.40 5.44
C GLU A 101 -8.51 -5.01 5.72
N ALA A 102 -7.25 -4.96 6.16
CA ALA A 102 -6.59 -3.71 6.49
C ALA A 102 -6.48 -2.77 5.27
N LEU A 103 -6.36 -3.35 4.07
CA LEU A 103 -6.27 -2.61 2.81
C LEU A 103 -7.58 -1.86 2.60
N GLN A 104 -8.70 -2.60 2.67
CA GLN A 104 -10.05 -2.10 2.48
C GLN A 104 -10.38 -0.96 3.46
N GLU A 105 -10.02 -1.10 4.73
CA GLU A 105 -10.29 -0.08 5.74
C GLU A 105 -9.67 1.26 5.36
N ALA A 106 -8.40 1.28 4.93
CA ALA A 106 -7.74 2.51 4.56
C ALA A 106 -8.34 3.16 3.32
N ILE A 107 -8.63 2.39 2.27
CA ILE A 107 -9.24 2.97 1.07
C ILE A 107 -10.65 3.49 1.41
N ASN A 108 -11.31 2.97 2.46
CA ASN A 108 -12.64 3.44 2.82
C ASN A 108 -12.59 4.65 3.75
N ASN A 109 -11.62 4.79 4.66
CA ASN A 109 -11.34 5.86 5.64
C ASN A 109 -10.89 5.28 6.97
N ASN A 110 -9.58 5.34 7.24
CA ASN A 110 -8.95 4.86 8.46
C ASN A 110 -9.23 5.76 9.69
N ARG A 111 -10.40 6.43 9.76
CA ARG A 111 -10.86 7.34 10.82
C ARG A 111 -9.69 8.19 11.29
N GLY A 112 -9.29 9.11 10.42
CA GLY A 112 -8.19 10.03 10.64
C GLY A 112 -7.89 10.76 9.35
N PHE A 113 -7.60 10.01 8.28
CA PHE A 113 -7.28 10.57 6.98
C PHE A 113 -7.78 9.66 5.86
N GLY A 114 -7.41 9.94 4.61
CA GLY A 114 -7.81 9.17 3.45
C GLY A 114 -9.33 9.04 3.39
N GLY A 1 -12.21 -3.13 -14.08
CA GLY A 1 -11.92 -1.69 -13.95
C GLY A 1 -10.60 -1.32 -14.63
N ASN A 2 -9.47 -1.82 -14.09
CA ASN A 2 -8.07 -1.63 -14.50
C ASN A 2 -7.89 -0.90 -15.84
N THR A 3 -7.59 0.39 -15.79
CA THR A 3 -7.37 1.21 -16.97
C THR A 3 -5.87 1.38 -17.26
N ASP A 4 -5.57 2.10 -18.34
CA ASP A 4 -4.25 2.41 -18.89
C ASP A 4 -3.31 3.10 -17.90
N TYR A 5 -2.60 2.29 -17.13
CA TYR A 5 -1.62 2.66 -16.13
C TYR A 5 -0.77 1.40 -15.97
N ASP A 6 0.55 1.52 -15.98
CA ASP A 6 1.43 0.37 -15.85
C ASP A 6 1.67 0.05 -14.37
N TRP A 7 0.67 -0.56 -13.74
CA TRP A 7 0.67 -0.95 -12.34
C TRP A 7 1.72 -2.02 -12.05
N LYS A 8 2.01 -2.88 -13.03
CA LYS A 8 2.99 -3.94 -12.91
C LYS A 8 4.36 -3.31 -12.65
N THR A 9 4.71 -2.29 -13.42
CA THR A 9 5.98 -1.62 -13.26
C THR A 9 6.00 -0.85 -11.94
N PHE A 10 4.85 -0.34 -11.46
CA PHE A 10 4.75 0.40 -10.20
C PHE A 10 5.09 -0.53 -9.03
N GLU A 11 4.42 -1.68 -8.92
CA GLU A 11 4.67 -2.61 -7.82
C GLU A 11 6.11 -3.14 -7.90
N LYS A 12 6.63 -3.35 -9.11
CA LYS A 12 8.00 -3.80 -9.33
C LYS A 12 8.98 -2.73 -8.81
N ASN A 13 8.67 -1.45 -8.99
CA ASN A 13 9.48 -0.31 -8.56
C ASN A 13 9.41 -0.04 -7.05
N ALA A 14 8.51 -0.67 -6.30
CA ALA A 14 8.36 -0.47 -4.87
C ALA A 14 9.65 -0.74 -4.07
N ARG A 15 9.72 -0.18 -2.87
CA ARG A 15 10.83 -0.27 -1.94
C ARG A 15 10.41 -1.15 -0.76
N TYR A 16 11.38 -1.84 -0.17
CA TYR A 16 11.21 -2.75 0.97
C TYR A 16 12.39 -2.55 1.90
N GLU A 17 12.16 -2.13 3.15
CA GLU A 17 13.25 -1.95 4.11
C GLU A 17 13.90 -3.32 4.38
N PRO A 18 15.15 -3.38 4.89
CA PRO A 18 15.82 -4.64 5.17
C PRO A 18 14.95 -5.51 6.09
N GLY A 19 15.10 -6.82 5.95
CA GLY A 19 14.35 -7.81 6.71
C GLY A 19 13.07 -8.22 5.96
N TYR A 20 12.69 -7.49 4.91
CA TYR A 20 11.52 -7.72 4.07
C TYR A 20 11.97 -7.63 2.61
N ASN A 21 11.13 -8.09 1.67
CA ASN A 21 11.38 -8.09 0.23
C ASN A 21 10.07 -8.45 -0.45
N SER A 22 9.98 -8.30 -1.78
CA SER A 22 8.80 -8.62 -2.57
C SER A 22 8.29 -10.06 -2.30
N SER A 23 9.20 -11.03 -2.18
CA SER A 23 8.89 -12.43 -1.93
C SER A 23 8.49 -12.74 -0.48
N HIS A 24 8.59 -11.79 0.45
CA HIS A 24 8.23 -12.08 1.84
C HIS A 24 6.71 -12.34 1.84
N PRO A 25 6.22 -13.40 2.51
CA PRO A 25 4.80 -13.74 2.54
C PRO A 25 3.87 -12.56 2.85
N THR A 26 4.19 -11.76 3.86
CA THR A 26 3.36 -10.63 4.24
C THR A 26 3.27 -9.58 3.10
N ILE A 27 4.37 -9.33 2.41
CA ILE A 27 4.48 -8.37 1.32
C ILE A 27 3.73 -8.91 0.09
N VAL A 28 4.03 -10.13 -0.37
CA VAL A 28 3.33 -10.68 -1.53
C VAL A 28 1.81 -10.71 -1.27
N MET A 29 1.37 -10.96 -0.03
CA MET A 29 -0.05 -10.98 0.29
C MET A 29 -0.66 -9.58 0.15
N PHE A 30 0.08 -8.51 0.48
CA PHE A 30 -0.42 -7.15 0.33
C PHE A 30 -0.59 -6.89 -1.17
N TRP A 31 0.38 -7.33 -1.98
CA TRP A 31 0.35 -7.18 -3.42
C TRP A 31 -0.86 -7.93 -4.00
N LYS A 32 -1.23 -9.08 -3.43
CA LYS A 32 -2.40 -9.86 -3.88
C LYS A 32 -3.63 -8.97 -3.74
N ALA A 33 -3.81 -8.39 -2.55
CA ALA A 33 -4.92 -7.49 -2.22
C ALA A 33 -4.96 -6.33 -3.23
N PHE A 34 -3.80 -5.71 -3.47
CA PHE A 34 -3.63 -4.58 -4.40
C PHE A 34 -4.06 -4.93 -5.82
N HIS A 35 -3.85 -6.18 -6.26
CA HIS A 35 -4.20 -6.62 -7.60
C HIS A 35 -5.69 -6.95 -7.72
N LYS A 36 -6.31 -7.60 -6.71
CA LYS A 36 -7.73 -7.98 -6.80
C LYS A 36 -8.68 -6.78 -6.76
N LEU A 37 -8.35 -5.69 -6.08
CA LEU A 37 -9.20 -4.49 -6.01
C LEU A 37 -9.32 -3.82 -7.38
N THR A 38 -10.24 -2.87 -7.57
CA THR A 38 -10.43 -2.19 -8.84
C THR A 38 -9.63 -0.88 -8.94
N LEU A 39 -9.64 -0.29 -10.13
CA LEU A 39 -8.96 0.94 -10.49
C LEU A 39 -9.35 2.06 -9.55
N GLU A 40 -10.65 2.25 -9.34
CA GLU A 40 -11.22 3.28 -8.49
C GLU A 40 -10.60 3.20 -7.08
N GLU A 41 -10.67 2.01 -6.49
CA GLU A 41 -10.17 1.67 -5.16
C GLU A 41 -8.67 1.98 -5.07
N LYS A 42 -7.90 1.59 -6.11
CA LYS A 42 -6.46 1.79 -6.20
C LYS A 42 -6.06 3.26 -6.31
N LYS A 43 -6.91 4.14 -6.84
CA LYS A 43 -6.54 5.55 -6.89
C LYS A 43 -6.59 6.10 -5.46
N LYS A 44 -7.54 5.67 -4.62
CA LYS A 44 -7.61 6.15 -3.23
C LYS A 44 -6.33 5.82 -2.49
N PHE A 45 -5.80 4.61 -2.67
CA PHE A 45 -4.56 4.16 -2.03
C PHE A 45 -3.44 5.16 -2.34
N LEU A 46 -3.34 5.58 -3.60
CA LEU A 46 -2.32 6.53 -4.04
C LEU A 46 -2.38 7.82 -3.22
N VAL A 47 -3.55 8.44 -3.11
CA VAL A 47 -3.76 9.69 -2.37
C VAL A 47 -3.34 9.55 -0.89
N PHE A 48 -3.58 8.38 -0.30
CA PHE A 48 -3.23 8.16 1.10
C PHE A 48 -1.72 8.11 1.32
N LEU A 49 -0.96 7.67 0.32
CA LEU A 49 0.49 7.56 0.39
C LEU A 49 1.20 8.85 -0.02
N THR A 50 0.74 9.43 -1.13
CA THR A 50 1.24 10.66 -1.73
C THR A 50 -0.01 11.54 -1.81
N GLY A 51 0.00 12.66 -1.11
CA GLY A 51 -1.07 13.66 -0.98
C GLY A 51 -1.57 14.32 -2.25
N THR A 52 -1.17 13.85 -3.41
CA THR A 52 -1.57 14.39 -4.69
C THR A 52 -2.55 13.42 -5.36
N ASP A 53 -3.66 13.96 -5.86
CA ASP A 53 -4.72 13.22 -6.52
C ASP A 53 -4.39 12.94 -7.97
N ARG A 54 -5.12 11.95 -8.52
CA ARG A 54 -5.08 11.48 -9.90
C ARG A 54 -3.72 11.70 -10.50
N LEU A 55 -2.72 11.09 -9.88
CA LEU A 55 -1.34 11.19 -10.30
C LEU A 55 -1.19 10.91 -11.79
N GLN A 56 -0.41 11.75 -12.44
CA GLN A 56 -0.11 11.72 -13.87
C GLN A 56 0.53 10.40 -14.25
N MET A 57 0.47 10.03 -15.52
CA MET A 57 1.07 8.78 -15.98
C MET A 57 2.59 8.84 -15.77
N LYS A 58 3.22 10.01 -15.96
CA LYS A 58 4.65 10.13 -15.74
C LYS A 58 4.97 9.87 -14.26
N ASP A 59 4.06 10.26 -13.37
CA ASP A 59 4.20 10.06 -11.94
C ASP A 59 4.08 8.58 -11.63
N LEU A 60 2.96 7.95 -12.01
CA LEU A 60 2.67 6.54 -11.76
C LEU A 60 3.82 5.64 -12.22
N ASN A 61 4.38 5.88 -13.40
CA ASN A 61 5.47 5.07 -13.94
C ASN A 61 6.80 5.15 -13.16
N ASN A 62 6.94 6.08 -12.20
CA ASN A 62 8.14 6.26 -11.37
C ASN A 62 7.82 6.21 -9.87
N MET A 63 6.53 6.28 -9.50
CA MET A 63 6.03 6.25 -8.14
C MET A 63 6.35 4.90 -7.49
N LYS A 64 6.86 4.96 -6.27
CA LYS A 64 7.21 3.81 -5.46
C LYS A 64 6.64 3.99 -4.06
N ILE A 65 6.54 2.91 -3.31
CA ILE A 65 6.05 2.90 -1.94
C ILE A 65 7.14 2.27 -1.08
N THR A 66 7.29 2.74 0.16
CA THR A 66 8.29 2.23 1.08
C THR A 66 7.52 1.59 2.25
N PHE A 67 7.49 0.25 2.34
CA PHE A 67 6.80 -0.46 3.42
C PHE A 67 7.68 -0.38 4.67
N CYS A 68 7.10 -0.22 5.86
CA CYS A 68 7.81 -0.16 7.14
C CYS A 68 6.86 -0.60 8.27
N CYS A 69 7.41 -1.16 9.35
CA CYS A 69 6.69 -1.65 10.52
C CYS A 69 7.47 -1.17 11.76
N PRO A 70 7.09 -0.04 12.39
CA PRO A 70 7.73 0.54 13.56
C PRO A 70 8.12 -0.47 14.65
N GLU A 71 9.03 -0.09 15.55
CA GLU A 71 9.54 -0.90 16.67
C GLU A 71 8.45 -1.38 17.65
N SER A 72 7.24 -0.89 17.48
CA SER A 72 6.08 -1.18 18.28
C SER A 72 4.87 -1.60 17.44
N TRP A 73 5.02 -1.97 16.16
CA TRP A 73 3.90 -2.38 15.31
C TRP A 73 2.98 -3.41 16.00
N ASN A 74 1.69 -3.39 15.66
CA ASN A 74 0.68 -4.31 16.20
C ASN A 74 -0.12 -4.84 15.02
N GLU A 75 -0.54 -6.11 15.07
CA GLU A 75 -1.30 -6.72 13.98
C GLU A 75 -2.65 -6.00 13.71
N ARG A 76 -3.17 -5.24 14.67
CA ARG A 76 -4.44 -4.54 14.54
C ARG A 76 -4.25 -3.02 14.50
N ASP A 77 -3.02 -2.52 14.37
CA ASP A 77 -2.80 -1.08 14.30
C ASP A 77 -3.31 -0.61 12.92
N PRO A 78 -3.75 0.65 12.76
CA PRO A 78 -4.20 1.14 11.47
C PRO A 78 -3.03 1.23 10.48
N ILE A 79 -3.30 1.28 9.19
CA ILE A 79 -2.24 1.41 8.20
C ILE A 79 -1.95 2.92 8.17
N ARG A 80 -0.82 3.38 8.72
CA ARG A 80 -0.49 4.81 8.67
C ARG A 80 0.30 5.03 7.38
N ALA A 81 0.78 6.26 7.21
CA ALA A 81 1.58 6.71 6.08
C ALA A 81 2.15 8.08 6.45
N LEU A 82 3.18 8.51 5.73
CA LEU A 82 3.82 9.81 5.91
C LEU A 82 4.15 10.29 4.50
N THR A 83 3.75 11.53 4.20
CA THR A 83 3.94 12.15 2.90
C THR A 83 5.38 12.23 2.40
N CYS A 84 6.30 12.54 3.31
CA CYS A 84 7.70 12.78 3.05
C CYS A 84 8.31 12.09 1.84
N PHE A 85 8.34 10.76 1.82
CA PHE A 85 8.88 9.94 0.73
C PHE A 85 7.93 8.81 0.34
N SER A 86 6.62 8.99 0.60
CA SER A 86 5.59 8.00 0.29
C SER A 86 5.81 6.67 1.02
N VAL A 87 5.84 6.71 2.36
CA VAL A 87 6.02 5.53 3.21
C VAL A 87 4.64 5.00 3.60
N LEU A 88 4.52 3.70 3.83
CA LEU A 88 3.30 3.01 4.22
C LEU A 88 3.63 2.22 5.48
N PHE A 89 3.12 2.66 6.63
CA PHE A 89 3.37 1.96 7.86
C PHE A 89 2.36 0.83 7.84
N LEU A 90 2.83 -0.35 7.45
CA LEU A 90 2.08 -1.58 7.31
C LEU A 90 2.54 -2.56 8.39
N PRO A 91 1.72 -2.86 9.41
CA PRO A 91 2.11 -3.82 10.44
C PRO A 91 2.34 -5.20 9.78
N LYS A 92 2.98 -6.14 10.48
CA LYS A 92 3.22 -7.46 9.91
C LYS A 92 2.01 -8.35 10.18
N TYR A 93 1.05 -8.39 9.26
CA TYR A 93 -0.13 -9.22 9.42
C TYR A 93 0.29 -10.69 9.32
N SER A 94 -0.15 -11.53 10.25
CA SER A 94 0.16 -12.95 10.28
C SER A 94 -0.85 -13.72 9.41
N THR A 95 -2.01 -13.14 9.13
CA THR A 95 -3.09 -13.72 8.34
C THR A 95 -3.39 -12.86 7.10
N MET A 96 -3.83 -13.50 6.02
CA MET A 96 -4.14 -12.79 4.79
C MET A 96 -5.41 -11.98 4.96
N GLU A 97 -6.39 -12.54 5.67
CA GLU A 97 -7.66 -11.87 5.90
C GLU A 97 -7.47 -10.52 6.63
N THR A 98 -6.51 -10.41 7.56
CA THR A 98 -6.30 -9.14 8.25
C THR A 98 -5.68 -8.12 7.30
N VAL A 99 -4.75 -8.51 6.40
CA VAL A 99 -4.18 -7.50 5.49
C VAL A 99 -5.26 -7.05 4.49
N GLU A 100 -6.12 -7.97 4.03
CA GLU A 100 -7.19 -7.68 3.07
C GLU A 100 -8.20 -6.70 3.67
N GLU A 101 -8.60 -6.91 4.93
CA GLU A 101 -9.55 -6.05 5.62
C GLU A 101 -8.98 -4.64 5.75
N ALA A 102 -7.71 -4.53 6.14
CA ALA A 102 -7.04 -3.25 6.31
C ALA A 102 -6.79 -2.60 4.96
N LEU A 103 -6.69 -3.38 3.87
CA LEU A 103 -6.47 -2.87 2.52
C LEU A 103 -7.69 -1.99 2.23
N GLN A 104 -8.88 -2.57 2.37
CA GLN A 104 -10.14 -1.90 2.15
C GLN A 104 -10.33 -0.72 3.10
N GLU A 105 -9.89 -0.85 4.36
CA GLU A 105 -10.03 0.21 5.34
C GLU A 105 -9.32 1.51 4.92
N ALA A 106 -8.02 1.46 4.59
CA ALA A 106 -7.33 2.69 4.23
C ALA A 106 -7.85 3.32 2.94
N ILE A 107 -8.14 2.56 1.87
CA ILE A 107 -8.69 3.16 0.65
C ILE A 107 -10.04 3.84 0.97
N ASN A 108 -10.87 3.26 1.84
CA ASN A 108 -12.16 3.81 2.24
C ASN A 108 -12.01 4.91 3.30
N ASN A 109 -10.77 5.38 3.51
CA ASN A 109 -10.31 6.41 4.44
C ASN A 109 -10.45 5.96 5.89
N ASN A 110 -9.30 5.64 6.50
CA ASN A 110 -9.12 5.20 7.88
C ASN A 110 -9.65 6.28 8.81
N ARG A 111 -10.93 6.18 9.16
CA ARG A 111 -11.63 7.08 10.08
C ARG A 111 -11.69 6.31 11.41
N GLY A 112 -11.84 7.03 12.52
CA GLY A 112 -11.90 6.41 13.84
C GLY A 112 -10.53 6.01 14.38
N PHE A 113 -9.67 5.46 13.51
CA PHE A 113 -8.32 5.00 13.82
C PHE A 113 -8.38 3.83 14.82
N GLY A 114 -7.26 3.50 15.48
CA GLY A 114 -7.12 2.42 16.45
C GLY A 114 -8.38 2.15 17.29
N GLY A 1 -12.44 -2.67 -14.01
CA GLY A 1 -12.29 -1.26 -13.63
C GLY A 1 -10.93 -0.68 -13.95
N ASN A 2 -9.85 -1.49 -13.90
CA ASN A 2 -8.46 -1.10 -14.16
C ASN A 2 -8.27 -0.46 -15.52
N THR A 3 -8.22 0.87 -15.57
CA THR A 3 -8.02 1.62 -16.80
C THR A 3 -6.52 1.59 -17.16
N ASP A 4 -6.19 2.11 -18.34
CA ASP A 4 -4.84 2.17 -18.89
C ASP A 4 -3.86 3.01 -18.06
N TYR A 5 -3.09 2.34 -17.22
CA TYR A 5 -2.07 2.86 -16.33
C TYR A 5 -1.12 1.69 -16.07
N ASP A 6 0.17 1.97 -15.91
CA ASP A 6 1.17 0.94 -15.67
C ASP A 6 1.29 0.63 -14.18
N TRP A 7 0.53 -0.36 -13.70
CA TRP A 7 0.53 -0.77 -12.30
C TRP A 7 1.65 -1.78 -11.98
N LYS A 8 2.17 -2.49 -12.99
CA LYS A 8 3.24 -3.47 -12.84
C LYS A 8 4.57 -2.78 -12.52
N THR A 9 4.88 -1.68 -13.21
CA THR A 9 6.13 -0.98 -12.95
C THR A 9 6.13 -0.34 -11.57
N PHE A 10 4.95 -0.06 -11.02
CA PHE A 10 4.82 0.56 -9.72
C PHE A 10 5.22 -0.43 -8.63
N GLU A 11 4.59 -1.61 -8.59
CA GLU A 11 4.91 -2.60 -7.56
C GLU A 11 6.38 -3.00 -7.68
N LYS A 12 6.88 -3.16 -8.92
CA LYS A 12 8.26 -3.50 -9.20
C LYS A 12 9.20 -2.45 -8.62
N ASN A 13 8.88 -1.15 -8.79
CA ASN A 13 9.71 -0.05 -8.30
C ASN A 13 9.57 0.30 -6.82
N ALA A 14 8.75 -0.40 -6.04
CA ALA A 14 8.59 -0.12 -4.61
C ALA A 14 9.91 -0.27 -3.82
N ARG A 15 9.94 0.37 -2.65
CA ARG A 15 11.03 0.42 -1.68
C ARG A 15 10.55 -0.34 -0.45
N TYR A 16 11.46 -0.92 0.33
CA TYR A 16 11.10 -1.67 1.53
C TYR A 16 12.21 -1.56 2.56
N GLU A 17 11.90 -1.67 3.84
CA GLU A 17 12.88 -1.63 4.91
C GLU A 17 13.52 -3.02 5.10
N PRO A 18 14.66 -3.11 5.81
CA PRO A 18 15.31 -4.37 6.08
C PRO A 18 14.37 -5.34 6.79
N GLY A 19 14.68 -6.63 6.69
CA GLY A 19 13.92 -7.70 7.29
C GLY A 19 12.80 -8.17 6.37
N TYR A 20 12.35 -7.35 5.42
CA TYR A 20 11.29 -7.68 4.47
C TYR A 20 11.93 -7.83 3.09
N ASN A 21 11.23 -8.53 2.19
CA ASN A 21 11.61 -8.81 0.80
C ASN A 21 10.35 -9.32 0.08
N SER A 22 10.24 -9.18 -1.25
CA SER A 22 9.08 -9.64 -2.02
C SER A 22 8.74 -11.12 -1.80
N SER A 23 9.79 -11.94 -1.63
CA SER A 23 9.70 -13.37 -1.41
C SER A 23 9.02 -13.69 -0.06
N HIS A 24 8.99 -12.75 0.88
CA HIS A 24 8.37 -12.94 2.16
C HIS A 24 6.84 -13.03 1.93
N PRO A 25 6.15 -14.07 2.43
CA PRO A 25 4.71 -14.25 2.26
C PRO A 25 3.88 -12.98 2.47
N THR A 26 4.08 -12.31 3.59
CA THR A 26 3.36 -11.09 3.96
C THR A 26 3.46 -9.99 2.88
N ILE A 27 4.62 -9.84 2.21
CA ILE A 27 4.81 -8.81 1.18
C ILE A 27 4.07 -9.28 -0.07
N VAL A 28 4.32 -10.49 -0.59
CA VAL A 28 3.57 -10.92 -1.78
C VAL A 28 2.05 -10.86 -1.52
N MET A 29 1.57 -11.18 -0.32
CA MET A 29 0.14 -11.14 0.03
C MET A 29 -0.43 -9.72 -0.08
N PHE A 30 0.37 -8.69 0.22
CA PHE A 30 -0.06 -7.30 0.13
C PHE A 30 -0.26 -6.96 -1.35
N TRP A 31 0.71 -7.31 -2.21
CA TRP A 31 0.61 -7.04 -3.63
C TRP A 31 -0.56 -7.79 -4.25
N LYS A 32 -0.88 -8.99 -3.75
CA LYS A 32 -2.01 -9.77 -4.24
C LYS A 32 -3.28 -8.98 -4.04
N ALA A 33 -3.47 -8.39 -2.85
CA ALA A 33 -4.63 -7.59 -2.54
C ALA A 33 -4.68 -6.42 -3.53
N PHE A 34 -3.56 -5.72 -3.73
CA PHE A 34 -3.45 -4.58 -4.64
C PHE A 34 -3.77 -4.96 -6.10
N HIS A 35 -3.52 -6.21 -6.52
CA HIS A 35 -3.76 -6.68 -7.87
C HIS A 35 -5.20 -7.13 -8.13
N LYS A 36 -5.96 -7.56 -7.11
CA LYS A 36 -7.36 -7.99 -7.30
C LYS A 36 -8.33 -6.83 -7.26
N LEU A 37 -8.03 -5.79 -6.47
CA LEU A 37 -8.88 -4.63 -6.32
C LEU A 37 -9.02 -3.85 -7.65
N THR A 38 -10.01 -2.98 -7.75
CA THR A 38 -10.28 -2.18 -8.93
C THR A 38 -9.42 -0.90 -8.93
N LEU A 39 -9.54 -0.14 -10.01
CA LEU A 39 -8.82 1.11 -10.24
C LEU A 39 -9.14 2.13 -9.17
N GLU A 40 -10.42 2.24 -8.84
CA GLU A 40 -10.93 3.17 -7.85
C GLU A 40 -10.33 2.85 -6.49
N GLU A 41 -10.19 1.57 -6.16
CA GLU A 41 -9.62 1.13 -4.89
C GLU A 41 -8.15 1.55 -4.80
N LYS A 42 -7.29 1.22 -5.79
CA LYS A 42 -5.90 1.65 -5.68
C LYS A 42 -5.80 3.18 -5.73
N LYS A 43 -6.71 3.86 -6.41
CA LYS A 43 -6.69 5.31 -6.46
C LYS A 43 -6.93 5.88 -5.07
N LYS A 44 -7.85 5.29 -4.31
CA LYS A 44 -8.12 5.75 -2.95
C LYS A 44 -6.87 5.51 -2.10
N PHE A 45 -6.24 4.34 -2.24
CA PHE A 45 -5.01 3.98 -1.52
C PHE A 45 -3.96 5.09 -1.73
N LEU A 46 -3.83 5.56 -2.96
CA LEU A 46 -2.89 6.62 -3.30
C LEU A 46 -3.20 7.94 -2.60
N VAL A 47 -4.47 8.30 -2.36
CA VAL A 47 -4.79 9.56 -1.67
C VAL A 47 -4.38 9.50 -0.20
N PHE A 48 -4.41 8.32 0.42
CA PHE A 48 -4.03 8.16 1.82
C PHE A 48 -2.50 8.12 1.92
N LEU A 49 -1.84 7.52 0.93
CA LEU A 49 -0.38 7.38 0.89
C LEU A 49 0.37 8.61 0.39
N THR A 50 -0.18 9.33 -0.58
CA THR A 50 0.40 10.51 -1.20
C THR A 50 -0.59 11.68 -1.10
N GLY A 51 -0.08 12.91 -1.09
CA GLY A 51 -0.88 14.13 -0.98
C GLY A 51 -1.48 14.59 -2.31
N THR A 52 -1.63 13.70 -3.29
CA THR A 52 -2.21 14.05 -4.59
C THR A 52 -3.05 12.89 -5.10
N ASP A 53 -4.26 13.23 -5.54
CA ASP A 53 -5.23 12.28 -6.07
C ASP A 53 -5.08 12.18 -7.59
N ARG A 54 -5.75 11.18 -8.18
CA ARG A 54 -5.80 10.87 -9.61
C ARG A 54 -4.47 11.10 -10.34
N LEU A 55 -3.39 10.64 -9.72
CA LEU A 55 -2.01 10.74 -10.19
C LEU A 55 -1.90 10.32 -11.66
N GLN A 56 -1.29 11.18 -12.46
CA GLN A 56 -1.09 10.97 -13.89
C GLN A 56 -0.14 9.79 -14.13
N MET A 57 -0.18 9.21 -15.32
CA MET A 57 0.67 8.07 -15.70
C MET A 57 2.15 8.42 -15.59
N LYS A 58 2.55 9.62 -16.04
CA LYS A 58 3.95 10.06 -15.95
C LYS A 58 4.41 10.13 -14.49
N ASP A 59 3.50 10.24 -13.53
CA ASP A 59 3.86 10.32 -12.12
C ASP A 59 3.79 8.93 -11.48
N LEU A 60 2.77 8.14 -11.83
CA LEU A 60 2.53 6.81 -11.30
C LEU A 60 3.73 5.88 -11.51
N ASN A 61 4.36 5.89 -12.69
CA ASN A 61 5.52 5.03 -12.94
C ASN A 61 6.73 5.38 -12.07
N ASN A 62 6.85 6.64 -11.62
CA ASN A 62 7.96 7.05 -10.76
C ASN A 62 7.58 6.93 -9.28
N MET A 63 6.28 6.93 -9.00
CA MET A 63 5.75 6.83 -7.66
C MET A 63 6.15 5.48 -7.10
N LYS A 64 6.65 5.50 -5.86
CA LYS A 64 7.09 4.33 -5.13
C LYS A 64 6.47 4.41 -3.73
N ILE A 65 6.45 3.30 -3.01
CA ILE A 65 5.93 3.20 -1.65
C ILE A 65 7.05 2.53 -0.85
N THR A 66 7.22 2.90 0.42
CA THR A 66 8.24 2.33 1.30
C THR A 66 7.51 1.61 2.43
N PHE A 67 7.81 0.33 2.68
CA PHE A 67 7.20 -0.50 3.73
C PHE A 67 8.03 -0.42 5.02
N CYS A 68 7.38 -0.49 6.20
CA CYS A 68 7.96 -0.45 7.53
C CYS A 68 6.98 -1.12 8.50
N CYS A 69 7.48 -1.68 9.59
CA CYS A 69 6.72 -2.31 10.65
C CYS A 69 7.36 -1.75 11.93
N PRO A 70 6.80 -0.68 12.54
CA PRO A 70 7.33 -0.05 13.73
C PRO A 70 7.84 -1.00 14.80
N GLU A 71 8.72 -0.50 15.68
CA GLU A 71 9.29 -1.30 16.76
C GLU A 71 8.18 -1.90 17.66
N SER A 72 7.00 -1.31 17.62
CA SER A 72 5.82 -1.70 18.37
C SER A 72 4.65 -2.11 17.45
N TRP A 73 4.94 -2.61 16.23
CA TRP A 73 3.90 -3.07 15.33
C TRP A 73 3.12 -4.19 16.05
N ASN A 74 1.89 -4.47 15.62
CA ASN A 74 1.05 -5.50 16.20
C ASN A 74 0.18 -6.06 15.08
N GLU A 75 -0.30 -7.30 15.16
CA GLU A 75 -1.12 -7.83 14.08
C GLU A 75 -2.41 -7.03 13.89
N ARG A 76 -2.98 -6.57 15.01
CA ARG A 76 -4.22 -5.80 15.04
C ARG A 76 -4.03 -4.30 14.85
N ASP A 77 -2.79 -3.83 14.72
CA ASP A 77 -2.49 -2.41 14.56
C ASP A 77 -2.93 -1.97 13.16
N PRO A 78 -3.82 -0.96 12.98
CA PRO A 78 -4.21 -0.54 11.65
C PRO A 78 -3.00 0.02 10.87
N ILE A 79 -3.11 0.05 9.54
CA ILE A 79 -2.05 0.54 8.67
C ILE A 79 -2.07 2.07 8.72
N ARG A 80 -0.89 2.70 8.83
CA ARG A 80 -0.74 4.15 8.87
C ARG A 80 0.11 4.60 7.67
N ALA A 81 0.44 5.88 7.53
CA ALA A 81 1.24 6.39 6.41
C ALA A 81 1.50 7.89 6.54
N LEU A 82 2.47 8.42 5.80
CA LEU A 82 2.85 9.83 5.73
C LEU A 82 3.13 10.11 4.26
N THR A 83 2.67 11.25 3.76
CA THR A 83 2.80 11.68 2.39
C THR A 83 4.18 12.25 2.05
N CYS A 84 5.12 12.35 2.99
CA CYS A 84 6.45 12.90 2.74
C CYS A 84 7.21 12.14 1.65
N PHE A 85 7.24 10.81 1.73
CA PHE A 85 7.92 9.95 0.75
C PHE A 85 7.13 8.66 0.49
N SER A 86 5.80 8.68 0.69
CA SER A 86 4.92 7.53 0.48
C SER A 86 5.32 6.41 1.44
N VAL A 87 5.35 6.68 2.74
CA VAL A 87 5.74 5.68 3.73
C VAL A 87 4.44 5.02 4.19
N LEU A 88 4.47 3.69 4.33
CA LEU A 88 3.35 2.85 4.73
C LEU A 88 3.76 2.01 5.93
N PHE A 89 3.20 2.29 7.10
CA PHE A 89 3.49 1.50 8.30
C PHE A 89 2.54 0.33 8.17
N LEU A 90 3.05 -0.79 7.69
CA LEU A 90 2.34 -2.03 7.44
C LEU A 90 2.80 -3.08 8.45
N PRO A 91 1.99 -3.42 9.47
CA PRO A 91 2.36 -4.44 10.43
C PRO A 91 2.48 -5.80 9.72
N LYS A 92 3.15 -6.75 10.35
CA LYS A 92 3.38 -8.09 9.81
C LYS A 92 2.11 -8.95 9.84
N TYR A 93 1.19 -8.72 8.91
CA TYR A 93 -0.07 -9.44 8.80
C TYR A 93 0.16 -10.94 8.65
N SER A 94 -0.24 -11.70 9.67
CA SER A 94 -0.10 -13.14 9.75
C SER A 94 -0.85 -13.94 8.67
N THR A 95 -1.89 -13.40 8.03
CA THR A 95 -2.66 -14.11 6.98
C THR A 95 -3.03 -13.17 5.83
N MET A 96 -3.31 -13.74 4.66
CA MET A 96 -3.68 -13.02 3.45
C MET A 96 -5.03 -12.32 3.65
N GLU A 97 -6.02 -13.04 4.16
CA GLU A 97 -7.35 -12.49 4.40
C GLU A 97 -7.30 -11.23 5.26
N THR A 98 -6.42 -11.19 6.27
CA THR A 98 -6.28 -10.05 7.14
C THR A 98 -5.66 -8.86 6.40
N VAL A 99 -4.64 -9.06 5.55
CA VAL A 99 -4.08 -7.91 4.83
C VAL A 99 -5.16 -7.39 3.86
N GLU A 100 -6.02 -8.25 3.32
CA GLU A 100 -7.09 -7.83 2.42
C GLU A 100 -8.12 -7.04 3.22
N GLU A 101 -8.47 -7.49 4.42
CA GLU A 101 -9.43 -6.83 5.31
C GLU A 101 -8.90 -5.41 5.57
N ALA A 102 -7.61 -5.29 5.88
CA ALA A 102 -6.94 -4.03 6.14
C ALA A 102 -6.87 -3.16 4.88
N LEU A 103 -6.72 -3.76 3.70
CA LEU A 103 -6.65 -3.07 2.41
C LEU A 103 -8.00 -2.39 2.20
N GLN A 104 -9.10 -3.10 2.44
CA GLN A 104 -10.46 -2.60 2.29
C GLN A 104 -10.74 -1.46 3.27
N GLU A 105 -10.19 -1.51 4.50
CA GLU A 105 -10.39 -0.45 5.48
C GLU A 105 -9.71 0.83 4.99
N ALA A 106 -8.44 0.68 4.63
CA ALA A 106 -7.54 1.70 4.14
C ALA A 106 -8.17 2.47 2.99
N ILE A 107 -8.52 1.79 1.89
CA ILE A 107 -9.12 2.44 0.72
C ILE A 107 -10.40 3.19 1.10
N ASN A 108 -11.23 2.66 2.02
CA ASN A 108 -12.46 3.32 2.47
C ASN A 108 -12.18 4.50 3.43
N ASN A 109 -10.92 4.94 3.43
CA ASN A 109 -10.29 6.01 4.16
C ASN A 109 -10.32 5.70 5.64
N ASN A 110 -9.33 4.91 6.09
CA ASN A 110 -9.12 4.49 7.49
C ASN A 110 -8.82 5.74 8.35
N ARG A 111 -9.78 6.64 8.52
CA ARG A 111 -9.78 7.89 9.23
C ARG A 111 -8.52 8.73 8.95
N GLY A 112 -8.16 9.60 9.88
CA GLY A 112 -7.03 10.48 9.87
C GLY A 112 -6.67 10.71 11.33
N PHE A 113 -5.59 11.45 11.51
CA PHE A 113 -4.96 11.83 12.78
C PHE A 113 -4.96 13.35 13.01
N GLY A 114 -5.64 14.07 12.13
CA GLY A 114 -5.80 15.52 12.15
C GLY A 114 -6.14 16.03 13.55
N GLY A 1 -12.34 -3.18 -13.18
CA GLY A 1 -11.85 -1.83 -13.50
C GLY A 1 -10.33 -1.77 -13.54
N ASN A 2 -9.72 -1.55 -14.72
CA ASN A 2 -8.28 -1.46 -14.94
C ASN A 2 -8.08 -0.62 -16.20
N THR A 3 -7.10 0.28 -16.23
CA THR A 3 -6.80 1.13 -17.36
C THR A 3 -5.31 1.01 -17.75
N ASP A 4 -4.82 1.81 -18.69
CA ASP A 4 -3.46 1.80 -19.24
C ASP A 4 -2.31 2.18 -18.31
N TYR A 5 -2.57 2.10 -17.02
CA TYR A 5 -1.65 2.38 -15.94
C TYR A 5 -0.79 1.12 -15.75
N ASP A 6 0.53 1.26 -15.68
CA ASP A 6 1.46 0.15 -15.54
C ASP A 6 1.72 -0.21 -14.07
N TRP A 7 0.75 -0.89 -13.47
CA TRP A 7 0.78 -1.31 -12.08
C TRP A 7 1.84 -2.39 -11.84
N LYS A 8 2.13 -3.21 -12.85
CA LYS A 8 3.13 -4.27 -12.77
C LYS A 8 4.51 -3.70 -12.51
N THR A 9 4.88 -2.65 -13.23
CA THR A 9 6.19 -2.03 -13.07
C THR A 9 6.23 -1.18 -11.79
N PHE A 10 5.08 -0.71 -11.30
CA PHE A 10 4.97 0.13 -10.10
C PHE A 10 5.31 -0.70 -8.86
N GLU A 11 4.68 -1.87 -8.68
CA GLU A 11 4.94 -2.71 -7.51
C GLU A 11 6.39 -3.21 -7.54
N LYS A 12 6.88 -3.61 -8.73
CA LYS A 12 8.23 -4.11 -8.91
C LYS A 12 9.29 -3.08 -8.48
N ASN A 13 9.10 -1.82 -8.86
CA ASN A 13 10.03 -0.73 -8.55
C ASN A 13 9.89 -0.16 -7.13
N ALA A 14 8.88 -0.59 -6.35
CA ALA A 14 8.67 -0.10 -4.98
C ALA A 14 9.89 -0.33 -4.09
N ARG A 15 9.99 0.43 -2.99
CA ARG A 15 11.07 0.34 -2.03
C ARG A 15 10.61 -0.51 -0.85
N TYR A 16 11.56 -1.24 -0.30
CA TYR A 16 11.42 -2.15 0.82
C TYR A 16 12.51 -1.85 1.83
N GLU A 17 12.25 -2.06 3.12
CA GLU A 17 13.23 -1.81 4.18
C GLU A 17 14.28 -2.94 4.21
N PRO A 18 15.44 -2.71 4.84
CA PRO A 18 16.48 -3.73 4.91
C PRO A 18 15.96 -4.96 5.65
N GLY A 19 16.42 -6.12 5.20
CA GLY A 19 16.05 -7.40 5.77
C GLY A 19 14.71 -7.94 5.25
N TYR A 20 13.95 -7.17 4.46
CA TYR A 20 12.68 -7.58 3.89
C TYR A 20 12.85 -7.73 2.38
N ASN A 21 11.82 -8.25 1.69
CA ASN A 21 11.78 -8.47 0.24
C ASN A 21 10.32 -8.60 -0.17
N SER A 22 10.05 -8.60 -1.49
CA SER A 22 8.70 -8.72 -2.01
C SER A 22 8.15 -10.13 -1.71
N SER A 23 9.02 -11.14 -1.57
CA SER A 23 8.61 -12.51 -1.28
C SER A 23 8.20 -12.69 0.19
N HIS A 24 8.50 -11.73 1.08
CA HIS A 24 8.10 -11.87 2.48
C HIS A 24 6.56 -11.85 2.48
N PRO A 25 5.88 -12.78 3.20
CA PRO A 25 4.42 -12.88 3.22
C PRO A 25 3.69 -11.56 3.32
N THR A 26 3.98 -10.75 4.34
CA THR A 26 3.34 -9.48 4.56
C THR A 26 3.26 -8.63 3.28
N ILE A 27 4.37 -8.51 2.55
CA ILE A 27 4.45 -7.72 1.33
C ILE A 27 3.76 -8.44 0.16
N VAL A 28 4.00 -9.73 -0.08
CA VAL A 28 3.32 -10.40 -1.20
C VAL A 28 1.80 -10.34 -0.98
N MET A 29 1.33 -10.57 0.24
CA MET A 29 -0.08 -10.55 0.59
C MET A 29 -0.64 -9.13 0.40
N PHE A 30 0.15 -8.08 0.72
CA PHE A 30 -0.31 -6.72 0.51
C PHE A 30 -0.51 -6.53 -1.00
N TRP A 31 0.44 -7.01 -1.81
CA TRP A 31 0.33 -6.91 -3.26
C TRP A 31 -0.86 -7.76 -3.75
N LYS A 32 -1.19 -8.89 -3.13
CA LYS A 32 -2.33 -9.71 -3.54
C LYS A 32 -3.60 -8.87 -3.38
N ALA A 33 -3.71 -8.12 -2.28
CA ALA A 33 -4.86 -7.26 -2.01
C ALA A 33 -4.92 -6.17 -3.09
N PHE A 34 -3.78 -5.54 -3.40
CA PHE A 34 -3.67 -4.49 -4.41
C PHE A 34 -4.02 -5.00 -5.82
N HIS A 35 -3.67 -6.23 -6.18
CA HIS A 35 -3.96 -6.76 -7.49
C HIS A 35 -5.44 -7.12 -7.69
N LYS A 36 -6.20 -7.47 -6.64
CA LYS A 36 -7.62 -7.83 -6.79
C LYS A 36 -8.58 -6.65 -6.75
N LEU A 37 -8.23 -5.55 -6.08
CA LEU A 37 -9.11 -4.38 -6.02
C LEU A 37 -9.20 -3.71 -7.40
N THR A 38 -10.13 -2.77 -7.58
CA THR A 38 -10.33 -2.08 -8.85
C THR A 38 -9.47 -0.80 -8.95
N LEU A 39 -9.43 -0.22 -10.15
CA LEU A 39 -8.69 0.99 -10.49
C LEU A 39 -9.14 2.16 -9.59
N GLU A 40 -10.46 2.31 -9.39
CA GLU A 40 -10.99 3.38 -8.56
C GLU A 40 -10.47 3.24 -7.13
N GLU A 41 -10.43 2.01 -6.61
CA GLU A 41 -9.96 1.70 -5.27
C GLU A 41 -8.45 1.99 -5.18
N LYS A 42 -7.64 1.66 -6.19
CA LYS A 42 -6.19 1.96 -6.14
C LYS A 42 -5.94 3.47 -6.24
N LYS A 43 -6.86 4.27 -6.79
CA LYS A 43 -6.67 5.72 -6.85
C LYS A 43 -6.73 6.24 -5.41
N LYS A 44 -7.68 5.77 -4.60
CA LYS A 44 -7.84 6.17 -3.20
C LYS A 44 -6.58 5.87 -2.39
N PHE A 45 -5.93 4.73 -2.65
CA PHE A 45 -4.72 4.36 -1.94
C PHE A 45 -3.65 5.44 -2.17
N LEU A 46 -3.47 5.89 -3.42
CA LEU A 46 -2.50 6.92 -3.76
C LEU A 46 -2.79 8.18 -2.98
N VAL A 47 -4.06 8.58 -2.91
CA VAL A 47 -4.53 9.77 -2.21
C VAL A 47 -4.35 9.67 -0.68
N PHE A 48 -4.23 8.48 -0.13
CA PHE A 48 -4.04 8.24 1.30
C PHE A 48 -2.56 8.26 1.65
N LEU A 49 -1.75 7.57 0.85
CA LEU A 49 -0.31 7.42 0.99
C LEU A 49 0.50 8.63 0.51
N THR A 50 0.03 9.34 -0.52
CA THR A 50 0.65 10.50 -1.12
C THR A 50 -0.37 11.64 -1.10
N GLY A 51 0.07 12.88 -1.27
CA GLY A 51 -0.79 14.05 -1.24
C GLY A 51 -1.21 14.53 -2.62
N THR A 52 -1.37 13.64 -3.60
CA THR A 52 -1.78 14.02 -4.95
C THR A 52 -2.75 12.98 -5.50
N ASP A 53 -3.85 13.44 -6.08
CA ASP A 53 -4.89 12.62 -6.67
C ASP A 53 -4.69 12.56 -8.19
N ARG A 54 -5.46 11.70 -8.89
CA ARG A 54 -5.48 11.45 -10.35
C ARG A 54 -4.11 11.59 -11.05
N LEU A 55 -3.05 11.13 -10.39
CA LEU A 55 -1.66 11.18 -10.86
C LEU A 55 -1.55 10.63 -12.28
N GLN A 56 -0.85 11.36 -13.14
CA GLN A 56 -0.63 11.00 -14.55
C GLN A 56 0.22 9.73 -14.65
N MET A 57 0.25 9.09 -15.83
CA MET A 57 1.06 7.89 -16.06
C MET A 57 2.55 8.25 -16.00
N LYS A 58 2.91 9.48 -16.39
CA LYS A 58 4.30 9.96 -16.35
C LYS A 58 4.82 9.94 -14.89
N ASP A 59 3.90 9.96 -13.92
CA ASP A 59 4.20 9.91 -12.50
C ASP A 59 4.16 8.45 -12.05
N LEU A 60 3.04 7.74 -12.31
CA LEU A 60 2.85 6.36 -11.90
C LEU A 60 3.95 5.41 -12.36
N ASN A 61 4.58 5.63 -13.52
CA ASN A 61 5.65 4.74 -13.99
C ASN A 61 6.91 4.82 -13.12
N ASN A 62 7.10 5.90 -12.35
CA ASN A 62 8.27 6.09 -11.48
C ASN A 62 7.89 6.25 -10.00
N MET A 63 6.59 6.28 -9.71
CA MET A 63 5.98 6.40 -8.40
C MET A 63 6.31 5.15 -7.61
N LYS A 64 6.77 5.31 -6.38
CA LYS A 64 7.14 4.24 -5.47
C LYS A 64 6.53 4.45 -4.08
N ILE A 65 6.49 3.37 -3.31
CA ILE A 65 6.02 3.27 -1.94
C ILE A 65 7.16 2.62 -1.15
N THR A 66 7.33 2.99 0.12
CA THR A 66 8.37 2.42 0.99
C THR A 66 7.67 1.65 2.12
N PHE A 67 7.85 0.35 2.23
CA PHE A 67 7.23 -0.44 3.30
C PHE A 67 8.00 -0.18 4.59
N CYS A 68 7.29 -0.20 5.72
CA CYS A 68 7.82 0.04 7.07
C CYS A 68 6.96 -0.76 8.06
N CYS A 69 7.49 -1.15 9.23
CA CYS A 69 6.82 -1.91 10.30
C CYS A 69 7.56 -1.62 11.62
N PRO A 70 7.02 -0.79 12.53
CA PRO A 70 7.69 -0.41 13.76
C PRO A 70 8.31 -1.54 14.58
N GLU A 71 9.21 -1.14 15.48
CA GLU A 71 9.90 -2.03 16.40
C GLU A 71 8.87 -2.74 17.28
N SER A 72 7.69 -2.13 17.40
CA SER A 72 6.53 -2.57 18.15
C SER A 72 5.33 -2.75 17.22
N TRP A 73 5.49 -3.06 15.92
CA TRP A 73 4.35 -3.26 15.02
C TRP A 73 3.31 -4.17 15.72
N ASN A 74 2.02 -3.87 15.60
CA ASN A 74 0.94 -4.65 16.23
C ASN A 74 0.04 -5.18 15.13
N GLU A 75 -0.23 -6.49 15.15
CA GLU A 75 -1.06 -7.19 14.16
C GLU A 75 -2.42 -6.55 13.89
N ARG A 76 -3.07 -5.97 14.91
CA ARG A 76 -4.39 -5.34 14.75
C ARG A 76 -4.32 -3.81 14.66
N ASP A 77 -3.13 -3.22 14.46
CA ASP A 77 -2.96 -1.77 14.34
C ASP A 77 -3.19 -1.37 12.87
N PRO A 78 -4.14 -0.49 12.55
CA PRO A 78 -4.43 -0.07 11.18
C PRO A 78 -3.21 0.39 10.36
N ILE A 79 -3.39 0.44 9.04
CA ILE A 79 -2.36 0.83 8.08
C ILE A 79 -2.26 2.37 8.16
N ARG A 80 -1.23 2.87 8.84
CA ARG A 80 -0.99 4.30 9.07
C ARG A 80 0.07 4.85 8.10
N ALA A 81 -0.34 5.28 6.91
CA ALA A 81 0.59 5.80 5.90
C ALA A 81 1.05 7.22 6.24
N LEU A 82 2.09 7.71 5.54
CA LEU A 82 2.69 9.04 5.69
C LEU A 82 3.04 9.59 4.30
N THR A 83 2.59 10.81 4.00
CA THR A 83 2.81 11.48 2.71
C THR A 83 4.19 12.06 2.46
N CYS A 84 5.05 12.25 3.48
CA CYS A 84 6.38 12.84 3.28
C CYS A 84 7.17 12.19 2.14
N PHE A 85 7.31 10.86 2.15
CA PHE A 85 8.04 10.13 1.13
C PHE A 85 7.31 8.86 0.68
N SER A 86 5.99 8.81 0.91
CA SER A 86 5.12 7.70 0.58
C SER A 86 5.57 6.43 1.32
N VAL A 87 5.62 6.50 2.66
CA VAL A 87 6.00 5.38 3.51
C VAL A 87 4.70 4.80 4.07
N LEU A 88 4.64 3.47 4.12
CA LEU A 88 3.47 2.70 4.54
C LEU A 88 3.79 1.79 5.73
N PHE A 89 3.17 2.07 6.87
CA PHE A 89 3.27 1.31 8.10
C PHE A 89 2.37 0.10 7.86
N LEU A 90 2.95 -1.10 7.82
CA LEU A 90 2.23 -2.35 7.57
C LEU A 90 2.61 -3.36 8.63
N PRO A 91 1.73 -3.73 9.57
CA PRO A 91 2.06 -4.71 10.58
C PRO A 91 2.16 -6.09 9.91
N LYS A 92 2.77 -7.05 10.60
CA LYS A 92 2.94 -8.40 10.11
C LYS A 92 1.63 -9.17 10.28
N TYR A 93 0.64 -8.88 9.43
CA TYR A 93 -0.66 -9.54 9.47
C TYR A 93 -0.43 -11.04 9.29
N SER A 94 -1.04 -11.87 10.13
CA SER A 94 -0.88 -13.32 10.06
C SER A 94 -1.44 -13.97 8.79
N THR A 95 -2.33 -13.30 8.04
CA THR A 95 -2.90 -13.89 6.84
C THR A 95 -3.03 -12.88 5.70
N MET A 96 -3.35 -13.44 4.52
CA MET A 96 -3.55 -12.66 3.32
C MET A 96 -4.97 -12.07 3.30
N GLU A 97 -5.92 -12.69 4.02
CA GLU A 97 -7.29 -12.25 4.11
C GLU A 97 -7.39 -11.09 5.11
N THR A 98 -6.64 -11.14 6.22
CA THR A 98 -6.69 -10.06 7.20
C THR A 98 -6.14 -8.78 6.54
N VAL A 99 -5.05 -8.86 5.76
CA VAL A 99 -4.53 -7.65 5.11
C VAL A 99 -5.52 -7.16 4.03
N GLU A 100 -6.28 -8.04 3.38
CA GLU A 100 -7.24 -7.63 2.36
C GLU A 100 -8.31 -6.72 2.94
N GLU A 101 -8.73 -6.97 4.19
CA GLU A 101 -9.72 -6.18 4.88
C GLU A 101 -9.12 -4.82 5.25
N ALA A 102 -7.87 -4.83 5.76
CA ALA A 102 -7.16 -3.64 6.15
C ALA A 102 -6.93 -2.71 4.94
N LEU A 103 -6.72 -3.30 3.76
CA LEU A 103 -6.50 -2.59 2.51
C LEU A 103 -7.73 -1.71 2.26
N GLN A 104 -8.91 -2.34 2.20
CA GLN A 104 -10.20 -1.70 1.99
C GLN A 104 -10.44 -0.60 3.02
N GLU A 105 -10.19 -0.85 4.30
CA GLU A 105 -10.39 0.13 5.35
C GLU A 105 -9.56 1.40 5.07
N ALA A 106 -8.28 1.24 4.72
CA ALA A 106 -7.39 2.35 4.44
C ALA A 106 -7.92 3.22 3.30
N ILE A 107 -8.20 2.64 2.12
CA ILE A 107 -8.75 3.37 0.98
C ILE A 107 -10.12 3.99 1.32
N ASN A 108 -10.94 3.31 2.12
CA ASN A 108 -12.27 3.79 2.53
C ASN A 108 -12.19 4.78 3.69
N ASN A 109 -10.97 5.16 4.10
CA ASN A 109 -10.55 6.10 5.13
C ASN A 109 -10.37 5.49 6.50
N ASN A 110 -9.12 5.45 6.97
CA ASN A 110 -8.81 4.95 8.32
C ASN A 110 -9.37 6.02 9.26
N ARG A 111 -10.41 5.70 10.01
CA ARG A 111 -11.04 6.61 10.98
C ARG A 111 -10.38 6.36 12.35
N GLY A 112 -10.77 7.13 13.37
CA GLY A 112 -10.25 7.00 14.73
C GLY A 112 -9.11 7.94 15.09
N PHE A 113 -8.50 8.64 14.12
CA PHE A 113 -7.41 9.59 14.40
C PHE A 113 -7.90 10.70 15.31
N GLY A 114 -6.96 11.41 15.95
CA GLY A 114 -7.27 12.50 16.87
C GLY A 114 -7.92 11.98 18.15
#